data_1WG1
#
_entry.id   1WG1
#
_entity_poly.entity_id   1
_entity_poly.type   'polypeptide(L)'
_entity_poly.pdbx_seq_one_letter_code
;GSSGSSGILVKNLPQDSNCQEVHDLLKDYDLKYCYVDRNKRTAFVTLLNGEQAQNAIQMFHQYSFRGKDLIVQLQPTDAL
LCSGPSSG
;
_entity_poly.pdbx_strand_id   A
#
# COMPACT_ATOMS: atom_id res chain seq x y z
N GLY A 1 -0.57 -0.09 -22.64
CA GLY A 1 -0.42 0.43 -21.29
C GLY A 1 -1.71 1.03 -20.75
N SER A 2 -2.49 0.21 -20.05
CA SER A 2 -3.75 0.67 -19.49
C SER A 2 -3.75 0.52 -17.97
N SER A 3 -3.49 -0.70 -17.50
CA SER A 3 -3.46 -0.98 -16.07
C SER A 3 -2.29 -0.28 -15.40
N GLY A 4 -2.48 0.10 -14.14
CA GLY A 4 -1.42 0.78 -13.41
C GLY A 4 -1.05 0.06 -12.12
N SER A 5 -0.15 0.66 -11.35
CA SER A 5 0.28 0.07 -10.09
C SER A 5 -0.78 0.22 -9.01
N SER A 6 -1.77 -0.66 -9.03
CA SER A 6 -2.86 -0.61 -8.06
C SER A 6 -2.49 -1.39 -6.80
N GLY A 7 -1.74 -0.73 -5.91
CA GLY A 7 -1.33 -1.38 -4.67
C GLY A 7 -0.32 -0.55 -3.91
N ILE A 8 -0.31 -0.72 -2.59
CA ILE A 8 0.61 0.02 -1.73
C ILE A 8 1.15 -0.86 -0.61
N LEU A 9 2.30 -0.48 -0.07
CA LEU A 9 2.93 -1.24 1.01
C LEU A 9 2.84 -0.47 2.33
N VAL A 10 2.32 -1.15 3.35
CA VAL A 10 2.18 -0.55 4.67
C VAL A 10 3.35 -0.92 5.58
N LYS A 11 4.34 -0.02 5.66
CA LYS A 11 5.50 -0.26 6.50
C LYS A 11 5.44 0.58 7.76
N ASN A 12 6.35 0.30 8.69
CA ASN A 12 6.40 1.02 9.96
C ASN A 12 5.09 0.85 10.73
N LEU A 13 4.69 -0.39 10.93
CA LEU A 13 3.46 -0.70 11.65
C LEU A 13 3.75 -0.90 13.14
N PRO A 14 2.73 -0.63 13.98
CA PRO A 14 2.85 -0.78 15.43
C PRO A 14 2.93 -2.25 15.85
N GLN A 15 2.79 -2.49 17.16
CA GLN A 15 2.85 -3.85 17.69
C GLN A 15 1.49 -4.52 17.64
N ASP A 16 0.43 -3.70 17.72
CA ASP A 16 -0.93 -4.22 17.68
C ASP A 16 -1.58 -3.94 16.33
N SER A 17 -0.75 -3.78 15.30
CA SER A 17 -1.23 -3.51 13.95
C SER A 17 -2.01 -4.69 13.41
N ASN A 18 -3.11 -4.41 12.71
CA ASN A 18 -3.94 -5.46 12.13
C ASN A 18 -4.68 -4.94 10.90
N CYS A 19 -5.25 -5.87 10.13
CA CYS A 19 -5.99 -5.52 8.93
C CYS A 19 -7.22 -4.68 9.27
N GLN A 20 -8.04 -5.18 10.19
CA GLN A 20 -9.24 -4.48 10.60
C GLN A 20 -8.98 -2.99 10.75
N GLU A 21 -7.77 -2.64 11.16
CA GLU A 21 -7.39 -1.25 11.33
C GLU A 21 -7.05 -0.60 9.99
N VAL A 22 -6.28 -1.31 9.19
CA VAL A 22 -5.87 -0.80 7.88
C VAL A 22 -7.07 -0.59 6.97
N HIS A 23 -7.91 -1.63 6.85
CA HIS A 23 -9.10 -1.54 6.02
C HIS A 23 -9.86 -0.26 6.28
N ASP A 24 -10.23 -0.04 7.55
CA ASP A 24 -10.96 1.17 7.92
C ASP A 24 -10.19 2.42 7.56
N LEU A 25 -8.87 2.38 7.75
CA LEU A 25 -8.02 3.52 7.44
C LEU A 25 -8.17 3.93 5.98
N LEU A 26 -8.04 2.96 5.08
CA LEU A 26 -8.17 3.22 3.65
C LEU A 26 -9.61 3.03 3.18
N LYS A 27 -10.55 3.53 3.97
CA LYS A 27 -11.97 3.42 3.64
C LYS A 27 -12.29 4.18 2.36
N ASP A 28 -11.71 5.37 2.22
CA ASP A 28 -11.94 6.19 1.04
C ASP A 28 -11.72 5.38 -0.24
N TYR A 29 -10.68 4.56 -0.25
CA TYR A 29 -10.36 3.74 -1.41
C TYR A 29 -10.98 2.35 -1.27
N ASP A 30 -11.06 1.63 -2.39
CA ASP A 30 -11.63 0.29 -2.40
C ASP A 30 -10.54 -0.77 -2.28
N LEU A 31 -10.51 -1.46 -1.15
CA LEU A 31 -9.51 -2.50 -0.91
C LEU A 31 -9.97 -3.84 -1.49
N LYS A 32 -9.05 -4.57 -2.10
CA LYS A 32 -9.35 -5.86 -2.69
C LYS A 32 -8.80 -7.00 -1.83
N TYR A 33 -7.62 -6.78 -1.27
CA TYR A 33 -6.98 -7.78 -0.42
C TYR A 33 -6.02 -7.13 0.57
N CYS A 34 -5.86 -7.77 1.74
CA CYS A 34 -4.97 -7.25 2.77
C CYS A 34 -4.21 -8.38 3.45
N TYR A 35 -2.89 -8.24 3.53
CA TYR A 35 -2.04 -9.24 4.15
C TYR A 35 -1.09 -8.61 5.16
N VAL A 36 -1.45 -8.69 6.43
CA VAL A 36 -0.63 -8.13 7.49
C VAL A 36 0.47 -9.09 7.91
N ASP A 37 1.71 -8.60 7.94
CA ASP A 37 2.85 -9.41 8.32
C ASP A 37 3.54 -8.84 9.55
N ARG A 38 3.09 -9.27 10.74
CA ARG A 38 3.66 -8.80 11.99
C ARG A 38 5.17 -9.03 12.01
N ASN A 39 5.58 -10.24 11.66
CA ASN A 39 7.01 -10.59 11.65
C ASN A 39 7.83 -9.47 10.99
N LYS A 40 7.36 -8.98 9.86
CA LYS A 40 8.04 -7.93 9.14
C LYS A 40 7.26 -6.61 9.23
N ARG A 41 6.30 -6.56 10.14
CA ARG A 41 5.49 -5.37 10.32
C ARG A 41 5.17 -4.71 8.98
N THR A 42 4.62 -5.49 8.05
CA THR A 42 4.27 -4.99 6.74
C THR A 42 2.92 -5.53 6.28
N ALA A 43 2.07 -4.63 5.81
CA ALA A 43 0.74 -5.01 5.35
C ALA A 43 0.54 -4.64 3.88
N PHE A 44 0.40 -5.65 3.03
CA PHE A 44 0.21 -5.44 1.60
C PHE A 44 -1.26 -5.18 1.28
N VAL A 45 -1.55 -3.99 0.76
CA VAL A 45 -2.92 -3.63 0.41
C VAL A 45 -3.08 -3.47 -1.10
N THR A 46 -4.17 -4.02 -1.63
CA THR A 46 -4.43 -3.94 -3.06
C THR A 46 -5.61 -3.02 -3.35
N LEU A 47 -5.33 -1.78 -3.74
CA LEU A 47 -6.37 -0.81 -4.05
C LEU A 47 -7.07 -1.16 -5.35
N LEU A 48 -8.02 -0.31 -5.75
CA LEU A 48 -8.76 -0.54 -6.99
C LEU A 48 -7.93 -0.14 -8.20
N ASN A 49 -7.62 1.14 -8.30
CA ASN A 49 -6.82 1.65 -9.40
C ASN A 49 -5.48 2.18 -8.93
N GLY A 50 -4.56 2.40 -9.86
CA GLY A 50 -3.25 2.91 -9.51
C GLY A 50 -3.29 4.35 -9.06
N GLU A 51 -3.92 5.20 -9.84
CA GLU A 51 -4.03 6.62 -9.52
C GLU A 51 -4.36 6.81 -8.04
N GLN A 52 -5.31 6.03 -7.55
CA GLN A 52 -5.72 6.12 -6.15
C GLN A 52 -4.52 5.99 -5.22
N ALA A 53 -3.68 5.00 -5.48
CA ALA A 53 -2.50 4.77 -4.67
C ALA A 53 -1.53 5.96 -4.75
N GLN A 54 -1.12 6.29 -5.96
CA GLN A 54 -0.19 7.41 -6.17
C GLN A 54 -0.48 8.53 -5.18
N ASN A 55 -1.75 8.68 -4.83
CA ASN A 55 -2.16 9.74 -3.89
C ASN A 55 -2.24 9.19 -2.47
N ALA A 56 -3.05 8.16 -2.28
CA ALA A 56 -3.22 7.54 -0.97
C ALA A 56 -1.88 7.39 -0.26
N ILE A 57 -0.83 7.11 -1.04
CA ILE A 57 0.50 6.94 -0.48
C ILE A 57 0.91 8.14 0.37
N GLN A 58 1.09 9.28 -0.28
CA GLN A 58 1.48 10.50 0.43
C GLN A 58 0.35 10.99 1.33
N MET A 59 -0.87 10.91 0.84
CA MET A 59 -2.05 11.34 1.60
C MET A 59 -2.11 10.61 2.94
N PHE A 60 -1.53 9.41 2.99
CA PHE A 60 -1.53 8.61 4.21
C PHE A 60 -0.10 8.43 4.74
N HIS A 61 0.88 8.81 3.92
CA HIS A 61 2.27 8.68 4.30
C HIS A 61 2.54 9.35 5.65
N GLN A 62 3.35 8.71 6.47
CA GLN A 62 3.68 9.24 7.79
C GLN A 62 2.43 9.71 8.51
N TYR A 63 1.31 9.05 8.24
CA TYR A 63 0.03 9.41 8.86
C TYR A 63 0.07 9.15 10.36
N SER A 64 -0.83 9.80 11.09
CA SER A 64 -0.90 9.64 12.53
C SER A 64 -1.65 8.37 12.90
N PHE A 65 -0.92 7.40 13.43
CA PHE A 65 -1.51 6.13 13.84
C PHE A 65 -0.73 5.49 14.99
N ARG A 66 -1.34 5.47 16.16
CA ARG A 66 -0.70 4.91 17.35
C ARG A 66 0.61 5.61 17.65
N GLY A 67 0.61 6.93 17.53
CA GLY A 67 1.81 7.71 17.78
C GLY A 67 2.95 7.35 16.85
N LYS A 68 2.62 6.67 15.76
CA LYS A 68 3.61 6.27 14.77
C LYS A 68 3.37 6.96 13.44
N ASP A 69 4.31 6.82 12.51
CA ASP A 69 4.20 7.43 11.20
C ASP A 69 4.09 6.37 10.10
N LEU A 70 2.88 5.88 9.89
CA LEU A 70 2.64 4.85 8.88
C LEU A 70 3.30 5.22 7.56
N ILE A 71 4.26 4.41 7.14
CA ILE A 71 4.97 4.65 5.88
C ILE A 71 4.33 3.89 4.73
N VAL A 72 3.83 4.64 3.75
CA VAL A 72 3.19 4.03 2.59
C VAL A 72 4.07 4.15 1.35
N GLN A 73 4.25 3.04 0.65
CA GLN A 73 5.07 3.01 -0.55
C GLN A 73 4.34 2.30 -1.69
N LEU A 74 4.97 2.28 -2.87
CA LEU A 74 4.39 1.64 -4.04
C LEU A 74 4.68 0.14 -4.03
N GLN A 75 3.96 -0.59 -4.87
CA GLN A 75 4.15 -2.04 -4.97
C GLN A 75 5.31 -2.38 -5.90
N PRO A 76 5.85 -3.60 -5.74
CA PRO A 76 6.97 -4.08 -6.55
C PRO A 76 6.57 -4.34 -8.01
N THR A 77 5.28 -4.61 -8.22
CA THR A 77 4.76 -4.88 -9.55
C THR A 77 5.50 -4.04 -10.60
N ASP A 78 6.51 -4.65 -11.23
CA ASP A 78 7.29 -3.96 -12.25
C ASP A 78 7.31 -4.77 -13.55
N ALA A 79 7.65 -4.10 -14.65
CA ALA A 79 7.72 -4.77 -15.95
C ALA A 79 9.15 -5.16 -16.29
N LEU A 80 9.92 -5.51 -15.27
CA LEU A 80 11.31 -5.92 -15.47
C LEU A 80 12.04 -4.95 -16.39
N LEU A 81 11.93 -3.65 -16.09
CA LEU A 81 12.57 -2.62 -16.89
C LEU A 81 13.89 -2.18 -16.24
N CYS A 82 14.96 -2.92 -16.52
CA CYS A 82 16.27 -2.60 -15.97
C CYS A 82 16.65 -1.15 -16.27
N SER A 83 16.45 -0.74 -17.51
CA SER A 83 16.77 0.63 -17.93
C SER A 83 15.76 1.14 -18.93
N GLY A 84 15.90 2.41 -19.32
CA GLY A 84 14.98 3.00 -20.28
C GLY A 84 15.60 4.18 -21.01
N PRO A 85 16.62 3.90 -21.84
CA PRO A 85 17.31 4.94 -22.61
C PRO A 85 16.44 5.51 -23.72
N SER A 86 15.39 4.78 -24.08
CA SER A 86 14.48 5.22 -25.13
C SER A 86 14.18 6.71 -25.01
N SER A 87 14.77 7.50 -25.89
CA SER A 87 14.57 8.96 -25.86
C SER A 87 14.70 9.50 -24.45
N GLY A 88 15.70 9.02 -23.73
CA GLY A 88 15.91 9.47 -22.36
C GLY A 88 16.89 10.63 -22.28
N GLY A 1 -0.03 0.95 -23.51
CA GLY A 1 -0.78 1.68 -22.50
C GLY A 1 -0.26 1.43 -21.10
N SER A 2 1.06 1.52 -20.94
CA SER A 2 1.69 1.30 -19.65
C SER A 2 1.39 2.45 -18.69
N SER A 3 0.83 2.12 -17.54
CA SER A 3 0.49 3.13 -16.53
C SER A 3 0.70 2.59 -15.12
N GLY A 4 0.53 3.45 -14.13
CA GLY A 4 0.72 3.06 -12.75
C GLY A 4 -0.18 1.89 -12.37
N SER A 5 0.37 0.95 -11.61
CA SER A 5 -0.39 -0.21 -11.17
C SER A 5 -0.76 -0.10 -9.70
N SER A 6 -1.95 -0.58 -9.35
CA SER A 6 -2.43 -0.53 -7.98
C SER A 6 -1.56 -1.39 -7.07
N GLY A 7 -1.67 -1.16 -5.76
CA GLY A 7 -0.89 -1.93 -4.80
C GLY A 7 0.09 -1.07 -4.04
N ILE A 8 -0.09 -1.00 -2.72
CA ILE A 8 0.78 -0.20 -1.87
C ILE A 8 1.30 -1.02 -0.70
N LEU A 9 2.50 -0.67 -0.23
CA LEU A 9 3.12 -1.38 0.89
C LEU A 9 3.04 -0.54 2.16
N VAL A 10 2.63 -1.17 3.25
CA VAL A 10 2.52 -0.49 4.54
C VAL A 10 3.68 -0.84 5.45
N LYS A 11 4.70 0.02 5.45
CA LYS A 11 5.88 -0.20 6.29
C LYS A 11 5.83 0.66 7.54
N ASN A 12 6.55 0.24 8.57
CA ASN A 12 6.59 0.99 9.83
C ASN A 12 5.29 0.80 10.60
N LEU A 13 4.89 -0.45 10.80
CA LEU A 13 3.66 -0.76 11.52
C LEU A 13 3.96 -0.99 13.01
N PRO A 14 2.95 -0.75 13.86
CA PRO A 14 3.07 -0.94 15.31
C PRO A 14 3.18 -2.40 15.70
N GLN A 15 3.00 -2.68 16.99
CA GLN A 15 3.08 -4.05 17.49
C GLN A 15 1.71 -4.69 17.50
N ASP A 16 0.68 -3.89 17.25
CA ASP A 16 -0.69 -4.40 17.24
C ASP A 16 -1.36 -4.13 15.89
N SER A 17 -0.54 -3.96 14.86
CA SER A 17 -1.04 -3.69 13.52
C SER A 17 -1.97 -4.81 13.06
N ASN A 18 -3.08 -4.44 12.42
CA ASN A 18 -4.05 -5.41 11.92
C ASN A 18 -4.76 -4.87 10.69
N CYS A 19 -5.39 -5.77 9.94
CA CYS A 19 -6.12 -5.40 8.73
C CYS A 19 -7.29 -4.47 9.07
N GLN A 20 -8.18 -4.94 9.93
CA GLN A 20 -9.35 -4.17 10.33
C GLN A 20 -8.97 -2.69 10.49
N GLU A 21 -7.79 -2.43 11.01
CA GLU A 21 -7.32 -1.07 11.22
C GLU A 21 -7.10 -0.36 9.88
N VAL A 22 -6.26 -0.96 9.03
CA VAL A 22 -5.96 -0.38 7.73
C VAL A 22 -7.22 -0.27 6.89
N HIS A 23 -7.97 -1.37 6.77
CA HIS A 23 -9.21 -1.38 5.99
C HIS A 23 -10.01 -0.11 6.23
N ASP A 24 -10.42 0.10 7.48
CA ASP A 24 -11.20 1.28 7.84
C ASP A 24 -10.43 2.56 7.55
N LEU A 25 -9.13 2.52 7.80
CA LEU A 25 -8.26 3.67 7.57
C LEU A 25 -8.40 4.18 6.14
N LEU A 26 -8.31 3.25 5.18
CA LEU A 26 -8.42 3.60 3.77
C LEU A 26 -9.83 3.33 3.26
N LYS A 27 -10.83 3.67 4.06
CA LYS A 27 -12.22 3.46 3.69
C LYS A 27 -12.56 4.22 2.41
N ASP A 28 -12.02 5.43 2.28
CA ASP A 28 -12.26 6.25 1.10
C ASP A 28 -12.01 5.46 -0.17
N TYR A 29 -11.01 4.58 -0.14
CA TYR A 29 -10.67 3.77 -1.29
C TYR A 29 -11.24 2.36 -1.15
N ASP A 30 -11.24 1.61 -2.25
CA ASP A 30 -11.76 0.25 -2.25
C ASP A 30 -10.63 -0.77 -2.11
N LEU A 31 -10.68 -1.56 -1.04
CA LEU A 31 -9.67 -2.57 -0.79
C LEU A 31 -10.07 -3.91 -1.38
N LYS A 32 -9.15 -4.54 -2.10
CA LYS A 32 -9.40 -5.83 -2.72
C LYS A 32 -8.79 -6.96 -1.89
N TYR A 33 -7.58 -6.76 -1.40
CA TYR A 33 -6.89 -7.75 -0.60
C TYR A 33 -5.97 -7.09 0.42
N CYS A 34 -5.89 -7.68 1.60
CA CYS A 34 -5.04 -7.15 2.67
C CYS A 34 -4.29 -8.27 3.37
N TYR A 35 -3.01 -8.05 3.63
CA TYR A 35 -2.18 -9.05 4.30
C TYR A 35 -1.23 -8.39 5.29
N VAL A 36 -1.43 -8.67 6.58
CA VAL A 36 -0.59 -8.10 7.63
C VAL A 36 0.43 -9.12 8.12
N ASP A 37 1.69 -8.72 8.17
CA ASP A 37 2.77 -9.58 8.62
C ASP A 37 3.46 -8.99 9.84
N ARG A 38 2.96 -9.34 11.02
CA ARG A 38 3.54 -8.83 12.27
C ARG A 38 5.05 -9.06 12.29
N ASN A 39 5.48 -10.20 11.77
CA ASN A 39 6.90 -10.54 11.73
C ASN A 39 7.72 -9.40 11.13
N LYS A 40 7.37 -9.00 9.92
CA LYS A 40 8.06 -7.92 9.24
C LYS A 40 7.31 -6.60 9.40
N ARG A 41 6.34 -6.58 10.32
CA ARG A 41 5.56 -5.38 10.56
C ARG A 41 5.25 -4.65 9.27
N THR A 42 4.69 -5.37 8.31
CA THR A 42 4.34 -4.79 7.01
C THR A 42 2.99 -5.32 6.51
N ALA A 43 2.16 -4.42 6.00
CA ALA A 43 0.86 -4.80 5.49
C ALA A 43 0.74 -4.48 4.00
N PHE A 44 0.21 -5.44 3.24
CA PHE A 44 0.04 -5.27 1.80
C PHE A 44 -1.41 -4.98 1.45
N VAL A 45 -1.66 -3.80 0.87
CA VAL A 45 -3.00 -3.41 0.49
C VAL A 45 -3.11 -3.20 -1.01
N THR A 46 -4.12 -3.80 -1.63
CA THR A 46 -4.33 -3.69 -3.07
C THR A 46 -5.58 -2.87 -3.37
N LEU A 47 -5.39 -1.62 -3.77
CA LEU A 47 -6.51 -0.74 -4.09
C LEU A 47 -7.16 -1.15 -5.41
N LEU A 48 -8.18 -0.41 -5.81
CA LEU A 48 -8.89 -0.70 -7.06
C LEU A 48 -8.05 -0.30 -8.26
N ASN A 49 -7.70 0.98 -8.35
CA ASN A 49 -6.89 1.48 -9.45
C ASN A 49 -5.59 2.09 -8.95
N GLY A 50 -4.65 2.31 -9.86
CA GLY A 50 -3.37 2.89 -9.48
C GLY A 50 -3.49 4.37 -9.15
N GLU A 51 -4.11 5.13 -10.05
CA GLU A 51 -4.27 6.55 -9.85
C GLU A 51 -4.68 6.86 -8.41
N GLN A 52 -5.48 5.99 -7.82
CA GLN A 52 -5.93 6.16 -6.45
C GLN A 52 -4.80 5.92 -5.47
N ALA A 53 -3.93 4.96 -5.77
CA ALA A 53 -2.80 4.64 -4.92
C ALA A 53 -1.78 5.77 -4.91
N GLN A 54 -1.40 6.22 -6.10
CA GLN A 54 -0.43 7.30 -6.22
C GLN A 54 -0.69 8.40 -5.20
N ASN A 55 -1.95 8.55 -4.81
CA ASN A 55 -2.34 9.56 -3.84
C ASN A 55 -2.35 8.98 -2.43
N ALA A 56 -3.18 7.95 -2.23
CA ALA A 56 -3.29 7.30 -0.94
C ALA A 56 -1.93 7.18 -0.26
N ILE A 57 -0.88 7.02 -1.07
CA ILE A 57 0.47 6.89 -0.55
C ILE A 57 0.84 8.07 0.34
N GLN A 58 0.99 9.24 -0.27
CA GLN A 58 1.33 10.45 0.47
C GLN A 58 0.17 10.89 1.35
N MET A 59 -1.04 10.70 0.86
CA MET A 59 -2.25 11.08 1.61
C MET A 59 -2.30 10.38 2.95
N PHE A 60 -1.56 9.27 3.06
CA PHE A 60 -1.53 8.49 4.30
C PHE A 60 -0.09 8.30 4.77
N HIS A 61 0.86 8.74 3.96
CA HIS A 61 2.27 8.61 4.30
C HIS A 61 2.56 9.24 5.65
N GLN A 62 3.39 8.57 6.45
CA GLN A 62 3.75 9.07 7.78
C GLN A 62 2.54 9.64 8.48
N TYR A 63 1.43 8.91 8.45
CA TYR A 63 0.20 9.36 9.09
C TYR A 63 0.24 9.10 10.59
N SER A 64 -0.59 9.83 11.34
CA SER A 64 -0.66 9.67 12.79
C SER A 64 -1.46 8.43 13.16
N PHE A 65 -0.75 7.33 13.42
CA PHE A 65 -1.41 6.08 13.80
C PHE A 65 -0.81 5.52 15.08
N ARG A 66 -1.57 5.58 16.16
CA ARG A 66 -1.12 5.09 17.46
C ARG A 66 0.23 5.69 17.83
N GLY A 67 0.50 6.88 17.33
CA GLY A 67 1.76 7.55 17.62
C GLY A 67 2.82 7.24 16.58
N LYS A 68 2.63 6.15 15.84
CA LYS A 68 3.58 5.76 14.81
C LYS A 68 3.26 6.42 13.48
N ASP A 69 4.29 6.85 12.76
CA ASP A 69 4.10 7.50 11.47
C ASP A 69 4.15 6.48 10.34
N LEU A 70 3.09 5.70 10.22
CA LEU A 70 3.00 4.67 9.17
C LEU A 70 3.63 5.17 7.88
N ILE A 71 4.38 4.28 7.21
CA ILE A 71 5.03 4.63 5.96
C ILE A 71 4.38 3.92 4.78
N VAL A 72 3.89 4.70 3.82
CA VAL A 72 3.25 4.13 2.64
C VAL A 72 4.11 4.34 1.39
N GLN A 73 4.38 3.25 0.69
CA GLN A 73 5.19 3.32 -0.53
C GLN A 73 4.63 2.39 -1.60
N LEU A 74 5.12 2.55 -2.83
CA LEU A 74 4.67 1.72 -3.94
C LEU A 74 5.37 0.37 -3.93
N GLN A 75 4.75 -0.62 -4.57
CA GLN A 75 5.31 -1.96 -4.62
C GLN A 75 6.66 -1.96 -5.35
N PRO A 76 7.50 -2.95 -5.04
CA PRO A 76 8.83 -3.08 -5.66
C PRO A 76 8.75 -3.48 -7.12
N THR A 77 7.54 -3.82 -7.58
CA THR A 77 7.34 -4.22 -8.96
C THR A 77 8.25 -3.44 -9.90
N ASP A 78 9.15 -4.17 -10.57
CA ASP A 78 10.09 -3.55 -11.49
C ASP A 78 9.88 -4.08 -12.91
N ALA A 79 9.64 -3.16 -13.85
CA ALA A 79 9.42 -3.55 -15.24
C ALA A 79 9.70 -2.38 -16.18
N LEU A 80 10.66 -2.54 -17.07
CA LEU A 80 11.02 -1.50 -18.02
C LEU A 80 11.33 -2.09 -19.39
N LEU A 81 10.68 -1.54 -20.43
CA LEU A 81 10.89 -2.02 -21.79
C LEU A 81 11.73 -1.03 -22.59
N CYS A 82 12.99 -1.37 -22.83
CA CYS A 82 13.89 -0.50 -23.58
C CYS A 82 14.42 -1.23 -24.82
N SER A 83 15.06 -2.37 -24.60
CA SER A 83 15.62 -3.16 -25.71
C SER A 83 15.05 -4.56 -25.71
N GLY A 84 14.46 -4.96 -26.84
CA GLY A 84 13.88 -6.28 -26.96
C GLY A 84 13.23 -6.51 -28.31
N PRO A 85 12.58 -7.67 -28.47
CA PRO A 85 11.91 -8.03 -29.71
C PRO A 85 10.67 -7.18 -29.99
N SER A 86 10.05 -6.67 -28.91
CA SER A 86 8.87 -5.84 -29.03
C SER A 86 9.00 -4.87 -30.20
N SER A 87 8.12 -5.02 -31.19
CA SER A 87 8.14 -4.15 -32.37
C SER A 87 6.90 -4.39 -33.23
N GLY A 88 6.64 -3.45 -34.13
CA GLY A 88 5.49 -3.58 -35.01
C GLY A 88 4.26 -2.90 -34.45
N GLY A 1 -3.85 0.21 -19.65
CA GLY A 1 -4.77 0.95 -18.80
C GLY A 1 -4.07 2.01 -17.98
N SER A 2 -4.03 1.80 -16.66
CA SER A 2 -3.40 2.75 -15.76
C SER A 2 -1.96 3.03 -16.18
N SER A 3 -1.43 4.17 -15.75
CA SER A 3 -0.06 4.55 -16.09
C SER A 3 0.91 4.08 -15.02
N GLY A 4 0.70 4.54 -13.79
CA GLY A 4 1.56 4.16 -12.69
C GLY A 4 1.48 2.68 -12.37
N SER A 5 1.27 2.37 -11.10
CA SER A 5 1.17 0.98 -10.65
C SER A 5 0.37 0.87 -9.36
N SER A 6 -0.69 0.08 -9.40
CA SER A 6 -1.54 -0.10 -8.22
C SER A 6 -0.84 -0.95 -7.16
N GLY A 7 -1.34 -0.88 -5.94
CA GLY A 7 -0.74 -1.65 -4.85
C GLY A 7 0.17 -0.80 -3.99
N ILE A 8 -0.13 -0.75 -2.69
CA ILE A 8 0.68 0.02 -1.76
C ILE A 8 1.09 -0.83 -0.55
N LEU A 9 2.24 -0.50 0.03
CA LEU A 9 2.75 -1.23 1.19
C LEU A 9 2.59 -0.40 2.46
N VAL A 10 2.21 -1.05 3.55
CA VAL A 10 2.04 -0.38 4.83
C VAL A 10 3.14 -0.75 5.81
N LYS A 11 4.27 -0.04 5.72
CA LYS A 11 5.40 -0.29 6.59
C LYS A 11 5.32 0.56 7.85
N ASN A 12 6.29 0.40 8.74
CA ASN A 12 6.31 1.15 9.99
C ASN A 12 5.08 0.87 10.83
N LEU A 13 4.73 -0.41 10.95
CA LEU A 13 3.57 -0.82 11.73
C LEU A 13 3.95 -1.06 13.19
N PRO A 14 2.98 -0.87 14.09
CA PRO A 14 3.19 -1.06 15.53
C PRO A 14 3.38 -2.52 15.90
N GLN A 15 3.25 -2.83 17.18
CA GLN A 15 3.41 -4.19 17.67
C GLN A 15 2.07 -4.92 17.72
N ASP A 16 0.99 -4.15 17.65
CA ASP A 16 -0.35 -4.72 17.70
C ASP A 16 -1.14 -4.35 16.43
N SER A 17 -0.42 -4.26 15.31
CA SER A 17 -1.05 -3.91 14.04
C SER A 17 -2.04 -4.99 13.61
N ASN A 18 -3.07 -4.57 12.87
CA ASN A 18 -4.09 -5.50 12.40
C ASN A 18 -4.80 -4.95 11.17
N CYS A 19 -5.42 -5.83 10.40
CA CYS A 19 -6.13 -5.43 9.19
C CYS A 19 -7.37 -4.62 9.54
N GLN A 20 -8.31 -5.25 10.24
CA GLN A 20 -9.54 -4.58 10.64
C GLN A 20 -9.30 -3.10 10.93
N GLU A 21 -8.13 -2.81 11.51
CA GLU A 21 -7.77 -1.44 11.84
C GLU A 21 -7.56 -0.60 10.58
N VAL A 22 -6.65 -1.05 9.73
CA VAL A 22 -6.35 -0.35 8.48
C VAL A 22 -7.56 -0.34 7.56
N HIS A 23 -8.10 -1.53 7.29
CA HIS A 23 -9.26 -1.67 6.42
C HIS A 23 -10.20 -0.47 6.57
N ASP A 24 -10.58 -0.18 7.81
CA ASP A 24 -11.47 0.93 8.09
C ASP A 24 -10.80 2.26 7.78
N LEU A 25 -9.53 2.37 8.14
CA LEU A 25 -8.77 3.59 7.89
C LEU A 25 -8.81 3.97 6.42
N LEU A 26 -8.60 2.99 5.55
CA LEU A 26 -8.62 3.22 4.11
C LEU A 26 -9.97 2.84 3.51
N LYS A 27 -11.05 3.32 4.13
CA LYS A 27 -12.39 3.02 3.67
C LYS A 27 -12.69 3.76 2.37
N ASP A 28 -12.23 5.00 2.28
CA ASP A 28 -12.44 5.82 1.08
C ASP A 28 -12.00 5.07 -0.17
N TYR A 29 -10.81 4.46 -0.10
CA TYR A 29 -10.28 3.72 -1.24
C TYR A 29 -10.81 2.28 -1.25
N ASP A 30 -10.95 1.72 -2.44
CA ASP A 30 -11.44 0.36 -2.59
C ASP A 30 -10.32 -0.65 -2.38
N LEU A 31 -10.51 -1.55 -1.42
CA LEU A 31 -9.52 -2.58 -1.12
C LEU A 31 -9.82 -3.87 -1.88
N LYS A 32 -8.76 -4.61 -2.23
CA LYS A 32 -8.92 -5.86 -2.96
C LYS A 32 -8.30 -7.02 -2.17
N TYR A 33 -7.18 -6.74 -1.52
CA TYR A 33 -6.49 -7.77 -0.73
C TYR A 33 -5.68 -7.12 0.40
N CYS A 34 -5.95 -7.57 1.63
CA CYS A 34 -5.25 -7.04 2.79
C CYS A 34 -4.51 -8.15 3.53
N TYR A 35 -3.19 -7.99 3.66
CA TYR A 35 -2.37 -8.98 4.34
C TYR A 35 -1.40 -8.32 5.30
N VAL A 36 -1.67 -8.45 6.60
CA VAL A 36 -0.82 -7.87 7.62
C VAL A 36 0.30 -8.82 8.02
N ASP A 37 1.54 -8.31 7.99
CA ASP A 37 2.70 -9.12 8.34
C ASP A 37 3.42 -8.52 9.55
N ARG A 38 3.02 -8.95 10.74
CA ARG A 38 3.63 -8.46 11.96
C ARG A 38 5.13 -8.73 11.98
N ASN A 39 5.51 -9.94 11.57
CA ASN A 39 6.93 -10.32 11.53
C ASN A 39 7.74 -9.31 10.73
N LYS A 40 7.16 -8.82 9.64
CA LYS A 40 7.83 -7.85 8.79
C LYS A 40 7.17 -6.47 8.90
N ARG A 41 6.29 -6.32 9.89
CA ARG A 41 5.58 -5.06 10.10
C ARG A 41 5.25 -4.39 8.77
N THR A 42 4.58 -5.14 7.89
CA THR A 42 4.20 -4.62 6.58
C THR A 42 2.86 -5.18 6.14
N ALA A 43 1.91 -4.29 5.85
CA ALA A 43 0.59 -4.70 5.42
C ALA A 43 0.40 -4.44 3.92
N PHE A 44 0.12 -5.50 3.18
CA PHE A 44 -0.07 -5.40 1.74
C PHE A 44 -1.52 -5.05 1.41
N VAL A 45 -1.73 -3.86 0.85
CA VAL A 45 -3.06 -3.41 0.49
C VAL A 45 -3.18 -3.14 -1.02
N THR A 46 -3.90 -4.00 -1.72
CA THR A 46 -4.08 -3.84 -3.16
C THR A 46 -5.25 -2.92 -3.47
N LEU A 47 -4.94 -1.71 -3.93
CA LEU A 47 -5.95 -0.73 -4.27
C LEU A 47 -6.65 -1.10 -5.59
N LEU A 48 -7.71 -0.36 -5.92
CA LEU A 48 -8.46 -0.61 -7.14
C LEU A 48 -7.65 -0.17 -8.36
N ASN A 49 -7.43 1.13 -8.49
CA ASN A 49 -6.68 1.68 -9.61
C ASN A 49 -5.37 2.30 -9.13
N GLY A 50 -4.46 2.55 -10.08
CA GLY A 50 -3.18 3.15 -9.74
C GLY A 50 -3.32 4.55 -9.20
N GLU A 51 -3.92 5.44 -9.99
CA GLU A 51 -4.11 6.83 -9.58
C GLU A 51 -4.39 6.92 -8.09
N GLN A 52 -5.34 6.11 -7.61
CA GLN A 52 -5.70 6.10 -6.19
C GLN A 52 -4.47 5.93 -5.32
N ALA A 53 -3.60 4.99 -5.70
CA ALA A 53 -2.38 4.73 -4.96
C ALA A 53 -1.42 5.91 -5.01
N GLN A 54 -1.03 6.28 -6.22
CA GLN A 54 -0.11 7.41 -6.40
C GLN A 54 -0.39 8.51 -5.38
N ASN A 55 -1.65 8.65 -5.00
CA ASN A 55 -2.04 9.67 -4.03
C ASN A 55 -2.12 9.08 -2.63
N ALA A 56 -3.02 8.12 -2.45
CA ALA A 56 -3.19 7.48 -1.14
C ALA A 56 -1.85 7.28 -0.45
N ILE A 57 -0.79 7.13 -1.24
CA ILE A 57 0.55 6.94 -0.70
C ILE A 57 0.99 8.15 0.11
N GLN A 58 1.32 9.24 -0.58
CA GLN A 58 1.76 10.46 0.08
C GLN A 58 0.66 11.04 0.95
N MET A 59 -0.57 10.98 0.44
CA MET A 59 -1.72 11.51 1.17
C MET A 59 -1.77 10.94 2.59
N PHE A 60 -1.44 9.66 2.71
CA PHE A 60 -1.44 8.99 4.01
C PHE A 60 -0.03 8.88 4.57
N HIS A 61 0.96 9.06 3.70
CA HIS A 61 2.35 8.97 4.10
C HIS A 61 2.62 9.83 5.34
N GLN A 62 3.31 9.25 6.32
CA GLN A 62 3.63 9.97 7.55
C GLN A 62 2.35 10.37 8.29
N TYR A 63 1.37 9.48 8.29
CA TYR A 63 0.11 9.74 8.97
C TYR A 63 0.16 9.28 10.42
N SER A 64 -0.72 9.86 11.24
CA SER A 64 -0.77 9.51 12.66
C SER A 64 -1.45 8.15 12.86
N PHE A 65 -0.70 7.21 13.45
CA PHE A 65 -1.23 5.88 13.70
C PHE A 65 -0.55 5.24 14.91
N ARG A 66 -1.29 5.11 16.00
CA ARG A 66 -0.75 4.51 17.22
C ARG A 66 0.54 5.22 17.64
N GLY A 67 0.67 6.48 17.25
CA GLY A 67 1.86 7.24 17.60
C GLY A 67 2.95 7.10 16.57
N LYS A 68 2.83 6.10 15.70
CA LYS A 68 3.82 5.85 14.66
C LYS A 68 3.42 6.55 13.36
N ASP A 69 4.41 6.83 12.52
CA ASP A 69 4.16 7.48 11.24
C ASP A 69 4.12 6.46 10.11
N LEU A 70 2.98 5.79 9.96
CA LEU A 70 2.81 4.79 8.92
C LEU A 70 3.56 5.19 7.65
N ILE A 71 4.31 4.25 7.09
CA ILE A 71 5.05 4.51 5.87
C ILE A 71 4.42 3.82 4.67
N VAL A 72 3.74 4.59 3.82
CA VAL A 72 3.09 4.05 2.65
C VAL A 72 3.99 4.14 1.43
N GLN A 73 4.14 3.03 0.71
CA GLN A 73 4.99 3.00 -0.47
C GLN A 73 4.35 2.15 -1.57
N LEU A 74 5.04 2.03 -2.70
CA LEU A 74 4.53 1.25 -3.83
C LEU A 74 4.71 -0.24 -3.58
N GLN A 75 4.01 -1.05 -4.39
CA GLN A 75 4.10 -2.50 -4.25
C GLN A 75 4.92 -3.10 -5.40
N PRO A 76 5.44 -4.32 -5.18
CA PRO A 76 6.24 -5.03 -6.18
C PRO A 76 5.41 -5.49 -7.36
N THR A 77 5.86 -5.15 -8.56
CA THR A 77 5.16 -5.52 -9.78
C THR A 77 6.13 -6.04 -10.84
N ASP A 78 5.95 -7.29 -11.24
CA ASP A 78 6.81 -7.90 -12.25
C ASP A 78 6.42 -7.44 -13.66
N ALA A 79 7.17 -6.49 -14.19
CA ALA A 79 6.91 -5.97 -15.53
C ALA A 79 6.91 -7.08 -16.57
N LEU A 80 6.66 -6.72 -17.82
CA LEU A 80 6.64 -7.69 -18.91
C LEU A 80 7.75 -7.41 -19.91
N LEU A 81 8.70 -8.34 -20.01
CA LEU A 81 9.83 -8.19 -20.92
C LEU A 81 10.31 -6.75 -20.98
N CYS A 82 10.31 -6.10 -19.82
CA CYS A 82 10.75 -4.71 -19.73
C CYS A 82 11.50 -4.45 -18.44
N SER A 83 12.82 -4.30 -18.54
CA SER A 83 13.66 -4.06 -17.37
C SER A 83 14.69 -2.98 -17.65
N GLY A 84 14.84 -2.04 -16.72
CA GLY A 84 15.79 -0.96 -16.88
C GLY A 84 15.79 -0.41 -18.29
N PRO A 85 14.70 0.28 -18.66
CA PRO A 85 14.55 0.88 -19.99
C PRO A 85 15.48 2.07 -20.19
N SER A 86 16.15 2.10 -21.34
CA SER A 86 17.09 3.18 -21.65
C SER A 86 16.33 4.48 -21.89
N SER A 87 17.08 5.58 -21.94
CA SER A 87 16.48 6.89 -22.16
C SER A 87 15.65 6.92 -23.44
N GLY A 88 16.29 6.59 -24.56
CA GLY A 88 15.60 6.58 -25.83
C GLY A 88 16.49 7.04 -26.97
N GLY A 1 -1.85 -7.22 -17.14
CA GLY A 1 -0.46 -6.87 -17.37
C GLY A 1 0.01 -5.75 -16.46
N SER A 2 0.52 -4.68 -17.08
CA SER A 2 1.02 -3.53 -16.31
C SER A 2 0.10 -2.33 -16.50
N SER A 3 -1.21 -2.58 -16.46
CA SER A 3 -2.19 -1.51 -16.63
C SER A 3 -2.60 -0.94 -15.27
N GLY A 4 -2.05 0.23 -14.94
CA GLY A 4 -2.37 0.86 -13.68
C GLY A 4 -1.79 0.12 -12.49
N SER A 5 -0.69 0.63 -11.96
CA SER A 5 -0.03 0.00 -10.81
C SER A 5 -0.85 0.19 -9.54
N SER A 6 -1.83 -0.69 -9.35
CA SER A 6 -2.69 -0.62 -8.17
C SER A 6 -2.12 -1.46 -7.02
N GLY A 7 -1.70 -0.78 -5.96
CA GLY A 7 -1.14 -1.47 -4.81
C GLY A 7 -0.25 -0.58 -3.98
N ILE A 8 -0.32 -0.75 -2.66
CA ILE A 8 0.48 0.05 -1.74
C ILE A 8 1.05 -0.81 -0.62
N LEU A 9 2.19 -0.38 -0.08
CA LEU A 9 2.83 -1.12 1.02
C LEU A 9 2.68 -0.37 2.34
N VAL A 10 2.29 -1.11 3.38
CA VAL A 10 2.10 -0.52 4.69
C VAL A 10 3.26 -0.88 5.62
N LYS A 11 4.29 -0.03 5.66
CA LYS A 11 5.45 -0.25 6.51
C LYS A 11 5.39 0.61 7.75
N ASN A 12 6.17 0.24 8.76
CA ASN A 12 6.22 0.99 10.02
C ASN A 12 4.93 0.80 10.80
N LEU A 13 4.53 -0.46 11.00
CA LEU A 13 3.32 -0.78 11.74
C LEU A 13 3.62 -0.99 13.22
N PRO A 14 2.61 -0.77 14.07
CA PRO A 14 2.74 -0.93 15.52
C PRO A 14 2.90 -2.39 15.93
N GLN A 15 2.76 -2.65 17.23
CA GLN A 15 2.88 -4.01 17.74
C GLN A 15 1.55 -4.76 17.65
N ASP A 16 0.45 -4.02 17.75
CA ASP A 16 -0.88 -4.61 17.68
C ASP A 16 -1.54 -4.30 16.34
N SER A 17 -0.71 -4.14 15.31
CA SER A 17 -1.22 -3.84 13.97
C SER A 17 -2.10 -4.97 13.45
N ASN A 18 -3.18 -4.61 12.77
CA ASN A 18 -4.10 -5.59 12.22
C ASN A 18 -4.76 -5.07 10.95
N CYS A 19 -5.50 -5.94 10.27
CA CYS A 19 -6.19 -5.56 9.04
C CYS A 19 -7.37 -4.63 9.33
N GLN A 20 -8.32 -5.13 10.12
CA GLN A 20 -9.50 -4.34 10.47
C GLN A 20 -9.13 -2.88 10.70
N GLU A 21 -7.98 -2.66 11.33
CA GLU A 21 -7.51 -1.30 11.62
C GLU A 21 -7.24 -0.55 10.33
N VAL A 22 -6.50 -1.18 9.42
CA VAL A 22 -6.16 -0.56 8.15
C VAL A 22 -7.41 -0.36 7.29
N HIS A 23 -8.27 -1.37 7.27
CA HIS A 23 -9.49 -1.30 6.48
C HIS A 23 -10.21 0.03 6.71
N ASP A 24 -10.64 0.26 7.95
CA ASP A 24 -11.34 1.49 8.30
C ASP A 24 -10.54 2.71 7.85
N LEU A 25 -9.23 2.68 8.08
CA LEU A 25 -8.35 3.78 7.71
C LEU A 25 -8.47 4.08 6.23
N LEU A 26 -8.30 3.06 5.40
CA LEU A 26 -8.39 3.21 3.95
C LEU A 26 -9.80 2.91 3.45
N LYS A 27 -10.80 3.43 4.16
CA LYS A 27 -12.19 3.23 3.78
C LYS A 27 -12.51 3.90 2.45
N ASP A 28 -12.06 5.14 2.30
CA ASP A 28 -12.30 5.89 1.07
C ASP A 28 -12.05 5.01 -0.16
N TYR A 29 -10.89 4.37 -0.19
CA TYR A 29 -10.53 3.51 -1.31
C TYR A 29 -11.16 2.13 -1.15
N ASP A 30 -10.99 1.28 -2.17
CA ASP A 30 -11.53 -0.07 -2.14
C ASP A 30 -10.42 -1.11 -2.03
N LEU A 31 -10.27 -1.68 -0.85
CA LEU A 31 -9.23 -2.68 -0.60
C LEU A 31 -9.61 -4.02 -1.25
N LYS A 32 -8.69 -4.59 -2.00
CA LYS A 32 -8.91 -5.86 -2.66
C LYS A 32 -8.23 -7.00 -1.92
N TYR A 33 -6.98 -6.79 -1.53
CA TYR A 33 -6.21 -7.80 -0.80
C TYR A 33 -5.46 -7.17 0.36
N CYS A 34 -5.76 -7.62 1.58
CA CYS A 34 -5.10 -7.12 2.77
C CYS A 34 -4.40 -8.24 3.53
N TYR A 35 -3.08 -8.19 3.55
CA TYR A 35 -2.29 -9.21 4.24
C TYR A 35 -1.34 -8.57 5.25
N VAL A 36 -1.67 -8.70 6.53
CA VAL A 36 -0.84 -8.13 7.59
C VAL A 36 0.25 -9.10 8.01
N ASP A 37 1.49 -8.63 7.98
CA ASP A 37 2.63 -9.46 8.36
C ASP A 37 3.38 -8.84 9.54
N ARG A 38 2.97 -9.21 10.75
CA ARG A 38 3.60 -8.69 11.95
C ARG A 38 5.10 -9.00 11.96
N ASN A 39 5.45 -10.22 11.56
CA ASN A 39 6.84 -10.64 11.51
C ASN A 39 7.71 -9.57 10.87
N LYS A 40 7.22 -9.01 9.77
CA LYS A 40 7.96 -7.97 9.04
C LYS A 40 7.23 -6.63 9.13
N ARG A 41 6.27 -6.54 10.04
CA ARG A 41 5.50 -5.31 10.22
C ARG A 41 5.20 -4.67 8.87
N THR A 42 4.64 -5.45 7.96
CA THR A 42 4.30 -4.96 6.63
C THR A 42 2.95 -5.51 6.18
N ALA A 43 2.04 -4.60 5.81
CA ALA A 43 0.72 -4.99 5.35
C ALA A 43 0.52 -4.64 3.88
N PHE A 44 0.35 -5.65 3.04
CA PHE A 44 0.16 -5.44 1.62
C PHE A 44 -1.31 -5.13 1.31
N VAL A 45 -1.56 -3.94 0.77
CA VAL A 45 -2.91 -3.52 0.43
C VAL A 45 -3.03 -3.21 -1.06
N THR A 46 -3.87 -3.96 -1.74
CA THR A 46 -4.08 -3.77 -3.18
C THR A 46 -5.29 -2.88 -3.44
N LEU A 47 -5.04 -1.70 -3.99
CA LEU A 47 -6.11 -0.75 -4.29
C LEU A 47 -6.80 -1.11 -5.60
N LEU A 48 -7.93 -0.46 -5.88
CA LEU A 48 -8.67 -0.70 -7.10
C LEU A 48 -7.84 -0.35 -8.33
N ASN A 49 -7.47 0.93 -8.45
CA ASN A 49 -6.67 1.39 -9.57
C ASN A 49 -5.34 1.95 -9.09
N GLY A 50 -4.48 2.33 -10.05
CA GLY A 50 -3.19 2.87 -9.70
C GLY A 50 -3.26 4.31 -9.24
N GLU A 51 -3.94 5.15 -10.03
CA GLU A 51 -4.06 6.56 -9.69
C GLU A 51 -4.43 6.74 -8.22
N GLN A 52 -5.42 5.98 -7.77
CA GLN A 52 -5.87 6.05 -6.38
C GLN A 52 -4.69 5.93 -5.42
N ALA A 53 -3.77 5.02 -5.73
CA ALA A 53 -2.60 4.79 -4.91
C ALA A 53 -1.63 5.98 -4.98
N GLN A 54 -1.23 6.32 -6.20
CA GLN A 54 -0.31 7.44 -6.42
C GLN A 54 -0.57 8.55 -5.41
N ASN A 55 -1.83 8.71 -5.02
CA ASN A 55 -2.20 9.73 -4.06
C ASN A 55 -2.23 9.18 -2.63
N ALA A 56 -3.05 8.16 -2.42
CA ALA A 56 -3.16 7.54 -1.11
C ALA A 56 -1.80 7.39 -0.46
N ILE A 57 -0.80 7.03 -1.25
CA ILE A 57 0.56 6.85 -0.74
C ILE A 57 1.00 8.07 0.07
N GLN A 58 1.18 9.20 -0.61
CA GLN A 58 1.61 10.43 0.04
C GLN A 58 0.54 10.92 1.01
N MET A 59 -0.70 11.01 0.53
CA MET A 59 -1.80 11.47 1.35
C MET A 59 -1.79 10.79 2.72
N PHE A 60 -1.46 9.50 2.73
CA PHE A 60 -1.39 8.74 3.98
C PHE A 60 0.04 8.67 4.51
N HIS A 61 1.00 8.87 3.61
CA HIS A 61 2.42 8.82 3.98
C HIS A 61 2.67 9.68 5.22
N GLN A 62 3.40 9.11 6.18
CA GLN A 62 3.72 9.83 7.41
C GLN A 62 2.44 10.25 8.15
N TYR A 63 1.50 9.31 8.27
CA TYR A 63 0.24 9.58 8.94
C TYR A 63 0.32 9.19 10.42
N SER A 64 -0.42 9.92 11.25
CA SER A 64 -0.43 9.66 12.69
C SER A 64 -1.24 8.41 13.01
N PHE A 65 -0.58 7.43 13.62
CA PHE A 65 -1.23 6.18 13.97
C PHE A 65 -0.51 5.50 15.13
N ARG A 66 -1.19 5.35 16.26
CA ARG A 66 -0.62 4.72 17.44
C ARG A 66 0.67 5.41 17.84
N GLY A 67 0.78 6.70 17.52
CA GLY A 67 1.98 7.46 17.86
C GLY A 67 3.06 7.32 16.81
N LYS A 68 2.97 6.28 15.99
CA LYS A 68 3.95 6.05 14.94
C LYS A 68 3.52 6.72 13.64
N ASP A 69 4.43 6.73 12.67
CA ASP A 69 4.15 7.35 11.37
C ASP A 69 4.09 6.29 10.28
N LEU A 70 2.89 5.82 9.97
CA LEU A 70 2.69 4.81 8.94
C LEU A 70 3.39 5.22 7.65
N ILE A 71 4.34 4.39 7.21
CA ILE A 71 5.08 4.66 5.99
C ILE A 71 4.46 3.94 4.80
N VAL A 72 3.74 4.70 3.97
CA VAL A 72 3.09 4.13 2.80
C VAL A 72 3.96 4.31 1.56
N GLN A 73 4.12 3.23 0.79
CA GLN A 73 4.92 3.25 -0.42
C GLN A 73 4.23 2.49 -1.55
N LEU A 74 4.82 2.55 -2.74
CA LEU A 74 4.27 1.86 -3.90
C LEU A 74 4.98 0.53 -4.13
N GLN A 75 4.29 -0.40 -4.79
CA GLN A 75 4.85 -1.71 -5.07
C GLN A 75 5.82 -1.64 -6.26
N PRO A 76 6.89 -2.44 -6.19
CA PRO A 76 7.91 -2.48 -7.25
C PRO A 76 7.38 -3.13 -8.53
N THR A 77 6.19 -3.70 -8.45
CA THR A 77 5.57 -4.36 -9.59
C THR A 77 5.84 -3.59 -10.88
N ASP A 78 6.90 -3.99 -11.59
CA ASP A 78 7.26 -3.33 -12.84
C ASP A 78 7.52 -4.36 -13.93
N ALA A 79 6.51 -4.62 -14.75
CA ALA A 79 6.62 -5.59 -15.83
C ALA A 79 7.89 -5.35 -16.64
N LEU A 80 8.38 -6.40 -17.29
CA LEU A 80 9.60 -6.31 -18.09
C LEU A 80 9.28 -5.78 -19.49
N LEU A 81 8.04 -5.99 -19.93
CA LEU A 81 7.61 -5.53 -21.24
C LEU A 81 7.84 -4.03 -21.41
N CYS A 82 7.61 -3.53 -22.61
CA CYS A 82 7.78 -2.11 -22.89
C CYS A 82 6.66 -1.59 -23.79
N SER A 83 6.04 -0.50 -23.35
CA SER A 83 4.94 0.10 -24.11
C SER A 83 5.25 0.12 -25.60
N GLY A 84 6.45 0.59 -25.95
CA GLY A 84 6.85 0.65 -27.35
C GLY A 84 6.15 1.75 -28.10
N PRO A 85 6.86 2.36 -29.06
CA PRO A 85 6.31 3.45 -29.88
C PRO A 85 5.23 2.96 -30.85
N SER A 86 5.03 1.65 -30.89
CA SER A 86 4.03 1.06 -31.77
C SER A 86 2.92 0.39 -30.96
N SER A 87 1.84 0.02 -31.66
CA SER A 87 0.71 -0.63 -31.00
C SER A 87 -0.05 -1.51 -31.99
N GLY A 88 -0.60 -2.61 -31.49
CA GLY A 88 -1.36 -3.51 -32.33
C GLY A 88 -1.32 -4.94 -31.83
N GLY A 1 2.22 -2.52 -17.19
CA GLY A 1 0.94 -2.55 -17.86
C GLY A 1 0.26 -1.20 -17.88
N SER A 2 -1.06 -1.20 -17.82
CA SER A 2 -1.84 0.04 -17.85
C SER A 2 -1.19 1.09 -16.95
N SER A 3 -1.47 2.35 -17.23
CA SER A 3 -0.93 3.46 -16.45
C SER A 3 -1.41 3.39 -15.01
N GLY A 4 -0.53 3.80 -14.08
CA GLY A 4 -0.89 3.77 -12.67
C GLY A 4 -0.82 2.39 -12.08
N SER A 5 0.15 2.18 -11.18
CA SER A 5 0.32 0.89 -10.53
C SER A 5 -0.45 0.83 -9.22
N SER A 6 -1.44 -0.05 -9.17
CA SER A 6 -2.26 -0.21 -7.98
C SER A 6 -1.51 -0.98 -6.89
N GLY A 7 -1.74 -0.62 -5.64
CA GLY A 7 -1.08 -1.29 -4.54
C GLY A 7 -0.23 -0.34 -3.71
N ILE A 8 -0.11 -0.63 -2.42
CA ILE A 8 0.68 0.20 -1.53
C ILE A 8 1.29 -0.63 -0.40
N LEU A 9 2.41 -0.17 0.13
CA LEU A 9 3.10 -0.86 1.22
C LEU A 9 2.92 -0.12 2.54
N VAL A 10 2.52 -0.85 3.57
CA VAL A 10 2.32 -0.26 4.89
C VAL A 10 3.45 -0.65 5.85
N LYS A 11 4.53 0.14 5.84
CA LYS A 11 5.67 -0.12 6.72
C LYS A 11 5.59 0.71 7.99
N ASN A 12 6.31 0.29 9.02
CA ASN A 12 6.33 0.99 10.29
C ASN A 12 5.02 0.77 11.05
N LEU A 13 4.60 -0.49 11.14
CA LEU A 13 3.37 -0.84 11.83
C LEU A 13 3.66 -1.17 13.30
N PRO A 14 2.62 -1.03 14.15
CA PRO A 14 2.73 -1.31 15.58
C PRO A 14 2.90 -2.80 15.87
N GLN A 15 2.68 -3.18 17.13
CA GLN A 15 2.81 -4.58 17.53
C GLN A 15 1.45 -5.28 17.50
N ASP A 16 0.39 -4.51 17.68
CA ASP A 16 -0.97 -5.05 17.67
C ASP A 16 -1.71 -4.64 16.40
N SER A 17 -0.97 -4.46 15.31
CA SER A 17 -1.55 -4.07 14.04
C SER A 17 -2.52 -5.14 13.53
N ASN A 18 -3.43 -4.73 12.66
CA ASN A 18 -4.41 -5.65 12.10
C ASN A 18 -5.05 -5.07 10.83
N CYS A 19 -5.59 -5.94 10.00
CA CYS A 19 -6.23 -5.52 8.76
C CYS A 19 -7.50 -4.72 9.03
N GLN A 20 -8.43 -5.32 9.77
CA GLN A 20 -9.68 -4.66 10.11
C GLN A 20 -9.45 -3.20 10.48
N GLU A 21 -8.34 -2.94 11.16
CA GLU A 21 -8.01 -1.58 11.57
C GLU A 21 -7.63 -0.72 10.36
N VAL A 22 -6.78 -1.28 9.49
CA VAL A 22 -6.35 -0.56 8.29
C VAL A 22 -7.52 -0.32 7.34
N HIS A 23 -8.41 -1.29 7.26
CA HIS A 23 -9.57 -1.19 6.39
C HIS A 23 -10.29 0.14 6.59
N ASP A 24 -10.76 0.38 7.81
CA ASP A 24 -11.46 1.62 8.14
C ASP A 24 -10.64 2.83 7.72
N LEU A 25 -9.35 2.79 8.02
CA LEU A 25 -8.46 3.89 7.68
C LEU A 25 -8.51 4.20 6.19
N LEU A 26 -8.45 3.16 5.37
CA LEU A 26 -8.50 3.32 3.92
C LEU A 26 -9.89 2.99 3.38
N LYS A 27 -10.92 3.52 4.05
CA LYS A 27 -12.30 3.28 3.64
C LYS A 27 -12.62 4.04 2.36
N ASP A 28 -11.94 5.17 2.16
CA ASP A 28 -12.15 5.98 0.96
C ASP A 28 -11.89 5.17 -0.29
N TYR A 29 -10.86 4.33 -0.25
CA TYR A 29 -10.50 3.50 -1.39
C TYR A 29 -11.01 2.07 -1.21
N ASP A 30 -11.13 1.35 -2.32
CA ASP A 30 -11.61 -0.03 -2.29
C ASP A 30 -10.45 -1.00 -2.14
N LEU A 31 -10.44 -1.73 -1.03
CA LEU A 31 -9.37 -2.70 -0.76
C LEU A 31 -9.75 -4.08 -1.30
N LYS A 32 -8.87 -4.65 -2.12
CA LYS A 32 -9.11 -5.97 -2.70
C LYS A 32 -8.49 -7.06 -1.84
N TYR A 33 -7.19 -6.94 -1.58
CA TYR A 33 -6.48 -7.92 -0.76
C TYR A 33 -5.62 -7.23 0.29
N CYS A 34 -5.66 -7.75 1.51
CA CYS A 34 -4.88 -7.19 2.61
C CYS A 34 -4.15 -8.29 3.38
N TYR A 35 -2.85 -8.11 3.58
CA TYR A 35 -2.04 -9.08 4.30
C TYR A 35 -1.10 -8.39 5.28
N VAL A 36 -1.42 -8.49 6.56
CA VAL A 36 -0.60 -7.88 7.61
C VAL A 36 0.46 -8.85 8.11
N ASP A 37 1.72 -8.40 8.11
CA ASP A 37 2.82 -9.22 8.57
C ASP A 37 3.53 -8.58 9.76
N ARG A 38 3.07 -8.89 10.97
CA ARG A 38 3.66 -8.34 12.18
C ARG A 38 5.15 -8.62 12.24
N ASN A 39 5.53 -9.84 11.86
CA ASN A 39 6.93 -10.24 11.88
C ASN A 39 7.81 -9.19 11.22
N LYS A 40 7.35 -8.67 10.08
CA LYS A 40 8.09 -7.64 9.36
C LYS A 40 7.37 -6.30 9.44
N ARG A 41 6.41 -6.19 10.34
CA ARG A 41 5.65 -4.96 10.51
C ARG A 41 5.34 -4.32 9.17
N THR A 42 4.79 -5.12 8.25
CA THR A 42 4.43 -4.65 6.93
C THR A 42 3.12 -5.25 6.45
N ALA A 43 2.24 -4.41 5.92
CA ALA A 43 0.95 -4.87 5.42
C ALA A 43 0.76 -4.48 3.95
N PHE A 44 0.47 -5.47 3.12
CA PHE A 44 0.27 -5.25 1.70
C PHE A 44 -1.20 -4.95 1.40
N VAL A 45 -1.46 -3.79 0.81
CA VAL A 45 -2.82 -3.39 0.48
C VAL A 45 -2.98 -3.18 -1.02
N THR A 46 -3.96 -3.85 -1.61
CA THR A 46 -4.21 -3.74 -3.04
C THR A 46 -5.45 -2.88 -3.31
N LEU A 47 -5.23 -1.65 -3.73
CA LEU A 47 -6.33 -0.74 -4.02
C LEU A 47 -7.03 -1.13 -5.31
N LEU A 48 -8.08 -0.40 -5.66
CA LEU A 48 -8.85 -0.68 -6.87
C LEU A 48 -8.02 -0.39 -8.11
N ASN A 49 -7.62 0.86 -8.27
CA ASN A 49 -6.81 1.27 -9.42
C ASN A 49 -5.50 1.92 -8.97
N GLY A 50 -4.67 2.28 -9.93
CA GLY A 50 -3.39 2.90 -9.62
C GLY A 50 -3.54 4.36 -9.25
N GLU A 51 -4.11 5.15 -10.16
CA GLU A 51 -4.32 6.57 -9.93
C GLU A 51 -4.67 6.84 -8.46
N GLN A 52 -5.53 5.99 -7.90
CA GLN A 52 -5.96 6.14 -6.51
C GLN A 52 -4.77 5.98 -5.57
N ALA A 53 -3.93 4.98 -5.83
CA ALA A 53 -2.77 4.73 -5.00
C ALA A 53 -1.74 5.84 -5.14
N GLN A 54 -1.38 6.15 -6.38
CA GLN A 54 -0.40 7.21 -6.65
C GLN A 54 -0.55 8.35 -5.65
N ASN A 55 -1.78 8.61 -5.22
CA ASN A 55 -2.05 9.67 -4.27
C ASN A 55 -2.13 9.12 -2.85
N ALA A 56 -3.06 8.19 -2.64
CA ALA A 56 -3.25 7.58 -1.33
C ALA A 56 -1.91 7.29 -0.67
N ILE A 57 -0.88 7.07 -1.48
CA ILE A 57 0.45 6.78 -0.97
C ILE A 57 0.98 7.93 -0.14
N GLN A 58 1.23 9.06 -0.80
CA GLN A 58 1.75 10.24 -0.11
C GLN A 58 0.72 10.81 0.85
N MET A 59 -0.51 10.99 0.37
CA MET A 59 -1.58 11.52 1.21
C MET A 59 -1.54 10.91 2.60
N PHE A 60 -1.27 9.61 2.66
CA PHE A 60 -1.20 8.90 3.94
C PHE A 60 0.24 8.82 4.44
N HIS A 61 1.18 8.75 3.51
CA HIS A 61 2.59 8.67 3.85
C HIS A 61 2.92 9.55 5.04
N GLN A 62 3.53 8.97 6.06
CA GLN A 62 3.90 9.71 7.26
C GLN A 62 2.66 10.11 8.05
N TYR A 63 1.71 9.18 8.18
CA TYR A 63 0.49 9.44 8.90
C TYR A 63 0.62 9.01 10.36
N SER A 64 -0.08 9.72 11.24
CA SER A 64 -0.05 9.42 12.67
C SER A 64 -0.92 8.21 12.99
N PHE A 65 -0.29 7.17 13.55
CA PHE A 65 -1.01 5.95 13.91
C PHE A 65 -0.37 5.28 15.11
N ARG A 66 -1.14 5.14 16.19
CA ARG A 66 -0.64 4.51 17.41
C ARG A 66 0.70 5.11 17.83
N GLY A 67 0.92 6.37 17.43
CA GLY A 67 2.16 7.03 17.78
C GLY A 67 3.21 6.88 16.70
N LYS A 68 3.10 5.83 15.91
CA LYS A 68 4.06 5.57 14.84
C LYS A 68 3.61 6.23 13.54
N ASP A 69 4.58 6.59 12.70
CA ASP A 69 4.28 7.23 11.42
C ASP A 69 4.18 6.20 10.30
N LEU A 70 2.96 5.82 9.96
CA LEU A 70 2.72 4.84 8.90
C LEU A 70 3.39 5.27 7.60
N ILE A 71 4.28 4.44 7.10
CA ILE A 71 4.98 4.72 5.85
C ILE A 71 4.30 4.05 4.66
N VAL A 72 3.55 4.83 3.90
CA VAL A 72 2.85 4.32 2.73
C VAL A 72 3.67 4.54 1.46
N GLN A 73 3.94 3.44 0.75
CA GLN A 73 4.71 3.51 -0.49
C GLN A 73 4.05 2.67 -1.58
N LEU A 74 4.66 2.68 -2.76
CA LEU A 74 4.14 1.92 -3.90
C LEU A 74 4.82 0.56 -3.99
N GLN A 75 4.20 -0.35 -4.75
CA GLN A 75 4.74 -1.69 -4.91
C GLN A 75 5.26 -1.89 -6.34
N PRO A 76 6.38 -2.61 -6.46
CA PRO A 76 6.99 -2.90 -7.77
C PRO A 76 6.17 -3.85 -8.62
N THR A 77 5.38 -3.29 -9.53
CA THR A 77 4.54 -4.09 -10.40
C THR A 77 4.76 -3.72 -11.87
N ASP A 78 6.01 -3.48 -12.23
CA ASP A 78 6.37 -3.12 -13.60
C ASP A 78 6.10 -4.29 -14.55
N ALA A 79 6.73 -5.42 -14.27
CA ALA A 79 6.55 -6.61 -15.10
C ALA A 79 6.35 -7.86 -14.24
N LEU A 80 5.54 -8.79 -14.74
CA LEU A 80 5.25 -10.02 -14.01
C LEU A 80 6.41 -11.02 -14.17
N LEU A 81 7.08 -11.32 -13.07
CA LEU A 81 8.19 -12.27 -13.09
C LEU A 81 7.87 -13.47 -13.97
N CYS A 82 8.78 -13.79 -14.89
CA CYS A 82 8.60 -14.91 -15.79
C CYS A 82 9.90 -15.70 -15.95
N SER A 83 9.90 -16.92 -15.43
CA SER A 83 11.09 -17.77 -15.51
C SER A 83 11.25 -18.34 -16.92
N GLY A 84 10.25 -19.08 -17.37
CA GLY A 84 10.30 -19.67 -18.70
C GLY A 84 11.26 -20.84 -18.78
N PRO A 85 10.78 -22.03 -18.35
CA PRO A 85 11.59 -23.25 -18.37
C PRO A 85 11.87 -23.75 -19.78
N SER A 86 12.72 -24.76 -19.89
CA SER A 86 13.07 -25.33 -21.18
C SER A 86 12.76 -26.82 -21.23
N SER A 87 11.58 -27.18 -20.72
CA SER A 87 11.17 -28.58 -20.70
C SER A 87 9.65 -28.69 -20.75
N GLY A 88 9.14 -29.40 -21.76
CA GLY A 88 7.71 -29.57 -21.90
C GLY A 88 7.18 -28.98 -23.20
N GLY A 1 -5.96 -3.82 -19.91
CA GLY A 1 -6.06 -2.38 -19.96
C GLY A 1 -5.83 -1.73 -18.61
N SER A 2 -4.61 -1.80 -18.13
CA SER A 2 -4.25 -1.22 -16.83
C SER A 2 -3.61 0.15 -17.00
N SER A 3 -4.26 1.18 -16.47
CA SER A 3 -3.74 2.54 -16.57
C SER A 3 -2.29 2.61 -16.13
N GLY A 4 -2.02 2.12 -14.92
CA GLY A 4 -0.67 2.14 -14.39
C GLY A 4 -0.38 0.96 -13.50
N SER A 5 -0.33 1.20 -12.19
CA SER A 5 -0.07 0.14 -11.23
C SER A 5 -0.63 0.50 -9.86
N SER A 6 -1.33 -0.45 -9.25
CA SER A 6 -1.93 -0.23 -7.94
C SER A 6 -1.16 -0.97 -6.85
N GLY A 7 -1.55 -0.77 -5.60
CA GLY A 7 -0.88 -1.42 -4.49
C GLY A 7 -0.02 -0.47 -3.69
N ILE A 8 0.06 -0.70 -2.38
CA ILE A 8 0.85 0.15 -1.49
C ILE A 8 1.46 -0.67 -0.37
N LEU A 9 2.60 -0.19 0.15
CA LEU A 9 3.29 -0.87 1.24
C LEU A 9 3.08 -0.14 2.57
N VAL A 10 2.58 -0.86 3.56
CA VAL A 10 2.33 -0.28 4.88
C VAL A 10 3.42 -0.68 5.87
N LYS A 11 4.51 0.08 5.89
CA LYS A 11 5.62 -0.19 6.80
C LYS A 11 5.49 0.62 8.08
N ASN A 12 6.24 0.22 9.11
CA ASN A 12 6.21 0.92 10.38
C ASN A 12 4.92 0.61 11.15
N LEU A 13 4.47 -0.63 11.04
CA LEU A 13 3.25 -1.07 11.72
C LEU A 13 3.54 -1.41 13.18
N PRO A 14 2.53 -1.21 14.04
CA PRO A 14 2.64 -1.49 15.47
C PRO A 14 2.71 -2.99 15.76
N GLN A 15 2.51 -3.35 17.02
CA GLN A 15 2.55 -4.75 17.43
C GLN A 15 1.15 -5.35 17.44
N ASP A 16 0.14 -4.49 17.43
CA ASP A 16 -1.25 -4.93 17.45
C ASP A 16 -1.97 -4.51 16.17
N SER A 17 -1.23 -4.42 15.08
CA SER A 17 -1.80 -4.01 13.80
C SER A 17 -2.65 -5.13 13.21
N ASN A 18 -3.64 -4.74 12.40
CA ASN A 18 -4.53 -5.71 11.77
C ASN A 18 -5.24 -5.09 10.57
N CYS A 19 -5.79 -5.95 9.70
CA CYS A 19 -6.49 -5.49 8.51
C CYS A 19 -7.73 -4.70 8.90
N GLN A 20 -8.45 -5.18 9.91
CA GLN A 20 -9.66 -4.52 10.37
C GLN A 20 -9.41 -3.03 10.63
N GLU A 21 -8.21 -2.72 11.09
CA GLU A 21 -7.84 -1.34 11.38
C GLU A 21 -7.52 -0.57 10.10
N VAL A 22 -6.61 -1.12 9.30
CA VAL A 22 -6.23 -0.51 8.03
C VAL A 22 -7.44 -0.22 7.16
N HIS A 23 -8.23 -1.26 6.91
CA HIS A 23 -9.43 -1.12 6.08
C HIS A 23 -10.15 0.19 6.39
N ASP A 24 -10.42 0.43 7.66
CA ASP A 24 -11.11 1.65 8.08
C ASP A 24 -10.33 2.88 7.65
N LEU A 25 -9.03 2.88 7.89
CA LEU A 25 -8.17 4.00 7.51
C LEU A 25 -8.36 4.36 6.04
N LEU A 26 -8.37 3.35 5.19
CA LEU A 26 -8.54 3.56 3.75
C LEU A 26 -9.98 3.28 3.34
N LYS A 27 -10.92 3.76 4.13
CA LYS A 27 -12.34 3.56 3.84
C LYS A 27 -12.76 4.38 2.63
N ASP A 28 -11.82 5.15 2.08
CA ASP A 28 -12.10 5.97 0.90
C ASP A 28 -11.73 5.23 -0.39
N TYR A 29 -10.75 4.33 -0.29
CA TYR A 29 -10.31 3.56 -1.44
C TYR A 29 -10.81 2.13 -1.37
N ASP A 30 -10.96 1.49 -2.52
CA ASP A 30 -11.43 0.11 -2.59
C ASP A 30 -10.32 -0.87 -2.25
N LEU A 31 -10.58 -1.76 -1.31
CA LEU A 31 -9.60 -2.76 -0.89
C LEU A 31 -9.94 -4.13 -1.45
N LYS A 32 -9.05 -4.67 -2.28
CA LYS A 32 -9.25 -5.97 -2.88
C LYS A 32 -8.64 -7.07 -2.02
N TYR A 33 -7.42 -6.84 -1.54
CA TYR A 33 -6.73 -7.80 -0.70
C TYR A 33 -5.76 -7.11 0.25
N CYS A 34 -5.77 -7.53 1.51
CA CYS A 34 -4.90 -6.94 2.53
C CYS A 34 -4.15 -8.04 3.30
N TYR A 35 -2.83 -7.94 3.32
CA TYR A 35 -2.01 -8.91 4.02
C TYR A 35 -1.09 -8.23 5.02
N VAL A 36 -1.42 -8.36 6.30
CA VAL A 36 -0.61 -7.76 7.36
C VAL A 36 0.46 -8.71 7.85
N ASP A 37 1.69 -8.22 7.96
CA ASP A 37 2.80 -9.03 8.42
C ASP A 37 3.39 -8.46 9.71
N ARG A 38 2.92 -8.97 10.85
CA ARG A 38 3.40 -8.50 12.14
C ARG A 38 4.88 -8.83 12.32
N ASN A 39 5.34 -9.89 11.65
CA ASN A 39 6.73 -10.29 11.74
C ASN A 39 7.66 -9.16 11.33
N LYS A 40 7.40 -8.57 10.15
CA LYS A 40 8.21 -7.47 9.66
C LYS A 40 7.46 -6.15 9.75
N ARG A 41 6.28 -6.19 10.36
CA ARG A 41 5.46 -5.00 10.52
C ARG A 41 5.20 -4.33 9.18
N THR A 42 4.78 -5.12 8.19
CA THR A 42 4.50 -4.60 6.86
C THR A 42 3.22 -5.19 6.29
N ALA A 43 2.29 -4.33 5.90
CA ALA A 43 1.02 -4.76 5.34
C ALA A 43 0.87 -4.32 3.89
N PHE A 44 0.51 -5.26 3.02
CA PHE A 44 0.34 -4.97 1.60
C PHE A 44 -1.13 -4.75 1.27
N VAL A 45 -1.47 -3.51 0.91
CA VAL A 45 -2.84 -3.17 0.56
C VAL A 45 -3.01 -3.01 -0.95
N THR A 46 -3.80 -3.90 -1.55
CA THR A 46 -4.04 -3.86 -2.98
C THR A 46 -5.32 -3.11 -3.30
N LEU A 47 -5.18 -1.98 -4.00
CA LEU A 47 -6.34 -1.17 -4.38
C LEU A 47 -6.91 -1.62 -5.72
N LEU A 48 -7.95 -0.94 -6.18
CA LEU A 48 -8.59 -1.27 -7.45
C LEU A 48 -7.77 -0.73 -8.62
N ASN A 49 -7.67 0.59 -8.70
CA ASN A 49 -6.92 1.24 -9.77
C ASN A 49 -5.59 1.78 -9.25
N GLY A 50 -4.66 2.03 -10.17
CA GLY A 50 -3.36 2.55 -9.79
C GLY A 50 -3.41 4.00 -9.37
N GLU A 51 -4.22 4.79 -10.08
CA GLU A 51 -4.35 6.22 -9.77
C GLU A 51 -4.76 6.42 -8.32
N GLN A 52 -5.63 5.54 -7.82
CA GLN A 52 -6.11 5.62 -6.45
C GLN A 52 -4.94 5.57 -5.46
N ALA A 53 -3.98 4.70 -5.75
CA ALA A 53 -2.81 4.54 -4.89
C ALA A 53 -1.96 5.80 -4.90
N GLN A 54 -1.57 6.24 -6.10
CA GLN A 54 -0.75 7.43 -6.25
C GLN A 54 -1.12 8.49 -5.21
N ASN A 55 -2.40 8.52 -4.84
CA ASN A 55 -2.89 9.48 -3.87
C ASN A 55 -2.96 8.86 -2.48
N ALA A 56 -3.60 7.69 -2.39
CA ALA A 56 -3.73 6.99 -1.12
C ALA A 56 -2.41 6.95 -0.36
N ILE A 57 -1.31 7.10 -1.11
CA ILE A 57 0.02 7.07 -0.51
C ILE A 57 0.37 8.43 0.10
N GLN A 58 0.64 9.40 -0.76
CA GLN A 58 0.99 10.75 -0.30
C GLN A 58 -0.05 11.27 0.69
N MET A 59 -1.28 10.80 0.54
CA MET A 59 -2.37 11.22 1.42
C MET A 59 -2.17 10.68 2.84
N PHE A 60 -1.76 9.42 2.93
CA PHE A 60 -1.53 8.79 4.22
C PHE A 60 -0.05 8.44 4.41
N HIS A 61 0.81 9.18 3.72
CA HIS A 61 2.25 8.97 3.81
C HIS A 61 2.82 9.58 5.08
N GLN A 62 3.40 8.74 5.92
CA GLN A 62 3.99 9.20 7.18
C GLN A 62 2.92 9.76 8.11
N TYR A 63 1.81 9.04 8.23
CA TYR A 63 0.70 9.46 9.08
C TYR A 63 0.94 9.04 10.53
N SER A 64 0.36 9.78 11.46
CA SER A 64 0.51 9.49 12.88
C SER A 64 -0.42 8.34 13.30
N PHE A 65 0.18 7.22 13.65
CA PHE A 65 -0.58 6.04 14.08
C PHE A 65 -0.01 5.45 15.36
N ARG A 66 -0.71 5.68 16.46
CA ARG A 66 -0.27 5.16 17.76
C ARG A 66 1.17 5.57 18.05
N GLY A 67 1.55 6.74 17.56
CA GLY A 67 2.90 7.23 17.77
C GLY A 67 3.83 6.89 16.63
N LYS A 68 3.48 5.86 15.87
CA LYS A 68 4.29 5.42 14.74
C LYS A 68 3.90 6.18 13.47
N ASP A 69 4.89 6.63 12.72
CA ASP A 69 4.66 7.37 11.49
C ASP A 69 4.51 6.41 10.31
N LEU A 70 3.37 5.75 10.21
CA LEU A 70 3.11 4.81 9.13
C LEU A 70 3.75 5.29 7.84
N ILE A 71 4.64 4.46 7.29
CA ILE A 71 5.33 4.79 6.05
C ILE A 71 4.67 4.10 4.85
N VAL A 72 3.86 4.85 4.12
CA VAL A 72 3.17 4.31 2.96
C VAL A 72 3.98 4.55 1.68
N GLN A 73 4.23 3.48 0.93
CA GLN A 73 4.99 3.58 -0.31
C GLN A 73 4.35 2.74 -1.41
N LEU A 74 4.97 2.75 -2.59
CA LEU A 74 4.47 1.98 -3.72
C LEU A 74 4.91 0.52 -3.63
N GLN A 75 4.26 -0.34 -4.41
CA GLN A 75 4.59 -1.76 -4.41
C GLN A 75 5.73 -2.05 -5.38
N PRO A 76 6.46 -3.15 -5.14
CA PRO A 76 7.59 -3.55 -5.98
C PRO A 76 7.14 -4.04 -7.35
N THR A 77 7.16 -3.13 -8.33
CA THR A 77 6.77 -3.46 -9.69
C THR A 77 7.74 -2.86 -10.70
N ASP A 78 8.25 -3.72 -11.59
CA ASP A 78 9.19 -3.28 -12.62
C ASP A 78 8.47 -3.03 -13.93
N ALA A 79 7.76 -4.04 -14.43
CA ALA A 79 7.03 -3.92 -15.69
C ALA A 79 7.91 -3.31 -16.77
N LEU A 80 9.13 -3.82 -16.90
CA LEU A 80 10.07 -3.33 -17.91
C LEU A 80 9.55 -3.61 -19.32
N LEU A 81 9.54 -2.57 -20.15
CA LEU A 81 9.07 -2.71 -21.52
C LEU A 81 10.18 -3.23 -22.43
N CYS A 82 11.24 -2.42 -22.58
CA CYS A 82 12.37 -2.80 -23.42
C CYS A 82 13.41 -3.57 -22.61
N SER A 83 13.49 -4.88 -22.84
CA SER A 83 14.45 -5.72 -22.13
C SER A 83 15.75 -4.98 -21.90
N GLY A 84 16.30 -4.41 -22.96
CA GLY A 84 17.55 -3.68 -22.86
C GLY A 84 18.32 -3.65 -24.16
N PRO A 85 19.48 -2.97 -24.15
CA PRO A 85 20.33 -2.85 -25.34
C PRO A 85 20.99 -4.17 -25.71
N SER A 86 21.22 -4.37 -27.01
CA SER A 86 21.84 -5.59 -27.50
C SER A 86 23.00 -6.02 -26.59
N SER A 87 23.89 -5.08 -26.30
CA SER A 87 25.04 -5.35 -25.46
C SER A 87 24.71 -5.09 -23.99
N GLY A 88 25.61 -5.50 -23.11
CA GLY A 88 25.39 -5.30 -21.68
C GLY A 88 26.26 -4.21 -21.11
N GLY A 1 0.33 5.23 -22.59
CA GLY A 1 -0.86 4.61 -22.02
C GLY A 1 -1.19 5.16 -20.64
N SER A 2 -2.20 4.59 -20.01
CA SER A 2 -2.62 5.03 -18.69
C SER A 2 -2.01 4.13 -17.61
N SER A 3 -1.19 4.73 -16.74
CA SER A 3 -0.54 4.00 -15.67
C SER A 3 -1.56 3.43 -14.70
N GLY A 4 -1.47 2.13 -14.44
CA GLY A 4 -2.40 1.49 -13.53
C GLY A 4 -1.69 0.61 -12.51
N SER A 5 -0.89 1.24 -11.66
CA SER A 5 -0.15 0.51 -10.62
C SER A 5 -0.93 0.48 -9.31
N SER A 6 -1.77 -0.54 -9.15
CA SER A 6 -2.57 -0.67 -7.94
C SER A 6 -1.87 -1.55 -6.92
N GLY A 7 -1.81 -1.07 -5.68
CA GLY A 7 -1.17 -1.82 -4.62
C GLY A 7 -0.13 -1.01 -3.88
N ILE A 8 -0.30 -0.86 -2.58
CA ILE A 8 0.63 -0.09 -1.76
C ILE A 8 1.17 -0.94 -0.62
N LEU A 9 2.33 -0.53 -0.09
CA LEU A 9 2.96 -1.24 1.02
C LEU A 9 2.87 -0.44 2.31
N VAL A 10 2.49 -1.10 3.39
CA VAL A 10 2.37 -0.45 4.69
C VAL A 10 3.52 -0.84 5.61
N LYS A 11 4.56 -0.01 5.64
CA LYS A 11 5.72 -0.26 6.48
C LYS A 11 5.70 0.62 7.72
N ASN A 12 6.46 0.22 8.73
CA ASN A 12 6.52 0.98 9.99
C ASN A 12 5.24 0.82 10.79
N LEU A 13 4.77 -0.42 10.91
CA LEU A 13 3.55 -0.69 11.65
C LEU A 13 3.85 -0.95 13.13
N PRO A 14 2.84 -0.73 13.99
CA PRO A 14 2.97 -0.93 15.43
C PRO A 14 3.10 -2.40 15.80
N GLN A 15 3.00 -2.70 17.09
CA GLN A 15 3.11 -4.07 17.58
C GLN A 15 1.74 -4.75 17.58
N ASP A 16 0.69 -3.97 17.36
CA ASP A 16 -0.67 -4.50 17.34
C ASP A 16 -1.36 -4.16 16.03
N SER A 17 -0.58 -4.05 14.96
CA SER A 17 -1.11 -3.72 13.63
C SER A 17 -1.96 -4.87 13.10
N ASN A 18 -3.04 -4.53 12.41
CA ASN A 18 -3.93 -5.53 11.84
C ASN A 18 -4.74 -4.94 10.68
N CYS A 19 -5.34 -5.82 9.88
CA CYS A 19 -6.13 -5.39 8.73
C CYS A 19 -7.26 -4.46 9.18
N GLN A 20 -8.14 -4.98 10.03
CA GLN A 20 -9.27 -4.20 10.53
C GLN A 20 -8.89 -2.73 10.69
N GLU A 21 -7.69 -2.49 11.24
CA GLU A 21 -7.21 -1.14 11.45
C GLU A 21 -7.00 -0.42 10.12
N VAL A 22 -6.35 -1.10 9.19
CA VAL A 22 -6.08 -0.53 7.87
C VAL A 22 -7.35 -0.45 7.04
N HIS A 23 -7.99 -1.60 6.84
CA HIS A 23 -9.22 -1.66 6.06
C HIS A 23 -10.08 -0.43 6.30
N ASP A 24 -10.54 -0.26 7.53
CA ASP A 24 -11.36 0.88 7.89
C ASP A 24 -10.67 2.19 7.54
N LEU A 25 -9.41 2.31 7.93
CA LEU A 25 -8.63 3.52 7.66
C LEU A 25 -8.71 3.89 6.18
N LEU A 26 -8.60 2.90 5.32
CA LEU A 26 -8.66 3.12 3.87
C LEU A 26 -10.07 2.89 3.34
N LYS A 27 -11.07 3.36 4.10
CA LYS A 27 -12.46 3.20 3.70
C LYS A 27 -12.76 3.98 2.42
N ASP A 28 -12.07 5.11 2.25
CA ASP A 28 -12.27 5.94 1.07
C ASP A 28 -11.99 5.15 -0.20
N TYR A 29 -10.85 4.45 -0.23
CA TYR A 29 -10.47 3.66 -1.39
C TYR A 29 -10.99 2.23 -1.27
N ASP A 30 -11.01 1.51 -2.39
CA ASP A 30 -11.47 0.13 -2.40
C ASP A 30 -10.32 -0.84 -2.15
N LEU A 31 -10.53 -1.77 -1.23
CA LEU A 31 -9.51 -2.76 -0.90
C LEU A 31 -9.81 -4.11 -1.54
N LYS A 32 -8.84 -4.66 -2.26
CA LYS A 32 -9.00 -5.94 -2.93
C LYS A 32 -8.43 -7.08 -2.07
N TYR A 33 -7.36 -6.78 -1.35
CA TYR A 33 -6.72 -7.78 -0.50
C TYR A 33 -5.86 -7.11 0.58
N CYS A 34 -5.94 -7.63 1.79
CA CYS A 34 -5.17 -7.10 2.91
C CYS A 34 -4.44 -8.19 3.66
N TYR A 35 -3.12 -8.22 3.54
CA TYR A 35 -2.30 -9.23 4.21
C TYR A 35 -1.35 -8.58 5.20
N VAL A 36 -1.57 -8.85 6.49
CA VAL A 36 -0.73 -8.30 7.54
C VAL A 36 0.31 -9.31 7.99
N ASP A 37 1.57 -8.88 8.04
CA ASP A 37 2.67 -9.76 8.46
C ASP A 37 3.35 -9.20 9.70
N ARG A 38 2.95 -9.70 10.87
CA ARG A 38 3.52 -9.26 12.13
C ARG A 38 5.02 -9.52 12.17
N ASN A 39 5.46 -10.57 11.48
CA ASN A 39 6.86 -10.93 11.42
C ASN A 39 7.69 -9.80 10.83
N LYS A 40 7.10 -9.09 9.88
CA LYS A 40 7.79 -7.97 9.22
C LYS A 40 7.04 -6.66 9.44
N ARG A 41 6.12 -6.67 10.41
CA ARG A 41 5.34 -5.48 10.72
C ARG A 41 4.99 -4.71 9.44
N THR A 42 4.44 -5.41 8.46
CA THR A 42 4.06 -4.78 7.19
C THR A 42 2.78 -5.40 6.64
N ALA A 43 1.93 -4.55 6.07
CA ALA A 43 0.67 -5.01 5.50
C ALA A 43 0.53 -4.58 4.04
N PHE A 44 0.18 -5.53 3.19
CA PHE A 44 0.02 -5.23 1.76
C PHE A 44 -1.44 -4.98 1.41
N VAL A 45 -1.71 -3.81 0.85
CA VAL A 45 -3.07 -3.44 0.47
C VAL A 45 -3.19 -3.23 -1.03
N THR A 46 -4.11 -3.95 -1.66
CA THR A 46 -4.33 -3.84 -3.10
C THR A 46 -5.54 -2.99 -3.40
N LEU A 47 -5.30 -1.73 -3.76
CA LEU A 47 -6.38 -0.80 -4.09
C LEU A 47 -7.02 -1.16 -5.42
N LEU A 48 -8.05 -0.41 -5.79
CA LEU A 48 -8.76 -0.65 -7.05
C LEU A 48 -7.86 -0.30 -8.25
N ASN A 49 -7.53 0.98 -8.38
CA ASN A 49 -6.69 1.44 -9.48
C ASN A 49 -5.39 2.03 -8.94
N GLY A 50 -4.46 2.31 -9.85
CA GLY A 50 -3.18 2.87 -9.46
C GLY A 50 -3.28 4.33 -9.08
N GLU A 51 -3.90 5.13 -9.94
CA GLU A 51 -4.07 6.55 -9.69
C GLU A 51 -4.46 6.81 -8.24
N GLN A 52 -5.33 5.96 -7.71
CA GLN A 52 -5.80 6.09 -6.34
C GLN A 52 -4.63 5.97 -5.35
N ALA A 53 -3.81 4.93 -5.56
CA ALA A 53 -2.66 4.70 -4.69
C ALA A 53 -1.67 5.86 -4.77
N GLN A 54 -1.31 6.25 -5.99
CA GLN A 54 -0.38 7.35 -6.19
C GLN A 54 -0.59 8.45 -5.16
N ASN A 55 -1.86 8.78 -4.90
CA ASN A 55 -2.19 9.82 -3.94
C ASN A 55 -2.34 9.23 -2.53
N ALA A 56 -3.13 8.17 -2.42
CA ALA A 56 -3.35 7.53 -1.14
C ALA A 56 -2.03 7.27 -0.41
N ILE A 57 -0.93 7.28 -1.16
CA ILE A 57 0.38 7.06 -0.59
C ILE A 57 0.96 8.34 -0.02
N GLN A 58 1.07 9.37 -0.86
CA GLN A 58 1.60 10.65 -0.43
C GLN A 58 0.71 11.29 0.63
N MET A 59 -0.58 10.98 0.57
CA MET A 59 -1.53 11.51 1.54
C MET A 59 -1.41 10.81 2.88
N PHE A 60 -1.55 9.48 2.88
CA PHE A 60 -1.44 8.69 4.10
C PHE A 60 -0.03 8.74 4.65
N HIS A 61 0.95 8.47 3.80
CA HIS A 61 2.36 8.48 4.21
C HIS A 61 2.60 9.55 5.28
N GLN A 62 3.28 9.16 6.35
CA GLN A 62 3.58 10.07 7.44
C GLN A 62 2.31 10.45 8.20
N TYR A 63 1.41 9.47 8.37
CA TYR A 63 0.16 9.71 9.08
C TYR A 63 0.29 9.34 10.55
N SER A 64 -0.39 10.09 11.41
CA SER A 64 -0.34 9.84 12.84
C SER A 64 -1.21 8.65 13.21
N PHE A 65 -0.57 7.53 13.54
CA PHE A 65 -1.27 6.32 13.90
C PHE A 65 -0.66 5.69 15.16
N ARG A 66 -1.33 5.84 16.28
CA ARG A 66 -0.85 5.29 17.54
C ARG A 66 0.53 5.82 17.88
N GLY A 67 0.84 7.02 17.38
CA GLY A 67 2.13 7.63 17.64
C GLY A 67 3.16 7.26 16.58
N LYS A 68 2.89 6.19 15.85
CA LYS A 68 3.80 5.74 14.80
C LYS A 68 3.44 6.36 13.46
N ASP A 69 4.45 6.82 12.73
CA ASP A 69 4.25 7.44 11.42
C ASP A 69 4.22 6.39 10.31
N LEU A 70 3.02 5.86 10.04
CA LEU A 70 2.87 4.85 9.00
C LEU A 70 3.59 5.26 7.72
N ILE A 71 4.34 4.32 7.15
CA ILE A 71 5.09 4.58 5.93
C ILE A 71 4.44 3.89 4.74
N VAL A 72 3.75 4.68 3.91
CA VAL A 72 3.09 4.15 2.73
C VAL A 72 3.93 4.37 1.48
N GLN A 73 4.21 3.28 0.77
CA GLN A 73 5.01 3.36 -0.45
C GLN A 73 4.39 2.53 -1.57
N LEU A 74 4.74 2.84 -2.80
CA LEU A 74 4.21 2.12 -3.96
C LEU A 74 5.02 0.85 -4.23
N GLN A 75 4.32 -0.23 -4.55
CA GLN A 75 4.96 -1.50 -4.83
C GLN A 75 6.18 -1.30 -5.73
N PRO A 76 7.14 -2.24 -5.65
CA PRO A 76 8.37 -2.19 -6.45
C PRO A 76 8.10 -2.45 -7.93
N THR A 77 7.86 -1.37 -8.68
CA THR A 77 7.60 -1.48 -10.11
C THR A 77 7.73 -0.13 -10.80
N ASP A 78 8.79 0.03 -11.59
CA ASP A 78 9.04 1.27 -12.30
C ASP A 78 7.90 1.58 -13.28
N ALA A 79 7.24 2.71 -13.07
CA ALA A 79 6.13 3.11 -13.93
C ALA A 79 6.36 4.50 -14.52
N LEU A 80 7.21 4.57 -15.53
CA LEU A 80 7.52 5.83 -16.19
C LEU A 80 8.34 5.61 -17.46
N LEU A 81 8.07 6.42 -18.48
CA LEU A 81 8.78 6.31 -19.74
C LEU A 81 10.20 6.85 -19.63
N CYS A 82 11.12 6.27 -20.39
CA CYS A 82 12.51 6.69 -20.37
C CYS A 82 12.67 8.04 -21.05
N SER A 83 12.05 8.19 -22.22
CA SER A 83 12.13 9.43 -22.98
C SER A 83 10.74 10.03 -23.20
N GLY A 84 10.42 11.03 -22.39
CA GLY A 84 9.12 11.68 -22.51
C GLY A 84 9.04 12.97 -21.73
N PRO A 85 8.56 12.90 -20.49
CA PRO A 85 8.42 14.07 -19.62
C PRO A 85 9.78 14.61 -19.16
N SER A 86 9.87 15.93 -19.06
CA SER A 86 11.12 16.57 -18.63
C SER A 86 10.84 17.61 -17.54
N SER A 87 10.02 18.61 -17.87
CA SER A 87 9.68 19.66 -16.94
C SER A 87 10.92 20.14 -16.18
N GLY A 88 12.03 20.28 -16.90
CA GLY A 88 13.27 20.73 -16.28
C GLY A 88 13.48 22.22 -16.43
N GLY A 1 -6.56 -5.55 -13.61
CA GLY A 1 -5.50 -6.45 -13.18
C GLY A 1 -4.12 -5.92 -13.54
N SER A 2 -3.71 -6.11 -14.80
CA SER A 2 -2.41 -5.66 -15.26
C SER A 2 -2.38 -4.15 -15.42
N SER A 3 -3.33 -3.62 -16.20
CA SER A 3 -3.41 -2.18 -16.45
C SER A 3 -3.46 -1.41 -15.13
N GLY A 4 -2.52 -0.50 -14.95
CA GLY A 4 -2.47 0.29 -13.73
C GLY A 4 -1.92 -0.50 -12.55
N SER A 5 -0.90 0.06 -11.91
CA SER A 5 -0.27 -0.59 -10.76
C SER A 5 -1.00 -0.23 -9.47
N SER A 6 -2.06 -0.98 -9.16
CA SER A 6 -2.84 -0.73 -7.96
C SER A 6 -2.29 -1.52 -6.78
N GLY A 7 -1.93 -0.81 -5.71
CA GLY A 7 -1.39 -1.47 -4.54
C GLY A 7 -0.38 -0.61 -3.80
N ILE A 8 -0.31 -0.76 -2.49
CA ILE A 8 0.62 0.00 -1.68
C ILE A 8 1.19 -0.84 -0.54
N LEU A 9 2.34 -0.43 -0.02
CA LEU A 9 2.99 -1.15 1.07
C LEU A 9 2.89 -0.37 2.37
N VAL A 10 2.36 -1.02 3.41
CA VAL A 10 2.21 -0.38 4.71
C VAL A 10 3.37 -0.74 5.63
N LYS A 11 4.36 0.15 5.71
CA LYS A 11 5.52 -0.08 6.57
C LYS A 11 5.45 0.79 7.83
N ASN A 12 6.19 0.38 8.85
CA ASN A 12 6.21 1.11 10.11
C ASN A 12 4.92 0.89 10.90
N LEU A 13 4.51 -0.37 10.99
CA LEU A 13 3.30 -0.73 11.72
C LEU A 13 3.58 -0.93 13.20
N PRO A 14 2.54 -0.78 14.03
CA PRO A 14 2.66 -0.94 15.49
C PRO A 14 2.89 -2.39 15.89
N GLN A 15 2.68 -2.68 17.16
CA GLN A 15 2.86 -4.04 17.68
C GLN A 15 1.56 -4.84 17.58
N ASP A 16 0.44 -4.14 17.67
CA ASP A 16 -0.87 -4.79 17.58
C ASP A 16 -1.59 -4.39 16.29
N SER A 17 -0.82 -4.25 15.22
CA SER A 17 -1.38 -3.87 13.93
C SER A 17 -2.22 -5.00 13.35
N ASN A 18 -3.25 -4.65 12.57
CA ASN A 18 -4.13 -5.63 11.96
C ASN A 18 -4.79 -5.06 10.70
N CYS A 19 -5.44 -5.93 9.95
CA CYS A 19 -6.11 -5.53 8.72
C CYS A 19 -7.39 -4.75 9.03
N GLN A 20 -8.33 -5.40 9.71
CA GLN A 20 -9.59 -4.78 10.07
C GLN A 20 -9.39 -3.30 10.37
N GLU A 21 -8.38 -2.99 11.18
CA GLU A 21 -8.09 -1.60 11.54
C GLU A 21 -7.78 -0.77 10.30
N VAL A 22 -6.88 -1.28 9.46
CA VAL A 22 -6.49 -0.58 8.24
C VAL A 22 -7.68 -0.41 7.31
N HIS A 23 -8.45 -1.48 7.15
CA HIS A 23 -9.63 -1.45 6.28
C HIS A 23 -10.40 -0.15 6.46
N ASP A 24 -10.92 0.06 7.67
CA ASP A 24 -11.69 1.26 7.98
C ASP A 24 -10.91 2.52 7.60
N LEU A 25 -9.63 2.55 7.96
CA LEU A 25 -8.77 3.70 7.65
C LEU A 25 -8.77 3.99 6.15
N LEU A 26 -8.64 2.94 5.35
CA LEU A 26 -8.64 3.09 3.90
C LEU A 26 -10.02 2.85 3.31
N LYS A 27 -11.04 3.28 4.05
CA LYS A 27 -12.42 3.12 3.60
C LYS A 27 -12.65 3.81 2.26
N ASP A 28 -12.13 5.03 2.14
CA ASP A 28 -12.28 5.79 0.90
C ASP A 28 -11.93 4.94 -0.31
N TYR A 29 -10.83 4.21 -0.21
CA TYR A 29 -10.38 3.35 -1.31
C TYR A 29 -10.92 1.93 -1.14
N ASP A 30 -11.23 1.28 -2.26
CA ASP A 30 -11.74 -0.08 -2.24
C ASP A 30 -10.61 -1.09 -2.09
N LEU A 31 -10.70 -1.92 -1.06
CA LEU A 31 -9.68 -2.93 -0.81
C LEU A 31 -10.05 -4.25 -1.46
N LYS A 32 -9.07 -4.87 -2.12
CA LYS A 32 -9.29 -6.15 -2.79
C LYS A 32 -8.62 -7.29 -2.04
N TYR A 33 -7.41 -7.02 -1.53
CA TYR A 33 -6.66 -8.02 -0.79
C TYR A 33 -5.74 -7.36 0.24
N CYS A 34 -5.80 -7.85 1.47
CA CYS A 34 -4.98 -7.31 2.54
C CYS A 34 -4.24 -8.42 3.28
N TYR A 35 -2.93 -8.27 3.43
CA TYR A 35 -2.12 -9.26 4.12
C TYR A 35 -1.25 -8.62 5.18
N VAL A 36 -1.52 -8.94 6.44
CA VAL A 36 -0.76 -8.40 7.55
C VAL A 36 0.37 -9.33 7.96
N ASP A 37 1.58 -8.79 8.02
CA ASP A 37 2.75 -9.58 8.41
C ASP A 37 3.41 -9.01 9.66
N ARG A 38 2.98 -9.50 10.82
CA ARG A 38 3.53 -9.04 12.09
C ARG A 38 5.03 -9.28 12.16
N ASN A 39 5.49 -10.32 11.47
CA ASN A 39 6.91 -10.66 11.45
C ASN A 39 7.74 -9.48 10.96
N LYS A 40 7.28 -8.83 9.90
CA LYS A 40 7.98 -7.70 9.32
C LYS A 40 7.17 -6.41 9.52
N ARG A 41 6.17 -6.47 10.39
CA ARG A 41 5.33 -5.31 10.67
C ARG A 41 4.98 -4.57 9.38
N THR A 42 4.45 -5.31 8.41
CA THR A 42 4.06 -4.73 7.13
C THR A 42 2.74 -5.31 6.63
N ALA A 43 1.92 -4.47 6.03
CA ALA A 43 0.63 -4.90 5.50
C ALA A 43 0.49 -4.52 4.03
N PHE A 44 0.30 -5.53 3.19
CA PHE A 44 0.16 -5.32 1.75
C PHE A 44 -1.30 -5.04 1.39
N VAL A 45 -1.57 -3.84 0.90
CA VAL A 45 -2.93 -3.46 0.52
C VAL A 45 -3.05 -3.30 -0.99
N THR A 46 -4.04 -3.96 -1.58
CA THR A 46 -4.26 -3.88 -3.01
C THR A 46 -5.47 -3.02 -3.34
N LEU A 47 -5.21 -1.78 -3.77
CA LEU A 47 -6.29 -0.86 -4.12
C LEU A 47 -6.91 -1.23 -5.47
N LEU A 48 -7.96 -0.51 -5.84
CA LEU A 48 -8.64 -0.75 -7.10
C LEU A 48 -7.75 -0.39 -8.28
N ASN A 49 -7.48 0.91 -8.43
CA ASN A 49 -6.65 1.40 -9.52
C ASN A 49 -5.36 2.00 -8.98
N GLY A 50 -4.39 2.21 -9.87
CA GLY A 50 -3.12 2.78 -9.47
C GLY A 50 -3.23 4.25 -9.09
N GLU A 51 -3.82 5.04 -9.98
CA GLU A 51 -3.99 6.47 -9.74
C GLU A 51 -4.38 6.72 -8.28
N GLN A 52 -5.31 5.91 -7.78
CA GLN A 52 -5.77 6.06 -6.40
C GLN A 52 -4.60 5.97 -5.42
N ALA A 53 -3.71 5.01 -5.66
CA ALA A 53 -2.55 4.82 -4.79
C ALA A 53 -1.58 5.99 -4.92
N GLN A 54 -1.22 6.33 -6.15
CA GLN A 54 -0.29 7.43 -6.39
C GLN A 54 -0.49 8.55 -5.39
N ASN A 55 -1.76 8.78 -5.01
CA ASN A 55 -2.08 9.82 -4.05
C ASN A 55 -2.06 9.28 -2.62
N ALA A 56 -2.92 8.30 -2.36
CA ALA A 56 -3.00 7.68 -1.04
C ALA A 56 -1.61 7.54 -0.41
N ILE A 57 -0.62 7.26 -1.26
CA ILE A 57 0.75 7.09 -0.79
C ILE A 57 1.18 8.26 0.09
N GLN A 58 1.29 9.43 -0.52
CA GLN A 58 1.70 10.63 0.22
C GLN A 58 0.61 11.05 1.20
N MET A 59 -0.64 11.07 0.74
CA MET A 59 -1.76 11.47 1.58
C MET A 59 -1.66 10.80 2.95
N PHE A 60 -1.27 9.53 2.97
CA PHE A 60 -1.15 8.79 4.22
C PHE A 60 0.27 8.86 4.74
N HIS A 61 1.25 8.88 3.84
CA HIS A 61 2.65 8.94 4.22
C HIS A 61 2.84 9.89 5.40
N GLN A 62 3.47 9.38 6.45
CA GLN A 62 3.72 10.17 7.65
C GLN A 62 2.41 10.50 8.36
N TYR A 63 1.53 9.50 8.47
CA TYR A 63 0.24 9.69 9.13
C TYR A 63 0.36 9.42 10.63
N SER A 64 -0.65 9.86 11.38
CA SER A 64 -0.66 9.66 12.82
C SER A 64 -1.37 8.37 13.18
N PHE A 65 -0.59 7.38 13.64
CA PHE A 65 -1.14 6.09 14.03
C PHE A 65 -0.27 5.42 15.09
N ARG A 66 -0.74 5.42 16.33
CA ARG A 66 0.01 4.81 17.43
C ARG A 66 1.31 5.55 17.67
N GLY A 67 1.28 6.87 17.51
CA GLY A 67 2.48 7.67 17.72
C GLY A 67 3.61 7.29 16.78
N LYS A 68 3.25 6.70 15.63
CA LYS A 68 4.24 6.28 14.65
C LYS A 68 4.06 7.04 13.34
N ASP A 69 5.03 6.92 12.45
CA ASP A 69 4.97 7.60 11.15
C ASP A 69 4.74 6.59 10.02
N LEU A 70 3.52 6.09 9.93
CA LEU A 70 3.18 5.12 8.89
C LEU A 70 3.83 5.49 7.57
N ILE A 71 4.67 4.59 7.05
CA ILE A 71 5.35 4.83 5.79
C ILE A 71 4.66 4.09 4.64
N VAL A 72 3.93 4.84 3.81
CA VAL A 72 3.23 4.25 2.68
C VAL A 72 4.05 4.36 1.40
N GLN A 73 4.20 3.24 0.71
CA GLN A 73 4.97 3.21 -0.53
C GLN A 73 4.19 2.49 -1.64
N LEU A 74 4.67 2.62 -2.87
CA LEU A 74 4.03 1.98 -4.01
C LEU A 74 4.75 0.69 -4.39
N GLN A 75 4.00 -0.28 -4.88
CA GLN A 75 4.57 -1.56 -5.30
C GLN A 75 5.51 -1.37 -6.49
N PRO A 76 6.48 -2.30 -6.62
CA PRO A 76 7.46 -2.26 -7.71
C PRO A 76 6.82 -2.58 -9.07
N THR A 77 7.22 -1.83 -10.09
CA THR A 77 6.70 -2.03 -11.44
C THR A 77 7.33 -3.26 -12.08
N ASP A 78 6.65 -4.41 -11.94
CA ASP A 78 7.15 -5.66 -12.51
C ASP A 78 6.87 -5.70 -14.01
N ALA A 79 5.63 -5.44 -14.39
CA ALA A 79 5.24 -5.44 -15.79
C ALA A 79 4.66 -4.09 -16.22
N LEU A 80 5.24 -3.50 -17.25
CA LEU A 80 4.78 -2.22 -17.76
C LEU A 80 5.04 -2.10 -19.26
N LEU A 81 4.08 -1.52 -19.97
CA LEU A 81 4.20 -1.33 -21.42
C LEU A 81 4.94 -0.04 -21.74
N CYS A 82 6.01 0.22 -21.00
CA CYS A 82 6.81 1.42 -21.22
C CYS A 82 7.59 1.33 -22.53
N SER A 83 8.43 0.30 -22.64
CA SER A 83 9.24 0.10 -23.83
C SER A 83 9.02 -1.30 -24.41
N GLY A 84 9.28 -1.43 -25.71
CA GLY A 84 9.11 -2.71 -26.36
C GLY A 84 8.50 -2.58 -27.75
N PRO A 85 8.00 -3.70 -28.29
CA PRO A 85 7.38 -3.73 -29.62
C PRO A 85 6.05 -2.98 -29.66
N SER A 86 5.55 -2.59 -28.48
CA SER A 86 4.28 -1.87 -28.38
C SER A 86 4.50 -0.38 -28.63
N SER A 87 3.93 0.11 -29.72
CA SER A 87 4.04 1.52 -30.08
C SER A 87 2.84 2.31 -29.59
N GLY A 88 3.09 3.30 -28.74
CA GLY A 88 2.01 4.11 -28.21
C GLY A 88 2.34 4.70 -26.84
N GLY A 1 6.65 6.64 -20.37
CA GLY A 1 7.13 6.60 -19.00
C GLY A 1 6.02 6.33 -18.00
N SER A 2 4.91 7.04 -18.15
CA SER A 2 3.77 6.87 -17.25
C SER A 2 3.38 5.40 -17.14
N SER A 3 3.20 4.93 -15.91
CA SER A 3 2.83 3.54 -15.67
C SER A 3 2.09 3.39 -14.34
N GLY A 4 0.78 3.16 -14.43
CA GLY A 4 -0.03 3.01 -13.23
C GLY A 4 0.17 1.67 -12.56
N SER A 5 -0.01 1.63 -11.25
CA SER A 5 0.16 0.39 -10.49
C SER A 5 -0.68 0.43 -9.21
N SER A 6 -1.59 -0.53 -9.09
CA SER A 6 -2.46 -0.61 -7.93
C SER A 6 -1.78 -1.38 -6.80
N GLY A 7 -2.08 -0.99 -5.56
CA GLY A 7 -1.48 -1.64 -4.41
C GLY A 7 -0.42 -0.78 -3.73
N ILE A 8 -0.37 -0.85 -2.41
CA ILE A 8 0.59 -0.07 -1.64
C ILE A 8 1.19 -0.90 -0.51
N LEU A 9 2.33 -0.45 0.00
CA LEU A 9 3.00 -1.15 1.09
C LEU A 9 2.86 -0.38 2.41
N VAL A 10 2.46 -1.08 3.46
CA VAL A 10 2.31 -0.47 4.77
C VAL A 10 3.45 -0.84 5.70
N LYS A 11 4.48 -0.01 5.72
CA LYS A 11 5.64 -0.25 6.57
C LYS A 11 5.57 0.59 7.83
N ASN A 12 6.34 0.20 8.85
CA ASN A 12 6.37 0.92 10.12
C ASN A 12 5.06 0.71 10.88
N LEU A 13 4.65 -0.55 10.99
CA LEU A 13 3.42 -0.89 11.70
C LEU A 13 3.65 -0.96 13.21
N PRO A 14 2.59 -0.75 14.00
CA PRO A 14 2.66 -0.80 15.46
C PRO A 14 2.89 -2.21 15.98
N GLN A 15 2.66 -2.40 17.28
CA GLN A 15 2.84 -3.70 17.90
C GLN A 15 1.57 -4.54 17.81
N ASP A 16 0.43 -3.86 17.70
CA ASP A 16 -0.85 -4.55 17.60
C ASP A 16 -1.53 -4.24 16.26
N SER A 17 -0.73 -4.18 15.20
CA SER A 17 -1.24 -3.88 13.87
C SER A 17 -2.17 -4.99 13.39
N ASN A 18 -3.22 -4.61 12.68
CA ASN A 18 -4.19 -5.57 12.15
C ASN A 18 -4.86 -5.04 10.89
N CYS A 19 -5.37 -5.95 10.08
CA CYS A 19 -6.04 -5.58 8.83
C CYS A 19 -7.23 -4.67 9.11
N GLN A 20 -8.21 -5.18 9.85
CA GLN A 20 -9.40 -4.41 10.18
C GLN A 20 -9.05 -2.94 10.38
N GLU A 21 -7.96 -2.69 11.09
CA GLU A 21 -7.51 -1.33 11.36
C GLU A 21 -7.21 -0.58 10.06
N VAL A 22 -6.44 -1.23 9.19
CA VAL A 22 -6.07 -0.63 7.91
C VAL A 22 -7.27 -0.57 6.96
N HIS A 23 -7.91 -1.71 6.76
CA HIS A 23 -9.07 -1.79 5.88
C HIS A 23 -9.98 -0.58 6.08
N ASP A 24 -10.43 -0.38 7.31
CA ASP A 24 -11.30 0.75 7.62
C ASP A 24 -10.61 2.08 7.35
N LEU A 25 -9.37 2.19 7.81
CA LEU A 25 -8.58 3.41 7.61
C LEU A 25 -8.63 3.85 6.15
N LEU A 26 -8.54 2.88 5.24
CA LEU A 26 -8.57 3.17 3.81
C LEU A 26 -9.97 2.96 3.24
N LYS A 27 -10.97 3.47 3.93
CA LYS A 27 -12.36 3.33 3.50
C LYS A 27 -12.62 4.16 2.23
N ASP A 28 -11.91 5.28 2.11
CA ASP A 28 -12.05 6.16 0.96
C ASP A 28 -11.74 5.41 -0.33
N TYR A 29 -10.67 4.61 -0.30
CA TYR A 29 -10.26 3.84 -1.47
C TYR A 29 -10.83 2.42 -1.42
N ASP A 30 -11.09 1.86 -2.59
CA ASP A 30 -11.63 0.50 -2.69
C ASP A 30 -10.52 -0.53 -2.52
N LEU A 31 -10.68 -1.40 -1.51
CA LEU A 31 -9.69 -2.44 -1.25
C LEU A 31 -10.09 -3.75 -1.92
N LYS A 32 -9.13 -4.66 -2.04
CA LYS A 32 -9.39 -5.96 -2.65
C LYS A 32 -8.80 -7.09 -1.81
N TYR A 33 -7.58 -6.89 -1.33
CA TYR A 33 -6.91 -7.89 -0.52
C TYR A 33 -5.97 -7.23 0.48
N CYS A 34 -5.82 -7.85 1.64
CA CYS A 34 -4.95 -7.32 2.70
C CYS A 34 -4.19 -8.45 3.38
N TYR A 35 -2.88 -8.29 3.50
CA TYR A 35 -2.03 -9.29 4.14
C TYR A 35 -1.13 -8.66 5.20
N VAL A 36 -1.51 -8.82 6.47
CA VAL A 36 -0.73 -8.27 7.57
C VAL A 36 0.39 -9.22 7.98
N ASP A 37 1.61 -8.70 8.00
CA ASP A 37 2.77 -9.50 8.38
C ASP A 37 3.47 -8.91 9.60
N ARG A 38 3.04 -9.35 10.78
CA ARG A 38 3.62 -8.87 12.04
C ARG A 38 5.12 -9.14 12.08
N ASN A 39 5.51 -10.35 11.66
CA ASN A 39 6.92 -10.73 11.67
C ASN A 39 7.78 -9.62 11.08
N LYS A 40 7.32 -9.05 9.98
CA LYS A 40 8.06 -7.97 9.32
C LYS A 40 7.35 -6.63 9.49
N ARG A 41 6.24 -6.65 10.22
CA ARG A 41 5.46 -5.44 10.47
C ARG A 41 5.16 -4.72 9.16
N THR A 42 4.62 -5.46 8.19
CA THR A 42 4.28 -4.89 6.89
C THR A 42 2.98 -5.48 6.36
N ALA A 43 2.04 -4.60 6.01
CA ALA A 43 0.74 -5.03 5.48
C ALA A 43 0.59 -4.62 4.02
N PHE A 44 0.42 -5.63 3.15
CA PHE A 44 0.26 -5.37 1.73
C PHE A 44 -1.21 -5.15 1.38
N VAL A 45 -1.52 -3.94 0.88
CA VAL A 45 -2.88 -3.60 0.51
C VAL A 45 -3.02 -3.45 -1.00
N THR A 46 -4.10 -3.98 -1.55
CA THR A 46 -4.35 -3.91 -2.98
C THR A 46 -5.57 -3.04 -3.29
N LEU A 47 -5.32 -1.81 -3.73
CA LEU A 47 -6.40 -0.89 -4.05
C LEU A 47 -7.06 -1.27 -5.37
N LEU A 48 -8.08 -0.50 -5.76
CA LEU A 48 -8.79 -0.76 -7.00
C LEU A 48 -7.94 -0.41 -8.21
N ASN A 49 -7.36 0.80 -8.20
CA ASN A 49 -6.52 1.25 -9.30
C ASN A 49 -5.26 1.93 -8.76
N GLY A 50 -4.31 2.17 -9.66
CA GLY A 50 -3.07 2.82 -9.26
C GLY A 50 -3.26 4.28 -8.92
N GLU A 51 -3.85 5.03 -9.84
CA GLU A 51 -4.09 6.46 -9.63
C GLU A 51 -4.50 6.73 -8.19
N GLN A 52 -5.40 5.92 -7.66
CA GLN A 52 -5.86 6.08 -6.29
C GLN A 52 -4.70 5.97 -5.31
N ALA A 53 -3.83 5.00 -5.52
CA ALA A 53 -2.67 4.80 -4.66
C ALA A 53 -1.69 5.98 -4.77
N GLN A 54 -1.34 6.32 -6.00
CA GLN A 54 -0.41 7.43 -6.24
C GLN A 54 -0.60 8.54 -5.22
N ASN A 55 -1.86 8.82 -4.90
CA ASN A 55 -2.19 9.87 -3.94
C ASN A 55 -2.18 9.32 -2.51
N ALA A 56 -3.01 8.30 -2.26
CA ALA A 56 -3.09 7.69 -0.95
C ALA A 56 -1.71 7.55 -0.31
N ILE A 57 -0.71 7.25 -1.15
CA ILE A 57 0.66 7.09 -0.68
C ILE A 57 1.07 8.24 0.23
N GLN A 58 1.11 9.45 -0.34
CA GLN A 58 1.48 10.63 0.42
C GLN A 58 0.39 11.02 1.41
N MET A 59 -0.85 11.07 0.91
CA MET A 59 -1.99 11.43 1.76
C MET A 59 -1.96 10.65 3.06
N PHE A 60 -1.43 9.43 3.01
CA PHE A 60 -1.35 8.57 4.19
C PHE A 60 0.08 8.51 4.72
N HIS A 61 1.05 8.74 3.83
CA HIS A 61 2.45 8.71 4.22
C HIS A 61 2.67 9.41 5.55
N GLN A 62 3.46 8.79 6.42
CA GLN A 62 3.74 9.36 7.73
C GLN A 62 2.47 9.80 8.42
N TYR A 63 1.39 9.05 8.21
CA TYR A 63 0.10 9.37 8.82
C TYR A 63 0.13 9.15 10.33
N SER A 64 -0.75 9.84 11.03
CA SER A 64 -0.83 9.72 12.49
C SER A 64 -1.52 8.42 12.89
N PHE A 65 -0.72 7.46 13.37
CA PHE A 65 -1.26 6.18 13.80
C PHE A 65 -0.49 5.64 15.00
N ARG A 66 -1.11 5.71 16.17
CA ARG A 66 -0.48 5.23 17.40
C ARG A 66 0.86 5.92 17.63
N GLY A 67 0.94 7.20 17.26
CA GLY A 67 2.16 7.95 17.44
C GLY A 67 3.28 7.45 16.53
N LYS A 68 2.91 6.73 15.48
CA LYS A 68 3.89 6.19 14.54
C LYS A 68 3.74 6.84 13.17
N ASP A 69 4.87 7.04 12.49
CA ASP A 69 4.85 7.64 11.16
C ASP A 69 4.76 6.57 10.07
N LEU A 70 3.65 5.85 10.05
CA LEU A 70 3.43 4.80 9.07
C LEU A 70 3.98 5.21 7.71
N ILE A 71 4.90 4.41 7.18
CA ILE A 71 5.51 4.68 5.89
C ILE A 71 4.76 3.97 4.76
N VAL A 72 3.93 4.71 4.05
CA VAL A 72 3.16 4.15 2.94
C VAL A 72 3.84 4.39 1.61
N GLN A 73 3.97 3.35 0.81
CA GLN A 73 4.61 3.45 -0.50
C GLN A 73 3.85 2.64 -1.54
N LEU A 74 4.28 2.74 -2.80
CA LEU A 74 3.64 2.03 -3.89
C LEU A 74 4.46 0.81 -4.30
N GLN A 75 3.77 -0.25 -4.73
CA GLN A 75 4.44 -1.48 -5.16
C GLN A 75 5.38 -1.20 -6.32
N PRO A 76 6.52 -1.91 -6.33
CA PRO A 76 7.53 -1.76 -7.40
C PRO A 76 7.05 -2.32 -8.73
N THR A 77 7.75 -1.97 -9.80
CA THR A 77 7.39 -2.44 -11.14
C THR A 77 8.62 -2.49 -12.04
N ASP A 78 8.90 -3.66 -12.60
CA ASP A 78 10.04 -3.84 -13.49
C ASP A 78 9.58 -3.91 -14.95
N ALA A 79 8.52 -4.67 -15.19
CA ALA A 79 7.99 -4.83 -16.54
C ALA A 79 6.68 -5.62 -16.52
N LEU A 80 6.06 -5.74 -17.68
CA LEU A 80 4.80 -6.47 -17.81
C LEU A 80 4.82 -7.73 -16.96
N LEU A 81 3.66 -8.11 -16.44
CA LEU A 81 3.55 -9.31 -15.61
C LEU A 81 2.84 -10.42 -16.37
N CYS A 82 3.62 -11.31 -16.99
CA CYS A 82 3.06 -12.42 -17.75
C CYS A 82 3.28 -13.74 -17.00
N SER A 83 2.60 -14.79 -17.46
CA SER A 83 2.73 -16.10 -16.84
C SER A 83 3.94 -16.84 -17.37
N GLY A 84 4.27 -17.96 -16.74
CA GLY A 84 5.41 -18.75 -17.15
C GLY A 84 6.72 -18.22 -16.59
N PRO A 85 7.00 -18.55 -15.32
CA PRO A 85 8.22 -18.12 -14.63
C PRO A 85 9.46 -18.80 -15.18
N SER A 86 9.27 -19.64 -16.20
CA SER A 86 10.38 -20.36 -16.81
C SER A 86 10.91 -21.44 -15.88
N SER A 87 10.00 -22.16 -15.23
CA SER A 87 10.36 -23.22 -14.31
C SER A 87 11.33 -24.20 -14.97
N GLY A 88 10.97 -24.67 -16.16
CA GLY A 88 11.81 -25.61 -16.88
C GLY A 88 11.48 -27.06 -16.56
N GLY A 1 -3.62 -9.36 -17.65
CA GLY A 1 -4.65 -8.52 -17.10
C GLY A 1 -4.30 -7.05 -17.16
N SER A 2 -4.47 -6.35 -16.04
CA SER A 2 -4.17 -4.93 -15.98
C SER A 2 -2.89 -4.67 -15.18
N SER A 3 -1.81 -4.39 -15.89
CA SER A 3 -0.53 -4.13 -15.24
C SER A 3 -0.26 -2.63 -15.15
N GLY A 4 0.79 -2.26 -14.42
CA GLY A 4 1.13 -0.86 -14.27
C GLY A 4 1.38 -0.49 -12.82
N SER A 5 0.60 0.49 -12.33
CA SER A 5 0.74 0.95 -10.95
C SER A 5 -0.54 0.66 -10.15
N SER A 6 -0.37 0.08 -8.97
CA SER A 6 -1.51 -0.24 -8.12
C SER A 6 -1.04 -0.78 -6.77
N GLY A 7 -1.98 -0.94 -5.84
CA GLY A 7 -1.64 -1.44 -4.53
C GLY A 7 -0.58 -0.59 -3.83
N ILE A 8 -0.50 -0.71 -2.51
CA ILE A 8 0.46 0.05 -1.73
C ILE A 8 1.03 -0.78 -0.60
N LEU A 9 2.20 -0.38 -0.10
CA LEU A 9 2.86 -1.09 0.99
C LEU A 9 2.75 -0.30 2.29
N VAL A 10 2.22 -0.94 3.33
CA VAL A 10 2.07 -0.31 4.63
C VAL A 10 3.22 -0.67 5.56
N LYS A 11 4.31 0.10 5.49
CA LYS A 11 5.47 -0.13 6.33
C LYS A 11 5.44 0.74 7.57
N ASN A 12 6.24 0.38 8.56
CA ASN A 12 6.30 1.13 9.81
C ASN A 12 5.05 0.91 10.64
N LEU A 13 4.60 -0.33 10.71
CA LEU A 13 3.41 -0.68 11.48
C LEU A 13 3.77 -0.98 12.94
N PRO A 14 2.77 -0.84 13.82
CA PRO A 14 2.95 -1.10 15.26
C PRO A 14 3.16 -2.58 15.56
N GLN A 15 3.16 -2.91 16.85
CA GLN A 15 3.35 -4.30 17.27
C GLN A 15 2.03 -5.07 17.19
N ASP A 16 0.93 -4.39 17.50
CA ASP A 16 -0.38 -5.02 17.46
C ASP A 16 -1.16 -4.56 16.22
N SER A 17 -0.44 -4.33 15.13
CA SER A 17 -1.05 -3.90 13.89
C SER A 17 -1.94 -5.00 13.31
N ASN A 18 -2.96 -4.59 12.55
CA ASN A 18 -3.88 -5.54 11.94
C ASN A 18 -4.60 -4.91 10.75
N CYS A 19 -5.25 -5.76 9.95
CA CYS A 19 -5.97 -5.28 8.77
C CYS A 19 -7.11 -4.36 9.17
N GLN A 20 -8.04 -4.88 9.96
CA GLN A 20 -9.19 -4.11 10.42
C GLN A 20 -8.80 -2.64 10.65
N GLU A 21 -7.62 -2.44 11.22
CA GLU A 21 -7.13 -1.09 11.49
C GLU A 21 -6.86 -0.34 10.19
N VAL A 22 -6.15 -0.98 9.28
CA VAL A 22 -5.82 -0.37 8.00
C VAL A 22 -7.07 -0.19 7.14
N HIS A 23 -7.81 -1.29 6.94
CA HIS A 23 -9.02 -1.26 6.13
C HIS A 23 -9.81 0.02 6.40
N ASP A 24 -10.23 0.22 7.64
CA ASP A 24 -10.99 1.39 8.02
C ASP A 24 -10.24 2.67 7.65
N LEU A 25 -8.93 2.65 7.87
CA LEU A 25 -8.09 3.81 7.57
C LEU A 25 -8.15 4.15 6.08
N LEU A 26 -8.05 3.13 5.23
CA LEU A 26 -8.11 3.33 3.79
C LEU A 26 -9.48 2.96 3.24
N LYS A 27 -10.53 3.32 3.98
CA LYS A 27 -11.89 3.02 3.56
C LYS A 27 -12.23 3.74 2.25
N ASP A 28 -11.91 5.02 2.18
CA ASP A 28 -12.17 5.81 0.98
C ASP A 28 -11.88 5.00 -0.27
N TYR A 29 -10.73 4.35 -0.29
CA TYR A 29 -10.33 3.53 -1.44
C TYR A 29 -10.86 2.11 -1.31
N ASP A 30 -11.04 1.44 -2.45
CA ASP A 30 -11.55 0.07 -2.47
C ASP A 30 -10.43 -0.92 -2.14
N LEU A 31 -10.70 -1.81 -1.19
CA LEU A 31 -9.73 -2.81 -0.78
C LEU A 31 -10.11 -4.20 -1.30
N LYS A 32 -9.26 -4.76 -2.14
CA LYS A 32 -9.51 -6.08 -2.70
C LYS A 32 -8.92 -7.18 -1.81
N TYR A 33 -7.67 -6.99 -1.41
CA TYR A 33 -7.00 -7.97 -0.55
C TYR A 33 -6.01 -7.27 0.38
N CYS A 34 -5.85 -7.82 1.57
CA CYS A 34 -4.93 -7.26 2.56
C CYS A 34 -4.20 -8.36 3.31
N TYR A 35 -2.87 -8.25 3.36
CA TYR A 35 -2.05 -9.24 4.06
C TYR A 35 -1.18 -8.59 5.12
N VAL A 36 -1.60 -8.73 6.38
CA VAL A 36 -0.85 -8.15 7.49
C VAL A 36 0.21 -9.11 8.01
N ASP A 37 1.45 -8.63 8.06
CA ASP A 37 2.56 -9.45 8.53
C ASP A 37 3.21 -8.83 9.77
N ARG A 38 2.71 -9.20 10.95
CA ARG A 38 3.25 -8.67 12.20
C ARG A 38 4.76 -8.83 12.26
N ASN A 39 5.24 -10.02 11.91
CA ASN A 39 6.67 -10.30 11.91
C ASN A 39 7.45 -9.19 11.22
N LYS A 40 6.96 -8.76 10.06
CA LYS A 40 7.61 -7.71 9.30
C LYS A 40 6.85 -6.39 9.44
N ARG A 41 5.96 -6.33 10.43
CA ARG A 41 5.17 -5.13 10.67
C ARG A 41 4.86 -4.42 9.36
N THR A 42 4.26 -5.16 8.42
CA THR A 42 3.91 -4.59 7.12
C THR A 42 2.62 -5.22 6.59
N ALA A 43 1.79 -4.41 5.94
CA ALA A 43 0.54 -4.89 5.38
C ALA A 43 0.42 -4.51 3.91
N PHE A 44 0.19 -5.51 3.06
CA PHE A 44 0.07 -5.29 1.63
C PHE A 44 -1.40 -5.07 1.24
N VAL A 45 -1.71 -3.86 0.79
CA VAL A 45 -3.06 -3.52 0.39
C VAL A 45 -3.18 -3.41 -1.13
N THR A 46 -4.23 -4.02 -1.68
CA THR A 46 -4.46 -4.00 -3.11
C THR A 46 -5.65 -3.12 -3.47
N LEU A 47 -5.37 -1.94 -4.00
CA LEU A 47 -6.42 -1.00 -4.38
C LEU A 47 -6.99 -1.35 -5.75
N LEU A 48 -7.98 -0.59 -6.19
CA LEU A 48 -8.61 -0.82 -7.48
C LEU A 48 -7.65 -0.48 -8.62
N ASN A 49 -7.07 0.72 -8.57
CA ASN A 49 -6.12 1.15 -9.59
C ASN A 49 -4.96 1.91 -8.96
N GLY A 50 -4.01 2.33 -9.80
CA GLY A 50 -2.86 3.07 -9.31
C GLY A 50 -3.19 4.51 -8.96
N GLU A 51 -3.78 5.22 -9.90
CA GLU A 51 -4.14 6.62 -9.68
C GLU A 51 -4.61 6.85 -8.25
N GLN A 52 -5.36 5.88 -7.72
CA GLN A 52 -5.87 5.97 -6.36
C GLN A 52 -4.73 5.88 -5.34
N ALA A 53 -3.85 4.90 -5.55
CA ALA A 53 -2.72 4.70 -4.65
C ALA A 53 -1.73 5.86 -4.74
N GLN A 54 -1.31 6.18 -5.96
CA GLN A 54 -0.37 7.27 -6.17
C GLN A 54 -0.61 8.41 -5.19
N ASN A 55 -1.87 8.60 -4.81
CA ASN A 55 -2.24 9.65 -3.87
C ASN A 55 -2.24 9.12 -2.43
N ALA A 56 -3.13 8.16 -2.17
CA ALA A 56 -3.23 7.57 -0.84
C ALA A 56 -1.86 7.43 -0.19
N ILE A 57 -0.86 7.07 -0.99
CA ILE A 57 0.49 6.91 -0.49
C ILE A 57 0.93 8.12 0.31
N GLN A 58 1.07 9.26 -0.37
CA GLN A 58 1.48 10.50 0.29
C GLN A 58 0.41 10.98 1.26
N MET A 59 -0.80 11.13 0.76
CA MET A 59 -1.92 11.59 1.59
C MET A 59 -1.89 10.91 2.95
N PHE A 60 -1.55 9.62 2.97
CA PHE A 60 -1.48 8.87 4.21
C PHE A 60 -0.07 8.83 4.75
N HIS A 61 0.91 8.95 3.86
CA HIS A 61 2.31 8.93 4.26
C HIS A 61 2.55 9.81 5.48
N GLN A 62 3.17 9.23 6.51
CA GLN A 62 3.45 9.97 7.74
C GLN A 62 2.16 10.32 8.46
N TYR A 63 1.23 9.37 8.53
CA TYR A 63 -0.04 9.59 9.19
C TYR A 63 0.06 9.29 10.68
N SER A 64 -0.88 9.82 11.45
CA SER A 64 -0.90 9.61 12.89
C SER A 64 -1.64 8.32 13.25
N PHE A 65 -0.89 7.32 13.71
CA PHE A 65 -1.47 6.04 14.08
C PHE A 65 -0.63 5.35 15.17
N ARG A 66 -1.20 5.24 16.36
CA ARG A 66 -0.50 4.61 17.47
C ARG A 66 0.85 5.27 17.71
N GLY A 67 0.88 6.60 17.65
CA GLY A 67 2.11 7.33 17.87
C GLY A 67 3.20 6.91 16.90
N LYS A 68 2.81 6.40 15.74
CA LYS A 68 3.76 5.96 14.73
C LYS A 68 3.54 6.69 13.41
N ASP A 69 4.57 6.74 12.59
CA ASP A 69 4.49 7.40 11.29
C ASP A 69 4.40 6.39 10.16
N LEU A 70 3.20 5.86 9.94
CA LEU A 70 2.98 4.88 8.90
C LEU A 70 3.62 5.32 7.59
N ILE A 71 4.47 4.45 7.03
CA ILE A 71 5.15 4.75 5.78
C ILE A 71 4.51 4.01 4.61
N VAL A 72 3.86 4.76 3.72
CA VAL A 72 3.21 4.16 2.56
C VAL A 72 4.07 4.30 1.32
N GLN A 73 4.28 3.19 0.62
CA GLN A 73 5.09 3.20 -0.59
C GLN A 73 4.41 2.40 -1.70
N LEU A 74 5.03 2.39 -2.88
CA LEU A 74 4.49 1.66 -4.02
C LEU A 74 4.83 0.18 -3.94
N GLN A 75 4.15 -0.64 -4.73
CA GLN A 75 4.38 -2.08 -4.75
C GLN A 75 5.63 -2.42 -5.56
N PRO A 76 6.32 -3.49 -5.16
CA PRO A 76 7.54 -3.93 -5.85
C PRO A 76 7.25 -4.52 -7.22
N THR A 77 5.98 -4.50 -7.61
CA THR A 77 5.57 -5.02 -8.91
C THR A 77 6.66 -4.79 -9.96
N ASP A 78 7.07 -3.54 -10.11
CA ASP A 78 8.10 -3.18 -11.08
C ASP A 78 9.00 -2.08 -10.54
N ALA A 79 10.31 -2.27 -10.68
CA ALA A 79 11.28 -1.29 -10.21
C ALA A 79 12.06 -0.67 -11.38
N LEU A 80 11.77 0.58 -11.67
CA LEU A 80 12.44 1.28 -12.76
C LEU A 80 13.82 1.75 -12.34
N LEU A 81 14.59 2.25 -13.30
CA LEU A 81 15.94 2.73 -13.03
C LEU A 81 15.97 4.25 -12.95
N CYS A 82 16.32 4.78 -11.78
CA CYS A 82 16.39 6.21 -11.57
C CYS A 82 17.83 6.67 -11.35
N SER A 83 18.30 7.57 -12.21
CA SER A 83 19.66 8.08 -12.11
C SER A 83 19.91 8.70 -10.73
N GLY A 84 19.11 9.71 -10.41
CA GLY A 84 19.26 10.38 -9.13
C GLY A 84 18.65 11.76 -9.11
N PRO A 85 18.08 12.16 -7.97
CA PRO A 85 17.44 13.47 -7.81
C PRO A 85 18.45 14.61 -7.80
N SER A 86 19.73 14.25 -7.78
CA SER A 86 20.80 15.25 -7.76
C SER A 86 20.53 16.35 -8.79
N SER A 87 21.15 17.51 -8.58
CA SER A 87 20.97 18.64 -9.48
C SER A 87 22.08 19.68 -9.29
N GLY A 88 22.32 20.47 -10.32
CA GLY A 88 23.35 21.49 -10.24
C GLY A 88 23.07 22.52 -9.16
N GLY A 1 12.36 0.61 -14.09
CA GLY A 1 12.05 0.22 -12.73
C GLY A 1 11.06 1.16 -12.07
N SER A 2 9.80 1.04 -12.46
CA SER A 2 8.75 1.88 -11.90
C SER A 2 7.64 1.04 -11.28
N SER A 3 7.49 1.13 -9.97
CA SER A 3 6.47 0.38 -9.25
C SER A 3 5.18 1.19 -9.11
N GLY A 4 4.06 0.49 -8.98
CA GLY A 4 2.78 1.16 -8.84
C GLY A 4 1.67 0.46 -9.61
N SER A 5 1.09 -0.57 -9.00
CA SER A 5 0.02 -1.32 -9.63
C SER A 5 -1.17 -1.45 -8.70
N SER A 6 -2.00 -0.42 -8.66
CA SER A 6 -3.19 -0.42 -7.80
C SER A 6 -2.91 -1.14 -6.49
N GLY A 7 -1.77 -0.85 -5.89
CA GLY A 7 -1.40 -1.48 -4.64
C GLY A 7 -0.31 -0.73 -3.90
N ILE A 8 -0.44 -0.64 -2.59
CA ILE A 8 0.54 0.06 -1.76
C ILE A 8 1.07 -0.84 -0.64
N LEU A 9 2.22 -0.49 -0.10
CA LEU A 9 2.83 -1.26 0.97
C LEU A 9 2.70 -0.53 2.31
N VAL A 10 2.31 -1.27 3.34
CA VAL A 10 2.14 -0.71 4.67
C VAL A 10 3.33 -1.05 5.57
N LYS A 11 4.30 -0.14 5.62
CA LYS A 11 5.50 -0.34 6.43
C LYS A 11 5.47 0.58 7.65
N ASN A 12 6.27 0.23 8.66
CA ASN A 12 6.35 1.03 9.87
C ASN A 12 5.08 0.87 10.71
N LEU A 13 4.61 -0.36 10.83
CA LEU A 13 3.41 -0.65 11.60
C LEU A 13 3.74 -0.81 13.08
N PRO A 14 2.73 -0.59 13.93
CA PRO A 14 2.88 -0.70 15.39
C PRO A 14 3.07 -2.15 15.84
N GLN A 15 2.89 -2.38 17.13
CA GLN A 15 3.04 -3.72 17.69
C GLN A 15 1.74 -4.50 17.60
N ASP A 16 0.63 -3.79 17.66
CA ASP A 16 -0.69 -4.42 17.58
C ASP A 16 -1.36 -4.11 16.24
N SER A 17 -0.55 -3.98 15.19
CA SER A 17 -1.07 -3.69 13.87
C SER A 17 -1.95 -4.82 13.36
N ASN A 18 -2.97 -4.47 12.58
CA ASN A 18 -3.89 -5.46 12.02
C ASN A 18 -4.64 -4.90 10.82
N CYS A 19 -5.22 -5.79 10.02
CA CYS A 19 -5.97 -5.38 8.84
C CYS A 19 -7.14 -4.49 9.22
N GLN A 20 -8.02 -5.00 10.09
CA GLN A 20 -9.19 -4.25 10.53
C GLN A 20 -8.84 -2.77 10.71
N GLU A 21 -7.65 -2.50 11.25
CA GLU A 21 -7.20 -1.14 11.48
C GLU A 21 -6.96 -0.41 10.16
N VAL A 22 -6.24 -1.07 9.27
CA VAL A 22 -5.93 -0.48 7.96
C VAL A 22 -7.19 -0.32 7.12
N HIS A 23 -7.93 -1.42 6.96
CA HIS A 23 -9.16 -1.40 6.18
C HIS A 23 -9.95 -0.11 6.43
N ASP A 24 -10.34 0.09 7.69
CA ASP A 24 -11.10 1.28 8.07
C ASP A 24 -10.35 2.54 7.68
N LEU A 25 -9.03 2.52 7.86
CA LEU A 25 -8.19 3.68 7.53
C LEU A 25 -8.31 4.03 6.05
N LEU A 26 -8.17 3.02 5.19
CA LEU A 26 -8.26 3.23 3.75
C LEU A 26 -9.69 3.03 3.26
N LYS A 27 -10.64 3.62 3.99
CA LYS A 27 -12.04 3.52 3.62
C LYS A 27 -12.32 4.24 2.30
N ASP A 28 -11.64 5.36 2.09
CA ASP A 28 -11.80 6.13 0.86
C ASP A 28 -11.62 5.26 -0.37
N TYR A 29 -10.59 4.42 -0.34
CA TYR A 29 -10.31 3.53 -1.47
C TYR A 29 -10.92 2.15 -1.23
N ASP A 30 -11.09 1.40 -2.31
CA ASP A 30 -11.66 0.06 -2.22
C ASP A 30 -10.57 -1.00 -2.10
N LEU A 31 -10.44 -1.57 -0.91
CA LEU A 31 -9.43 -2.59 -0.65
C LEU A 31 -9.83 -3.93 -1.30
N LYS A 32 -8.96 -4.43 -2.17
CA LYS A 32 -9.21 -5.70 -2.84
C LYS A 32 -8.67 -6.88 -2.03
N TYR A 33 -7.55 -6.65 -1.36
CA TYR A 33 -6.93 -7.69 -0.55
C TYR A 33 -5.96 -7.09 0.47
N CYS A 34 -5.98 -7.62 1.68
CA CYS A 34 -5.10 -7.13 2.74
C CYS A 34 -4.40 -8.29 3.45
N TYR A 35 -3.08 -8.20 3.58
CA TYR A 35 -2.30 -9.24 4.22
C TYR A 35 -1.31 -8.63 5.22
N VAL A 36 -1.63 -8.74 6.50
CA VAL A 36 -0.78 -8.20 7.56
C VAL A 36 0.25 -9.23 8.00
N ASP A 37 1.51 -8.82 8.05
CA ASP A 37 2.59 -9.71 8.47
C ASP A 37 3.21 -9.23 9.77
N ARG A 38 3.07 -10.03 10.82
CA ARG A 38 3.62 -9.68 12.13
C ARG A 38 5.09 -10.09 12.23
N ASN A 39 5.73 -10.21 11.07
CA ASN A 39 7.15 -10.60 11.02
C ASN A 39 8.03 -9.37 10.85
N LYS A 40 7.75 -8.58 9.82
CA LYS A 40 8.53 -7.38 9.56
C LYS A 40 7.66 -6.13 9.67
N ARG A 41 6.45 -6.31 10.20
CA ARG A 41 5.52 -5.20 10.36
C ARG A 41 5.15 -4.60 9.01
N THR A 42 4.89 -5.46 8.03
CA THR A 42 4.53 -5.01 6.69
C THR A 42 3.19 -5.60 6.26
N ALA A 43 2.33 -4.75 5.72
CA ALA A 43 1.01 -5.18 5.26
C ALA A 43 0.79 -4.85 3.79
N PHE A 44 0.46 -5.86 2.99
CA PHE A 44 0.23 -5.66 1.57
C PHE A 44 -1.23 -5.28 1.30
N VAL A 45 -1.44 -4.09 0.76
CA VAL A 45 -2.78 -3.61 0.45
C VAL A 45 -2.95 -3.36 -1.04
N THR A 46 -4.01 -3.91 -1.62
CA THR A 46 -4.29 -3.75 -3.04
C THR A 46 -5.48 -2.82 -3.27
N LEU A 47 -5.23 -1.69 -3.90
CA LEU A 47 -6.28 -0.72 -4.19
C LEU A 47 -6.99 -1.05 -5.50
N LEU A 48 -8.01 -0.26 -5.83
CA LEU A 48 -8.78 -0.48 -7.05
C LEU A 48 -7.99 -0.03 -8.27
N ASN A 49 -7.60 1.24 -8.29
CA ASN A 49 -6.84 1.79 -9.40
C ASN A 49 -5.48 2.31 -8.92
N GLY A 50 -4.51 2.30 -9.83
CA GLY A 50 -3.17 2.77 -9.48
C GLY A 50 -3.16 4.23 -9.08
N GLU A 51 -3.74 5.08 -9.92
CA GLU A 51 -3.80 6.51 -9.65
C GLU A 51 -4.20 6.77 -8.20
N GLN A 52 -5.23 6.06 -7.74
CA GLN A 52 -5.71 6.21 -6.38
C GLN A 52 -4.58 6.05 -5.37
N ALA A 53 -3.71 5.08 -5.63
CA ALA A 53 -2.58 4.82 -4.74
C ALA A 53 -1.58 5.98 -4.76
N GLN A 54 -1.13 6.33 -5.97
CA GLN A 54 -0.17 7.42 -6.12
C GLN A 54 -0.44 8.53 -5.11
N ASN A 55 -1.71 8.83 -4.88
CA ASN A 55 -2.10 9.87 -3.93
C ASN A 55 -2.17 9.32 -2.51
N ALA A 56 -3.04 8.33 -2.31
CA ALA A 56 -3.19 7.71 -1.00
C ALA A 56 -1.85 7.57 -0.30
N ILE A 57 -0.85 7.09 -1.03
CA ILE A 57 0.48 6.89 -0.47
C ILE A 57 0.89 8.08 0.40
N GLN A 58 1.00 9.25 -0.21
CA GLN A 58 1.37 10.46 0.51
C GLN A 58 0.28 10.89 1.46
N MET A 59 -0.92 11.12 0.92
CA MET A 59 -2.06 11.53 1.73
C MET A 59 -2.11 10.77 3.04
N PHE A 60 -1.68 9.51 3.00
CA PHE A 60 -1.67 8.66 4.19
C PHE A 60 -0.26 8.52 4.75
N HIS A 61 0.73 8.74 3.90
CA HIS A 61 2.13 8.63 4.30
C HIS A 61 2.35 9.28 5.66
N GLN A 62 3.29 8.74 6.43
CA GLN A 62 3.60 9.27 7.75
C GLN A 62 2.35 9.83 8.42
N TYR A 63 1.24 9.11 8.28
CA TYR A 63 -0.02 9.55 8.87
C TYR A 63 -0.04 9.29 10.37
N SER A 64 -0.95 9.97 11.07
CA SER A 64 -1.07 9.81 12.51
C SER A 64 -1.79 8.52 12.87
N PHE A 65 -1.04 7.54 13.35
CA PHE A 65 -1.60 6.25 13.73
C PHE A 65 -0.81 5.63 14.88
N ARG A 66 -1.51 5.33 15.97
CA ARG A 66 -0.88 4.73 17.14
C ARG A 66 0.41 5.47 17.50
N GLY A 67 0.35 6.80 17.50
CA GLY A 67 1.52 7.59 17.82
C GLY A 67 2.72 7.24 16.95
N LYS A 68 2.46 6.75 15.75
CA LYS A 68 3.52 6.37 14.82
C LYS A 68 3.32 7.05 13.47
N ASP A 69 4.30 6.89 12.59
CA ASP A 69 4.24 7.49 11.26
C ASP A 69 4.22 6.41 10.18
N LEU A 70 3.06 5.78 10.00
CA LEU A 70 2.91 4.73 9.00
C LEU A 70 3.58 5.13 7.68
N ILE A 71 4.41 4.24 7.15
CA ILE A 71 5.11 4.50 5.89
C ILE A 71 4.42 3.78 4.73
N VAL A 72 3.85 4.56 3.82
CA VAL A 72 3.18 4.00 2.66
C VAL A 72 4.05 4.10 1.41
N GLN A 73 4.19 2.99 0.70
CA GLN A 73 4.99 2.95 -0.52
C GLN A 73 4.26 2.22 -1.63
N LEU A 74 4.90 2.14 -2.79
CA LEU A 74 4.31 1.46 -3.95
C LEU A 74 4.51 -0.05 -3.85
N GLN A 75 3.78 -0.78 -4.69
CA GLN A 75 3.87 -2.25 -4.69
C GLN A 75 4.76 -2.72 -5.86
N PRO A 76 5.60 -3.72 -5.57
CA PRO A 76 6.51 -4.29 -6.58
C PRO A 76 5.77 -5.09 -7.64
N THR A 77 6.39 -5.23 -8.81
CA THR A 77 5.78 -5.97 -9.92
C THR A 77 5.83 -7.46 -9.66
N ASP A 78 4.72 -8.14 -9.94
CA ASP A 78 4.63 -9.58 -9.74
C ASP A 78 5.27 -10.34 -10.89
N ALA A 79 5.60 -11.59 -10.67
CA ALA A 79 6.23 -12.42 -11.70
C ALA A 79 5.58 -13.81 -11.75
N LEU A 80 5.52 -14.37 -12.95
CA LEU A 80 4.93 -15.69 -13.14
C LEU A 80 6.00 -16.72 -13.46
N LEU A 81 6.69 -17.20 -12.43
CA LEU A 81 7.75 -18.19 -12.61
C LEU A 81 7.32 -19.55 -12.05
N CYS A 82 7.07 -20.50 -12.94
CA CYS A 82 6.66 -21.83 -12.53
C CYS A 82 7.61 -22.89 -13.08
N SER A 83 7.86 -23.92 -12.28
CA SER A 83 8.77 -24.99 -12.67
C SER A 83 8.01 -26.08 -13.44
N GLY A 84 6.93 -26.58 -12.84
CA GLY A 84 6.13 -27.61 -13.48
C GLY A 84 4.87 -27.07 -14.11
N PRO A 85 4.46 -27.67 -15.24
CA PRO A 85 3.26 -27.26 -15.97
C PRO A 85 1.98 -27.58 -15.20
N SER A 86 1.32 -26.55 -14.69
CA SER A 86 0.08 -26.73 -13.93
C SER A 86 -1.11 -26.84 -14.86
N SER A 87 -1.67 -28.04 -14.98
CA SER A 87 -2.81 -28.28 -15.84
C SER A 87 -3.85 -29.15 -15.14
N GLY A 88 -5.08 -28.66 -15.06
CA GLY A 88 -6.14 -29.40 -14.43
C GLY A 88 -7.49 -29.16 -15.07
N GLY A 1 -10.10 -3.62 -16.81
CA GLY A 1 -9.89 -2.71 -17.93
C GLY A 1 -8.48 -2.76 -18.47
N SER A 2 -7.51 -2.59 -17.59
CA SER A 2 -6.10 -2.61 -17.98
C SER A 2 -5.20 -2.83 -16.77
N SER A 3 -3.92 -3.09 -17.04
CA SER A 3 -2.96 -3.33 -15.98
C SER A 3 -2.17 -2.06 -15.66
N GLY A 4 -2.49 -1.46 -14.51
CA GLY A 4 -1.82 -0.23 -14.11
C GLY A 4 -0.90 -0.44 -12.92
N SER A 5 -0.52 0.65 -12.27
CA SER A 5 0.37 0.58 -11.11
C SER A 5 -0.42 0.72 -9.81
N SER A 6 -1.09 -0.36 -9.41
CA SER A 6 -1.88 -0.35 -8.20
C SER A 6 -1.18 -1.12 -7.08
N GLY A 7 -1.71 -1.02 -5.87
CA GLY A 7 -1.12 -1.72 -4.74
C GLY A 7 -0.17 -0.84 -3.96
N ILE A 8 -0.26 -0.91 -2.63
CA ILE A 8 0.60 -0.11 -1.76
C ILE A 8 1.16 -0.95 -0.61
N LEU A 9 2.30 -0.54 -0.08
CA LEU A 9 2.93 -1.25 1.02
C LEU A 9 2.81 -0.47 2.32
N VAL A 10 2.32 -1.15 3.36
CA VAL A 10 2.16 -0.51 4.66
C VAL A 10 3.31 -0.86 5.60
N LYS A 11 4.29 0.03 5.68
CA LYS A 11 5.44 -0.18 6.54
C LYS A 11 5.36 0.69 7.78
N ASN A 12 6.12 0.32 8.82
CA ASN A 12 6.13 1.07 10.06
C ASN A 12 4.83 0.86 10.84
N LEU A 13 4.46 -0.40 11.03
CA LEU A 13 3.24 -0.74 11.76
C LEU A 13 3.52 -0.91 13.24
N PRO A 14 2.47 -0.72 14.06
CA PRO A 14 2.58 -0.85 15.52
C PRO A 14 2.79 -2.29 15.96
N GLN A 15 2.56 -2.56 17.25
CA GLN A 15 2.72 -3.90 17.79
C GLN A 15 1.45 -4.72 17.61
N ASP A 16 0.31 -4.06 17.71
CA ASP A 16 -0.98 -4.73 17.56
C ASP A 16 -1.64 -4.35 16.24
N SER A 17 -0.82 -4.18 15.20
CA SER A 17 -1.32 -3.81 13.88
C SER A 17 -2.11 -4.96 13.26
N ASN A 18 -3.22 -4.62 12.62
CA ASN A 18 -4.07 -5.62 11.98
C ASN A 18 -4.87 -5.00 10.84
N CYS A 19 -5.50 -5.86 10.03
CA CYS A 19 -6.30 -5.40 8.90
C CYS A 19 -7.54 -4.65 9.38
N GLN A 20 -8.33 -5.30 10.23
CA GLN A 20 -9.54 -4.70 10.76
C GLN A 20 -9.36 -3.19 10.96
N GLU A 21 -8.15 -2.80 11.37
CA GLU A 21 -7.85 -1.39 11.60
C GLU A 21 -7.52 -0.69 10.30
N VAL A 22 -6.51 -1.20 9.59
CA VAL A 22 -6.09 -0.62 8.32
C VAL A 22 -7.29 -0.36 7.41
N HIS A 23 -8.15 -1.37 7.27
CA HIS A 23 -9.34 -1.25 6.43
C HIS A 23 -10.04 0.08 6.66
N ASP A 24 -10.52 0.29 7.88
CA ASP A 24 -11.21 1.53 8.23
C ASP A 24 -10.39 2.75 7.81
N LEU A 25 -9.09 2.69 8.07
CA LEU A 25 -8.20 3.79 7.71
C LEU A 25 -8.26 4.09 6.22
N LEU A 26 -8.17 3.03 5.42
CA LEU A 26 -8.22 3.17 3.96
C LEU A 26 -9.61 2.87 3.43
N LYS A 27 -10.63 3.35 4.15
CA LYS A 27 -12.01 3.13 3.75
C LYS A 27 -12.32 3.87 2.44
N ASP A 28 -11.90 5.13 2.38
CA ASP A 28 -12.13 5.95 1.19
C ASP A 28 -11.83 5.16 -0.08
N TYR A 29 -10.68 4.48 -0.08
CA TYR A 29 -10.27 3.68 -1.23
C TYR A 29 -10.86 2.28 -1.17
N ASP A 30 -10.85 1.59 -2.31
CA ASP A 30 -11.37 0.24 -2.39
C ASP A 30 -10.30 -0.80 -2.07
N LEU A 31 -10.60 -1.68 -1.11
CA LEU A 31 -9.65 -2.71 -0.71
C LEU A 31 -10.01 -4.05 -1.35
N LYS A 32 -9.02 -4.67 -2.00
CA LYS A 32 -9.22 -5.95 -2.66
C LYS A 32 -8.65 -7.08 -1.81
N TYR A 33 -7.41 -6.91 -1.35
CA TYR A 33 -6.76 -7.92 -0.53
C TYR A 33 -5.80 -7.27 0.47
N CYS A 34 -5.78 -7.81 1.69
CA CYS A 34 -4.91 -7.29 2.74
C CYS A 34 -4.23 -8.43 3.48
N TYR A 35 -2.91 -8.33 3.60
CA TYR A 35 -2.13 -9.35 4.30
C TYR A 35 -1.18 -8.71 5.31
N VAL A 36 -1.53 -8.84 6.59
CA VAL A 36 -0.72 -8.28 7.67
C VAL A 36 0.42 -9.23 8.04
N ASP A 37 1.64 -8.70 8.07
CA ASP A 37 2.81 -9.50 8.41
C ASP A 37 3.51 -8.92 9.63
N ARG A 38 3.22 -9.48 10.80
CA ARG A 38 3.83 -9.03 12.04
C ARG A 38 5.34 -9.22 12.02
N ASN A 39 5.77 -10.38 11.53
CA ASN A 39 7.19 -10.70 11.45
C ASN A 39 7.97 -9.51 10.88
N LYS A 40 7.44 -8.90 9.83
CA LYS A 40 8.09 -7.76 9.20
C LYS A 40 7.27 -6.48 9.41
N ARG A 41 6.32 -6.55 10.33
CA ARG A 41 5.47 -5.40 10.62
C ARG A 41 5.09 -4.66 9.35
N THR A 42 4.52 -5.38 8.39
CA THR A 42 4.12 -4.80 7.12
C THR A 42 2.84 -5.44 6.60
N ALA A 43 1.94 -4.63 6.04
CA ALA A 43 0.69 -5.12 5.50
C ALA A 43 0.54 -4.75 4.03
N PHE A 44 0.35 -5.76 3.19
CA PHE A 44 0.20 -5.54 1.76
C PHE A 44 -1.26 -5.25 1.40
N VAL A 45 -1.51 -4.07 0.86
CA VAL A 45 -2.86 -3.66 0.48
C VAL A 45 -2.96 -3.42 -1.02
N THR A 46 -3.93 -4.06 -1.65
CA THR A 46 -4.13 -3.90 -3.09
C THR A 46 -5.32 -3.00 -3.40
N LEU A 47 -5.05 -1.89 -4.05
CA LEU A 47 -6.10 -0.93 -4.40
C LEU A 47 -6.72 -1.27 -5.76
N LEU A 48 -7.77 -0.55 -6.12
CA LEU A 48 -8.45 -0.77 -7.38
C LEU A 48 -7.58 -0.33 -8.56
N ASN A 49 -7.36 0.98 -8.67
CA ASN A 49 -6.54 1.52 -9.74
C ASN A 49 -5.29 2.18 -9.18
N GLY A 50 -4.32 2.43 -10.06
CA GLY A 50 -3.08 3.05 -9.63
C GLY A 50 -3.29 4.47 -9.14
N GLU A 51 -3.87 5.32 -9.98
CA GLU A 51 -4.12 6.71 -9.61
C GLU A 51 -4.47 6.83 -8.13
N GLN A 52 -5.41 6.00 -7.68
CA GLN A 52 -5.84 6.01 -6.29
C GLN A 52 -4.64 5.91 -5.35
N ALA A 53 -3.75 4.96 -5.65
CA ALA A 53 -2.57 4.76 -4.82
C ALA A 53 -1.60 5.94 -4.94
N GLN A 54 -1.27 6.30 -6.17
CA GLN A 54 -0.36 7.42 -6.43
C GLN A 54 -0.55 8.52 -5.38
N ASN A 55 -1.81 8.79 -5.03
CA ASN A 55 -2.12 9.82 -4.04
C ASN A 55 -2.14 9.22 -2.64
N ALA A 56 -2.98 8.21 -2.43
CA ALA A 56 -3.09 7.57 -1.13
C ALA A 56 -1.72 7.37 -0.50
N ILE A 57 -0.69 7.29 -1.33
CA ILE A 57 0.67 7.11 -0.84
C ILE A 57 1.11 8.29 0.03
N GLN A 58 1.34 9.43 -0.61
CA GLN A 58 1.76 10.63 0.11
C GLN A 58 0.65 11.14 1.02
N MET A 59 -0.59 11.11 0.51
CA MET A 59 -1.74 11.56 1.28
C MET A 59 -1.73 10.95 2.68
N PHE A 60 -1.40 9.67 2.77
CA PHE A 60 -1.36 8.97 4.04
C PHE A 60 0.07 8.91 4.59
N HIS A 61 1.03 8.97 3.69
CA HIS A 61 2.44 8.94 4.07
C HIS A 61 2.68 9.77 5.33
N GLN A 62 3.32 9.17 6.32
CA GLN A 62 3.61 9.86 7.58
C GLN A 62 2.33 10.28 8.28
N TYR A 63 1.39 9.33 8.38
CA TYR A 63 0.11 9.60 9.04
C TYR A 63 0.17 9.21 10.51
N SER A 64 -0.68 9.84 11.31
CA SER A 64 -0.73 9.57 12.74
C SER A 64 -1.38 8.21 13.01
N PHE A 65 -0.61 7.30 13.61
CA PHE A 65 -1.11 5.97 13.92
C PHE A 65 -0.38 5.39 15.13
N ARG A 66 -1.07 5.33 16.26
CA ARG A 66 -0.49 4.79 17.49
C ARG A 66 0.85 5.46 17.79
N GLY A 67 0.93 6.76 17.47
CA GLY A 67 2.16 7.50 17.72
C GLY A 67 3.20 7.28 16.64
N LYS A 68 2.99 6.26 15.81
CA LYS A 68 3.91 5.95 14.73
C LYS A 68 3.47 6.62 13.42
N ASP A 69 4.42 6.81 12.52
CA ASP A 69 4.12 7.43 11.22
C ASP A 69 4.06 6.38 10.12
N LEU A 70 2.88 5.84 9.89
CA LEU A 70 2.68 4.83 8.86
C LEU A 70 3.35 5.24 7.55
N ILE A 71 4.24 4.38 7.05
CA ILE A 71 4.95 4.65 5.81
C ILE A 71 4.31 3.92 4.63
N VAL A 72 3.63 4.68 3.77
CA VAL A 72 2.98 4.10 2.61
C VAL A 72 3.84 4.25 1.35
N GLN A 73 4.05 3.14 0.65
CA GLN A 73 4.86 3.16 -0.57
C GLN A 73 4.12 2.49 -1.72
N LEU A 74 4.59 2.72 -2.94
CA LEU A 74 3.98 2.14 -4.12
C LEU A 74 4.56 0.76 -4.42
N GLN A 75 3.79 -0.06 -5.13
CA GLN A 75 4.23 -1.41 -5.48
C GLN A 75 5.00 -1.40 -6.80
N PRO A 76 6.07 -2.21 -6.87
CA PRO A 76 6.91 -2.31 -8.07
C PRO A 76 6.17 -3.01 -9.22
N THR A 77 4.92 -3.36 -8.99
CA THR A 77 4.12 -4.03 -10.00
C THR A 77 4.07 -3.22 -11.30
N ASP A 78 4.49 -3.83 -12.39
CA ASP A 78 4.48 -3.16 -13.69
C ASP A 78 3.50 -3.82 -14.65
N ALA A 79 3.62 -5.14 -14.79
CA ALA A 79 2.74 -5.89 -15.68
C ALA A 79 2.47 -7.29 -15.13
N LEU A 80 1.21 -7.72 -15.19
CA LEU A 80 0.83 -9.03 -14.69
C LEU A 80 1.56 -10.14 -15.46
N LEU A 81 2.00 -9.82 -16.67
CA LEU A 81 2.70 -10.79 -17.49
C LEU A 81 3.90 -11.37 -16.75
N CYS A 82 3.84 -12.66 -16.47
CA CYS A 82 4.91 -13.35 -15.75
C CYS A 82 5.63 -14.33 -16.68
N SER A 83 6.51 -13.82 -17.52
CA SER A 83 7.26 -14.65 -18.45
C SER A 83 8.69 -14.15 -18.61
N GLY A 84 9.65 -15.06 -18.52
CA GLY A 84 11.05 -14.69 -18.65
C GLY A 84 11.90 -15.16 -17.49
N PRO A 85 13.06 -14.51 -17.29
CA PRO A 85 13.98 -14.86 -16.20
C PRO A 85 13.41 -14.50 -14.83
N SER A 86 12.99 -15.51 -14.08
CA SER A 86 12.43 -15.30 -12.75
C SER A 86 13.23 -14.26 -11.98
N SER A 87 14.50 -14.56 -11.74
CA SER A 87 15.38 -13.66 -11.02
C SER A 87 15.53 -12.33 -11.76
N GLY A 88 14.95 -11.27 -11.20
CA GLY A 88 15.03 -9.96 -11.82
C GLY A 88 14.52 -9.96 -13.24
N GLY A 1 -2.59 6.64 -18.86
CA GLY A 1 -3.07 5.39 -18.29
C GLY A 1 -1.93 4.44 -17.94
N SER A 2 -2.24 3.42 -17.14
CA SER A 2 -1.24 2.45 -16.74
C SER A 2 -0.12 3.11 -15.94
N SER A 3 -0.50 4.04 -15.06
CA SER A 3 0.47 4.76 -14.24
C SER A 3 0.36 4.32 -12.79
N GLY A 4 1.48 3.87 -12.23
CA GLY A 4 1.50 3.43 -10.85
C GLY A 4 0.70 2.16 -10.63
N SER A 5 1.38 1.02 -10.66
CA SER A 5 0.73 -0.27 -10.48
C SER A 5 -0.06 -0.30 -9.17
N SER A 6 -1.37 -0.49 -9.29
CA SER A 6 -2.24 -0.52 -8.11
C SER A 6 -1.56 -1.24 -6.95
N GLY A 7 -2.01 -0.95 -5.74
CA GLY A 7 -1.42 -1.57 -4.56
C GLY A 7 -0.41 -0.69 -3.88
N ILE A 8 -0.20 -0.91 -2.59
CA ILE A 8 0.75 -0.12 -1.82
C ILE A 8 1.31 -0.93 -0.65
N LEU A 9 2.50 -0.54 -0.20
CA LEU A 9 3.16 -1.23 0.92
C LEU A 9 3.04 -0.42 2.21
N VAL A 10 2.53 -1.06 3.25
CA VAL A 10 2.37 -0.40 4.54
C VAL A 10 3.47 -0.81 5.51
N LYS A 11 4.57 -0.05 5.51
CA LYS A 11 5.69 -0.32 6.39
C LYS A 11 5.63 0.53 7.65
N ASN A 12 6.35 0.11 8.69
CA ASN A 12 6.37 0.84 9.95
C ASN A 12 5.04 0.69 10.69
N LEU A 13 4.61 -0.55 10.86
CA LEU A 13 3.35 -0.83 11.56
C LEU A 13 3.59 -1.02 13.05
N PRO A 14 2.53 -0.82 13.85
CA PRO A 14 2.60 -0.97 15.31
C PRO A 14 2.78 -2.41 15.74
N GLN A 15 2.53 -2.68 17.01
CA GLN A 15 2.65 -4.03 17.55
C GLN A 15 1.34 -4.80 17.44
N ASP A 16 0.23 -4.08 17.54
CA ASP A 16 -1.09 -4.69 17.44
C ASP A 16 -1.75 -4.36 16.11
N SER A 17 -0.93 -4.24 15.06
CA SER A 17 -1.43 -3.93 13.73
C SER A 17 -2.36 -5.03 13.22
N ASN A 18 -3.34 -4.64 12.42
CA ASN A 18 -4.29 -5.59 11.86
C ASN A 18 -4.99 -5.01 10.63
N CYS A 19 -5.61 -5.88 9.84
CA CYS A 19 -6.30 -5.46 8.64
C CYS A 19 -7.48 -4.54 8.99
N GLN A 20 -8.36 -5.02 9.85
CA GLN A 20 -9.52 -4.23 10.26
C GLN A 20 -9.14 -2.77 10.48
N GLU A 21 -7.98 -2.55 11.10
CA GLU A 21 -7.50 -1.20 11.37
C GLU A 21 -7.24 -0.45 10.08
N VAL A 22 -6.53 -1.09 9.15
CA VAL A 22 -6.20 -0.49 7.87
C VAL A 22 -7.46 -0.22 7.05
N HIS A 23 -8.34 -1.21 7.00
CA HIS A 23 -9.59 -1.08 6.25
C HIS A 23 -10.20 0.30 6.44
N ASP A 24 -10.64 0.58 7.66
CA ASP A 24 -11.25 1.87 7.98
C ASP A 24 -10.35 3.02 7.54
N LEU A 25 -9.06 2.90 7.86
CA LEU A 25 -8.08 3.93 7.51
C LEU A 25 -8.17 4.26 6.01
N LEU A 26 -8.17 3.23 5.18
CA LEU A 26 -8.25 3.41 3.74
C LEU A 26 -9.67 3.19 3.24
N LYS A 27 -10.64 3.47 4.10
CA LYS A 27 -12.05 3.31 3.74
C LYS A 27 -12.35 4.02 2.43
N ASP A 28 -11.87 5.24 2.29
CA ASP A 28 -12.10 6.03 1.09
C ASP A 28 -11.88 5.18 -0.16
N TYR A 29 -10.79 4.40 -0.16
CA TYR A 29 -10.47 3.54 -1.29
C TYR A 29 -11.01 2.13 -1.09
N ASP A 30 -11.05 1.35 -2.16
CA ASP A 30 -11.55 -0.02 -2.10
C ASP A 30 -10.39 -1.00 -1.90
N LEU A 31 -10.54 -1.86 -0.90
CA LEU A 31 -9.51 -2.86 -0.60
C LEU A 31 -9.91 -4.23 -1.13
N LYS A 32 -9.05 -4.79 -1.98
CA LYS A 32 -9.32 -6.10 -2.56
C LYS A 32 -8.64 -7.20 -1.75
N TYR A 33 -7.41 -6.94 -1.31
CA TYR A 33 -6.66 -7.90 -0.52
C TYR A 33 -5.74 -7.20 0.48
N CYS A 34 -5.68 -7.74 1.69
CA CYS A 34 -4.85 -7.17 2.74
C CYS A 34 -4.12 -8.26 3.51
N TYR A 35 -2.80 -8.14 3.59
CA TYR A 35 -1.99 -9.12 4.30
C TYR A 35 -1.07 -8.44 5.31
N VAL A 36 -1.49 -8.44 6.57
CA VAL A 36 -0.71 -7.83 7.64
C VAL A 36 0.38 -8.77 8.14
N ASP A 37 1.60 -8.28 8.19
CA ASP A 37 2.73 -9.07 8.66
C ASP A 37 3.40 -8.44 9.87
N ARG A 38 3.24 -9.07 11.02
CA ARG A 38 3.83 -8.57 12.26
C ARG A 38 5.34 -8.77 12.28
N ASN A 39 5.78 -9.95 11.87
CA ASN A 39 7.20 -10.26 11.84
C ASN A 39 7.99 -9.16 11.14
N LYS A 40 7.44 -8.67 10.03
CA LYS A 40 8.09 -7.61 9.27
C LYS A 40 7.28 -6.31 9.34
N ARG A 41 6.35 -6.26 10.29
CA ARG A 41 5.51 -5.07 10.45
C ARG A 41 5.19 -4.43 9.10
N THR A 42 4.65 -5.24 8.19
CA THR A 42 4.29 -4.75 6.87
C THR A 42 2.95 -5.30 6.42
N ALA A 43 2.13 -4.44 5.82
CA ALA A 43 0.81 -4.84 5.35
C ALA A 43 0.64 -4.50 3.86
N PHE A 44 0.41 -5.53 3.05
CA PHE A 44 0.23 -5.34 1.62
C PHE A 44 -1.24 -5.10 1.29
N VAL A 45 -1.53 -3.91 0.77
CA VAL A 45 -2.90 -3.54 0.41
C VAL A 45 -3.04 -3.41 -1.10
N THR A 46 -4.14 -3.94 -1.64
CA THR A 46 -4.41 -3.87 -3.07
C THR A 46 -5.61 -2.98 -3.37
N LEU A 47 -5.34 -1.76 -3.80
CA LEU A 47 -6.40 -0.81 -4.13
C LEU A 47 -7.10 -1.21 -5.42
N LEU A 48 -8.08 -0.40 -5.82
CA LEU A 48 -8.83 -0.66 -7.04
C LEU A 48 -8.05 -0.19 -8.28
N ASN A 49 -7.74 1.10 -8.32
CA ASN A 49 -7.00 1.67 -9.43
C ASN A 49 -5.67 2.25 -8.96
N GLY A 50 -4.69 2.26 -9.87
CA GLY A 50 -3.38 2.78 -9.53
C GLY A 50 -3.41 4.25 -9.14
N GLU A 51 -4.03 5.07 -10.00
CA GLU A 51 -4.13 6.50 -9.74
C GLU A 51 -4.47 6.77 -8.28
N GLN A 52 -5.41 5.99 -7.75
CA GLN A 52 -5.83 6.15 -6.36
C GLN A 52 -4.66 5.97 -5.41
N ALA A 53 -3.82 4.97 -5.69
CA ALA A 53 -2.65 4.70 -4.86
C ALA A 53 -1.67 5.86 -4.89
N GLN A 54 -1.24 6.23 -6.10
CA GLN A 54 -0.29 7.33 -6.26
C GLN A 54 -0.55 8.43 -5.25
N ASN A 55 -1.83 8.69 -4.97
CA ASN A 55 -2.22 9.73 -4.02
C ASN A 55 -2.27 9.17 -2.60
N ALA A 56 -3.18 8.23 -2.37
CA ALA A 56 -3.34 7.62 -1.05
C ALA A 56 -1.98 7.43 -0.39
N ILE A 57 -1.01 6.93 -1.15
CA ILE A 57 0.33 6.70 -0.63
C ILE A 57 0.83 7.91 0.15
N GLN A 58 0.82 9.07 -0.49
CA GLN A 58 1.27 10.30 0.15
C GLN A 58 0.28 10.77 1.21
N MET A 59 -0.94 11.07 0.79
CA MET A 59 -1.98 11.53 1.70
C MET A 59 -1.91 10.76 3.02
N PHE A 60 -1.55 9.48 2.95
CA PHE A 60 -1.45 8.64 4.13
C PHE A 60 -0.03 8.65 4.68
N HIS A 61 0.95 8.63 3.77
CA HIS A 61 2.35 8.64 4.17
C HIS A 61 2.58 9.55 5.37
N GLN A 62 3.27 9.03 6.38
CA GLN A 62 3.56 9.79 7.59
C GLN A 62 2.28 10.14 8.33
N TYR A 63 1.37 9.17 8.43
CA TYR A 63 0.09 9.37 9.10
C TYR A 63 0.21 9.03 10.58
N SER A 64 -0.66 9.62 11.39
CA SER A 64 -0.67 9.39 12.83
C SER A 64 -1.46 8.13 13.18
N PHE A 65 -0.76 7.09 13.61
CA PHE A 65 -1.40 5.83 13.98
C PHE A 65 -0.61 5.12 15.07
N ARG A 66 -1.17 5.11 16.28
CA ARG A 66 -0.52 4.46 17.41
C ARG A 66 0.80 5.15 17.75
N GLY A 67 0.82 6.47 17.61
CA GLY A 67 2.02 7.24 17.90
C GLY A 67 3.16 6.89 16.97
N LYS A 68 2.84 6.28 15.84
CA LYS A 68 3.86 5.89 14.86
C LYS A 68 3.67 6.66 13.55
N ASP A 69 4.61 6.50 12.64
CA ASP A 69 4.55 7.18 11.34
C ASP A 69 4.48 6.17 10.21
N LEU A 70 3.27 5.69 9.91
CA LEU A 70 3.08 4.71 8.84
C LEU A 70 3.79 5.16 7.57
N ILE A 71 4.54 4.23 6.97
CA ILE A 71 5.27 4.52 5.74
C ILE A 71 4.62 3.84 4.54
N VAL A 72 3.87 4.61 3.76
CA VAL A 72 3.18 4.09 2.58
C VAL A 72 4.00 4.35 1.33
N GLN A 73 4.31 3.27 0.59
CA GLN A 73 5.09 3.39 -0.63
C GLN A 73 4.53 2.47 -1.72
N LEU A 74 5.04 2.61 -2.94
CA LEU A 74 4.59 1.80 -4.06
C LEU A 74 5.15 0.38 -3.96
N GLN A 75 4.59 -0.52 -4.76
CA GLN A 75 5.03 -1.92 -4.77
C GLN A 75 6.26 -2.08 -5.64
N PRO A 76 7.17 -2.99 -5.22
CA PRO A 76 8.40 -3.27 -5.95
C PRO A 76 8.14 -4.01 -7.26
N THR A 77 6.88 -4.33 -7.51
CA THR A 77 6.50 -5.04 -8.73
C THR A 77 7.15 -4.41 -9.95
N ASP A 78 7.00 -3.10 -10.09
CA ASP A 78 7.58 -2.38 -11.22
C ASP A 78 8.41 -1.20 -10.74
N ALA A 79 9.68 -1.16 -11.16
CA ALA A 79 10.59 -0.09 -10.77
C ALA A 79 10.65 0.99 -11.84
N LEU A 80 9.78 1.99 -11.71
CA LEU A 80 9.73 3.09 -12.67
C LEU A 80 11.14 3.54 -13.06
N LEU A 81 11.32 3.89 -14.32
CA LEU A 81 12.62 4.34 -14.82
C LEU A 81 12.61 5.85 -15.05
N CYS A 82 13.68 6.52 -14.61
CA CYS A 82 13.79 7.96 -14.77
C CYS A 82 14.26 8.30 -16.18
N SER A 83 13.39 9.00 -16.93
CA SER A 83 13.72 9.38 -18.30
C SER A 83 13.36 10.85 -18.54
N GLY A 84 14.27 11.74 -18.17
CA GLY A 84 14.04 13.17 -18.36
C GLY A 84 12.88 13.67 -17.53
N PRO A 85 13.16 14.05 -16.27
CA PRO A 85 12.13 14.56 -15.36
C PRO A 85 11.63 15.94 -15.76
N SER A 86 10.39 16.23 -15.39
CA SER A 86 9.78 17.53 -15.72
C SER A 86 9.15 18.15 -14.48
N SER A 87 9.65 19.32 -14.10
CA SER A 87 9.14 20.03 -12.93
C SER A 87 8.83 21.48 -13.27
N GLY A 88 7.84 22.05 -12.58
CA GLY A 88 7.46 23.43 -12.81
C GLY A 88 6.36 23.55 -13.86
N GLY A 1 -0.88 1.97 -21.72
CA GLY A 1 -1.60 2.11 -20.47
C GLY A 1 -1.15 3.32 -19.66
N SER A 2 -1.96 3.71 -18.69
CA SER A 2 -1.64 4.86 -17.85
C SER A 2 -0.49 4.53 -16.90
N SER A 3 0.52 5.39 -16.89
CA SER A 3 1.68 5.19 -16.03
C SER A 3 1.26 5.10 -14.56
N GLY A 4 1.04 3.88 -14.09
CA GLY A 4 0.63 3.67 -12.72
C GLY A 4 0.31 2.21 -12.41
N SER A 5 0.65 1.77 -11.21
CA SER A 5 0.41 0.39 -10.80
C SER A 5 -0.17 0.34 -9.40
N SER A 6 -1.41 -0.14 -9.30
CA SER A 6 -2.09 -0.24 -8.01
C SER A 6 -1.26 -1.04 -7.02
N GLY A 7 -1.64 -0.97 -5.75
CA GLY A 7 -0.92 -1.70 -4.72
C GLY A 7 0.04 -0.80 -3.95
N ILE A 8 -0.02 -0.86 -2.63
CA ILE A 8 0.84 -0.06 -1.78
C ILE A 8 1.34 -0.86 -0.58
N LEU A 9 2.51 -0.48 -0.07
CA LEU A 9 3.10 -1.15 1.08
C LEU A 9 3.03 -0.28 2.33
N VAL A 10 2.60 -0.87 3.44
CA VAL A 10 2.50 -0.14 4.70
C VAL A 10 3.62 -0.54 5.66
N LYS A 11 4.74 0.16 5.56
CA LYS A 11 5.89 -0.12 6.43
C LYS A 11 5.82 0.70 7.71
N ASN A 12 6.59 0.29 8.71
CA ASN A 12 6.61 0.98 9.99
C ASN A 12 5.33 0.73 10.77
N LEU A 13 4.95 -0.54 10.89
CA LEU A 13 3.75 -0.92 11.61
C LEU A 13 4.07 -1.35 13.04
N PRO A 14 3.07 -1.26 13.92
CA PRO A 14 3.23 -1.65 15.33
C PRO A 14 3.40 -3.16 15.51
N GLN A 15 3.25 -3.62 16.74
CA GLN A 15 3.37 -5.04 17.04
C GLN A 15 2.02 -5.74 17.03
N ASP A 16 0.97 -4.95 17.22
CA ASP A 16 -0.40 -5.48 17.23
C ASP A 16 -1.20 -4.94 16.05
N SER A 17 -0.52 -4.75 14.92
CA SER A 17 -1.17 -4.24 13.72
C SER A 17 -2.17 -5.25 13.18
N ASN A 18 -3.21 -4.74 12.51
CA ASN A 18 -4.24 -5.60 11.94
C ASN A 18 -4.97 -4.89 10.80
N CYS A 19 -5.66 -5.67 9.97
CA CYS A 19 -6.39 -5.11 8.84
C CYS A 19 -7.59 -4.29 9.32
N GLN A 20 -8.39 -4.89 10.20
CA GLN A 20 -9.57 -4.23 10.74
C GLN A 20 -9.28 -2.75 10.99
N GLU A 21 -8.04 -2.44 11.34
CA GLU A 21 -7.65 -1.05 11.62
C GLU A 21 -7.37 -0.31 10.31
N VAL A 22 -6.53 -0.89 9.46
CA VAL A 22 -6.19 -0.29 8.19
C VAL A 22 -7.41 -0.10 7.31
N HIS A 23 -8.13 -1.19 7.08
CA HIS A 23 -9.34 -1.16 6.26
C HIS A 23 -10.09 0.16 6.44
N ASP A 24 -10.31 0.54 7.70
CA ASP A 24 -11.00 1.78 8.01
C ASP A 24 -10.25 2.98 7.47
N LEU A 25 -8.95 3.02 7.74
CA LEU A 25 -8.11 4.12 7.28
C LEU A 25 -8.30 4.38 5.78
N LEU A 26 -8.16 3.32 4.99
CA LEU A 26 -8.32 3.42 3.53
C LEU A 26 -9.75 3.08 3.13
N LYS A 27 -10.70 3.37 4.02
CA LYS A 27 -12.11 3.09 3.74
C LYS A 27 -12.54 3.70 2.42
N ASP A 28 -12.14 4.94 2.18
CA ASP A 28 -12.49 5.64 0.95
C ASP A 28 -12.11 4.79 -0.27
N TYR A 29 -10.89 4.27 -0.28
CA TYR A 29 -10.42 3.45 -1.38
C TYR A 29 -10.86 2.00 -1.21
N ASP A 30 -11.07 1.32 -2.32
CA ASP A 30 -11.49 -0.09 -2.30
C ASP A 30 -10.31 -0.99 -1.98
N LEU A 31 -10.57 -2.03 -1.19
CA LEU A 31 -9.53 -2.98 -0.81
C LEU A 31 -9.79 -4.36 -1.41
N LYS A 32 -8.89 -4.80 -2.27
CA LYS A 32 -9.02 -6.11 -2.91
C LYS A 32 -8.36 -7.20 -2.08
N TYR A 33 -7.26 -6.85 -1.43
CA TYR A 33 -6.53 -7.80 -0.60
C TYR A 33 -5.67 -7.08 0.43
N CYS A 34 -5.67 -7.58 1.66
CA CYS A 34 -4.88 -6.99 2.74
C CYS A 34 -4.25 -8.06 3.60
N TYR A 35 -2.95 -7.94 3.82
CA TYR A 35 -2.21 -8.91 4.64
C TYR A 35 -1.28 -8.20 5.62
N VAL A 36 -1.59 -8.29 6.90
CA VAL A 36 -0.77 -7.67 7.93
C VAL A 36 0.17 -8.66 8.58
N ASP A 37 1.45 -8.32 8.61
CA ASP A 37 2.47 -9.19 9.20
C ASP A 37 3.15 -8.52 10.39
N ARG A 38 2.57 -8.70 11.57
CA ARG A 38 3.12 -8.11 12.79
C ARG A 38 4.58 -8.50 12.97
N ASN A 39 4.97 -9.64 12.39
CA ASN A 39 6.33 -10.12 12.49
C ASN A 39 7.30 -9.23 11.72
N LYS A 40 6.81 -8.67 10.61
CA LYS A 40 7.62 -7.79 9.79
C LYS A 40 7.03 -6.38 9.75
N ARG A 41 6.15 -6.09 10.69
CA ARG A 41 5.52 -4.78 10.77
C ARG A 41 5.30 -4.19 9.37
N THR A 42 4.62 -4.97 8.52
CA THR A 42 4.35 -4.53 7.15
C THR A 42 3.03 -5.12 6.64
N ALA A 43 2.17 -4.25 6.13
CA ALA A 43 0.88 -4.69 5.61
C ALA A 43 0.77 -4.39 4.11
N PHE A 44 0.42 -5.41 3.33
CA PHE A 44 0.28 -5.25 1.89
C PHE A 44 -1.17 -5.00 1.51
N VAL A 45 -1.43 -3.83 0.93
CA VAL A 45 -2.78 -3.45 0.52
C VAL A 45 -2.87 -3.30 -1.00
N THR A 46 -3.95 -3.81 -1.58
CA THR A 46 -4.15 -3.72 -3.01
C THR A 46 -5.38 -2.90 -3.36
N LEU A 47 -5.17 -1.65 -3.75
CA LEU A 47 -6.27 -0.76 -4.10
C LEU A 47 -6.85 -1.12 -5.47
N LEU A 48 -7.85 -0.36 -5.90
CA LEU A 48 -8.49 -0.59 -7.18
C LEU A 48 -7.53 -0.32 -8.33
N ASN A 49 -7.17 0.95 -8.50
CA ASN A 49 -6.25 1.35 -9.56
C ASN A 49 -5.05 2.09 -9.00
N GLY A 50 -4.14 2.50 -9.87
CA GLY A 50 -2.95 3.21 -9.44
C GLY A 50 -3.24 4.67 -9.13
N GLU A 51 -3.87 5.36 -10.09
CA GLU A 51 -4.20 6.78 -9.90
C GLU A 51 -4.67 7.05 -8.48
N GLN A 52 -5.45 6.13 -7.93
CA GLN A 52 -5.97 6.27 -6.58
C GLN A 52 -4.84 6.18 -5.55
N ALA A 53 -3.96 5.20 -5.74
CA ALA A 53 -2.85 5.00 -4.82
C ALA A 53 -1.87 6.17 -4.90
N GLN A 54 -1.47 6.52 -6.13
CA GLN A 54 -0.53 7.62 -6.34
C GLN A 54 -0.79 8.76 -5.36
N ASN A 55 -2.06 8.95 -5.01
CA ASN A 55 -2.44 10.00 -4.08
C ASN A 55 -2.49 9.48 -2.65
N ALA A 56 -3.34 8.48 -2.42
CA ALA A 56 -3.48 7.89 -1.09
C ALA A 56 -2.12 7.72 -0.42
N ILE A 57 -1.13 7.27 -1.18
CA ILE A 57 0.22 7.08 -0.65
C ILE A 57 0.64 8.26 0.20
N GLN A 58 0.73 9.44 -0.42
CA GLN A 58 1.12 10.65 0.28
C GLN A 58 0.03 11.12 1.24
N MET A 59 -1.19 11.19 0.73
CA MET A 59 -2.32 11.62 1.54
C MET A 59 -2.37 10.84 2.86
N PHE A 60 -1.73 9.68 2.89
CA PHE A 60 -1.69 8.85 4.07
C PHE A 60 -0.26 8.60 4.53
N HIS A 61 0.70 8.96 3.68
CA HIS A 61 2.10 8.78 4.00
C HIS A 61 2.44 9.36 5.37
N GLN A 62 3.26 8.63 6.12
CA GLN A 62 3.65 9.07 7.46
C GLN A 62 2.45 9.60 8.23
N TYR A 63 1.40 8.80 8.29
CA TYR A 63 0.18 9.19 9.00
C TYR A 63 0.28 8.84 10.48
N SER A 64 -0.54 9.50 11.29
CA SER A 64 -0.54 9.25 12.73
C SER A 64 -1.23 7.92 13.06
N PHE A 65 -0.44 6.94 13.45
CA PHE A 65 -0.97 5.62 13.78
C PHE A 65 -0.37 5.11 15.09
N ARG A 66 -1.15 5.19 16.16
CA ARG A 66 -0.70 4.75 17.47
C ARG A 66 0.70 5.28 17.78
N GLY A 67 0.97 6.51 17.33
CA GLY A 67 2.27 7.11 17.56
C GLY A 67 3.25 6.83 16.44
N LYS A 68 3.04 5.73 15.73
CA LYS A 68 3.91 5.35 14.63
C LYS A 68 3.47 6.02 13.33
N ASP A 69 4.44 6.35 12.47
CA ASP A 69 4.14 6.98 11.20
C ASP A 69 4.12 5.96 10.07
N LEU A 70 2.92 5.58 9.65
CA LEU A 70 2.76 4.60 8.58
C LEU A 70 3.44 5.08 7.30
N ILE A 71 4.27 4.21 6.72
CA ILE A 71 4.99 4.54 5.50
C ILE A 71 4.35 3.85 4.29
N VAL A 72 3.61 4.62 3.50
CA VAL A 72 2.96 4.09 2.31
C VAL A 72 3.82 4.28 1.07
N GLN A 73 4.07 3.19 0.35
CA GLN A 73 4.88 3.25 -0.86
C GLN A 73 4.30 2.35 -1.95
N LEU A 74 4.82 2.49 -3.16
CA LEU A 74 4.35 1.69 -4.29
C LEU A 74 4.98 0.30 -4.27
N GLN A 75 4.32 -0.65 -4.92
CA GLN A 75 4.82 -2.02 -4.98
C GLN A 75 4.70 -2.58 -6.39
N PRO A 76 5.54 -3.57 -6.71
CA PRO A 76 5.55 -4.20 -8.03
C PRO A 76 4.31 -5.06 -8.28
N THR A 77 3.45 -4.60 -9.17
CA THR A 77 2.22 -5.32 -9.49
C THR A 77 2.47 -6.39 -10.54
N ASP A 78 3.21 -6.03 -11.59
CA ASP A 78 3.51 -6.96 -12.66
C ASP A 78 4.37 -8.12 -12.15
N ALA A 79 4.13 -9.31 -12.68
CA ALA A 79 4.87 -10.49 -12.28
C ALA A 79 6.29 -10.47 -12.84
N LEU A 80 7.19 -9.79 -12.12
CA LEU A 80 8.57 -9.68 -12.55
C LEU A 80 9.52 -9.93 -11.38
N LEU A 81 10.33 -10.98 -11.48
CA LEU A 81 11.28 -11.32 -10.42
C LEU A 81 12.62 -10.65 -10.67
N CYS A 82 13.19 -10.89 -11.85
CA CYS A 82 14.48 -10.31 -12.21
C CYS A 82 14.38 -9.56 -13.53
N SER A 83 14.66 -8.26 -13.49
CA SER A 83 14.60 -7.42 -14.67
C SER A 83 15.07 -8.20 -15.91
N GLY A 84 14.23 -8.21 -16.94
CA GLY A 84 14.56 -8.91 -18.16
C GLY A 84 13.64 -8.57 -19.30
N PRO A 85 13.98 -9.03 -20.52
CA PRO A 85 13.18 -8.77 -21.72
C PRO A 85 11.85 -9.51 -21.70
N SER A 86 11.83 -10.66 -21.04
CA SER A 86 10.61 -11.45 -20.95
C SER A 86 9.37 -10.57 -20.88
N SER A 87 9.50 -9.44 -20.19
CA SER A 87 8.39 -8.50 -20.04
C SER A 87 8.85 -7.07 -20.33
N GLY A 88 8.56 -6.61 -21.55
CA GLY A 88 8.95 -5.27 -21.94
C GLY A 88 7.87 -4.55 -22.74
N GLY A 1 -2.84 4.13 -18.87
CA GLY A 1 -2.24 3.59 -17.67
C GLY A 1 -1.08 2.65 -17.97
N SER A 2 0.11 3.05 -17.54
CA SER A 2 1.32 2.25 -17.77
C SER A 2 1.26 0.96 -16.95
N SER A 3 1.09 1.10 -15.64
CA SER A 3 1.02 -0.05 -14.75
C SER A 3 0.17 0.26 -13.52
N GLY A 4 -0.89 -0.52 -13.34
CA GLY A 4 -1.77 -0.32 -12.20
C GLY A 4 -1.02 -0.32 -10.88
N SER A 5 -0.69 0.88 -10.39
CA SER A 5 0.04 1.01 -9.14
C SER A 5 -0.93 1.08 -7.95
N SER A 6 -1.99 0.28 -8.02
CA SER A 6 -2.98 0.25 -6.96
C SER A 6 -2.40 -0.29 -5.67
N GLY A 7 -1.64 -1.39 -5.78
CA GLY A 7 -1.03 -1.99 -4.61
C GLY A 7 -0.06 -1.06 -3.92
N ILE A 8 -0.09 -1.07 -2.59
CA ILE A 8 0.78 -0.21 -1.80
C ILE A 8 1.36 -0.96 -0.61
N LEU A 9 2.49 -0.49 -0.10
CA LEU A 9 3.15 -1.11 1.04
C LEU A 9 2.95 -0.28 2.30
N VAL A 10 2.57 -0.95 3.39
CA VAL A 10 2.33 -0.29 4.66
C VAL A 10 3.43 -0.64 5.67
N LYS A 11 4.51 0.13 5.66
CA LYS A 11 5.63 -0.09 6.57
C LYS A 11 5.49 0.76 7.83
N ASN A 12 6.27 0.43 8.85
CA ASN A 12 6.23 1.18 10.10
C ASN A 12 4.91 0.95 10.83
N LEU A 13 4.55 -0.31 11.01
CA LEU A 13 3.31 -0.67 11.71
C LEU A 13 3.57 -0.97 13.17
N PRO A 14 2.52 -0.83 14.00
CA PRO A 14 2.61 -1.08 15.44
C PRO A 14 2.78 -2.57 15.75
N GLN A 15 2.75 -2.91 17.04
CA GLN A 15 2.90 -4.29 17.47
C GLN A 15 1.57 -5.04 17.34
N ASP A 16 0.47 -4.32 17.53
CA ASP A 16 -0.85 -4.92 17.45
C ASP A 16 -1.54 -4.55 16.14
N SER A 17 -0.72 -4.26 15.12
CA SER A 17 -1.24 -3.89 13.81
C SER A 17 -2.12 -5.00 13.24
N ASN A 18 -3.21 -4.61 12.57
CA ASN A 18 -4.13 -5.57 11.99
C ASN A 18 -4.84 -4.96 10.78
N CYS A 19 -5.48 -5.81 9.98
CA CYS A 19 -6.20 -5.36 8.80
C CYS A 19 -7.37 -4.47 9.19
N GLN A 20 -8.27 -5.00 10.01
CA GLN A 20 -9.44 -4.25 10.45
C GLN A 20 -9.09 -2.79 10.71
N GLU A 21 -7.85 -2.57 11.17
CA GLU A 21 -7.39 -1.21 11.47
C GLU A 21 -7.14 -0.43 10.18
N VAL A 22 -6.33 -1.00 9.29
CA VAL A 22 -6.01 -0.35 8.02
C VAL A 22 -7.26 -0.19 7.16
N HIS A 23 -8.02 -1.27 7.01
CA HIS A 23 -9.24 -1.25 6.22
C HIS A 23 -10.01 0.04 6.44
N ASP A 24 -10.40 0.28 7.69
CA ASP A 24 -11.15 1.49 8.04
C ASP A 24 -10.36 2.74 7.67
N LEU A 25 -9.06 2.71 7.94
CA LEU A 25 -8.19 3.85 7.64
C LEU A 25 -8.26 4.20 6.15
N LEU A 26 -8.29 3.18 5.31
CA LEU A 26 -8.36 3.37 3.86
C LEU A 26 -9.76 3.07 3.33
N LYS A 27 -10.77 3.48 4.08
CA LYS A 27 -12.16 3.26 3.69
C LYS A 27 -12.47 3.97 2.37
N ASP A 28 -12.11 5.24 2.29
CA ASP A 28 -12.34 6.02 1.07
C ASP A 28 -12.04 5.20 -0.18
N TYR A 29 -10.90 4.52 -0.17
CA TYR A 29 -10.51 3.70 -1.31
C TYR A 29 -11.06 2.28 -1.19
N ASP A 30 -11.08 1.57 -2.30
CA ASP A 30 -11.58 0.20 -2.32
C ASP A 30 -10.46 -0.80 -2.09
N LEU A 31 -10.63 -1.66 -1.09
CA LEU A 31 -9.63 -2.67 -0.77
C LEU A 31 -9.99 -4.02 -1.36
N LYS A 32 -9.02 -4.66 -2.02
CA LYS A 32 -9.23 -5.95 -2.64
C LYS A 32 -8.62 -7.06 -1.80
N TYR A 33 -7.37 -6.88 -1.41
CA TYR A 33 -6.66 -7.87 -0.60
C TYR A 33 -5.73 -7.19 0.39
N CYS A 34 -5.74 -7.69 1.63
CA CYS A 34 -4.90 -7.13 2.69
C CYS A 34 -4.15 -8.24 3.43
N TYR A 35 -2.84 -8.08 3.56
CA TYR A 35 -2.01 -9.07 4.24
C TYR A 35 -1.09 -8.39 5.25
N VAL A 36 -1.49 -8.39 6.51
CA VAL A 36 -0.68 -7.78 7.57
C VAL A 36 0.39 -8.73 8.06
N ASP A 37 1.64 -8.27 8.05
CA ASP A 37 2.76 -9.09 8.50
C ASP A 37 3.46 -8.44 9.69
N ARG A 38 3.04 -8.81 10.90
CA ARG A 38 3.62 -8.27 12.12
C ARG A 38 5.11 -8.57 12.18
N ASN A 39 5.48 -9.80 11.85
CA ASN A 39 6.87 -10.23 11.88
C ASN A 39 7.76 -9.19 11.21
N LYS A 40 7.24 -8.54 10.17
CA LYS A 40 7.99 -7.52 9.45
C LYS A 40 7.24 -6.19 9.44
N ARG A 41 6.23 -6.09 10.30
CA ARG A 41 5.43 -4.87 10.41
C ARG A 41 5.19 -4.26 9.02
N THR A 42 4.66 -5.07 8.11
CA THR A 42 4.38 -4.63 6.76
C THR A 42 3.08 -5.23 6.23
N ALA A 43 2.10 -4.38 5.93
CA ALA A 43 0.81 -4.83 5.43
C ALA A 43 0.65 -4.45 3.96
N PHE A 44 0.37 -5.45 3.12
CA PHE A 44 0.18 -5.23 1.69
C PHE A 44 -1.28 -4.99 1.36
N VAL A 45 -1.57 -3.81 0.82
CA VAL A 45 -2.94 -3.46 0.45
C VAL A 45 -3.09 -3.27 -1.05
N THR A 46 -4.11 -3.87 -1.63
CA THR A 46 -4.36 -3.77 -3.06
C THR A 46 -5.60 -2.92 -3.35
N LEU A 47 -5.39 -1.71 -3.85
CA LEU A 47 -6.48 -0.80 -4.16
C LEU A 47 -7.12 -1.18 -5.50
N LEU A 48 -8.17 -0.45 -5.87
CA LEU A 48 -8.87 -0.70 -7.13
C LEU A 48 -7.98 -0.34 -8.31
N ASN A 49 -7.62 0.94 -8.41
CA ASN A 49 -6.78 1.40 -9.50
C ASN A 49 -5.49 2.04 -8.96
N GLY A 50 -4.57 2.34 -9.86
CA GLY A 50 -3.31 2.94 -9.46
C GLY A 50 -3.45 4.41 -9.13
N GLU A 51 -4.13 5.15 -9.99
CA GLU A 51 -4.33 6.58 -9.78
C GLU A 51 -4.79 6.86 -8.36
N GLN A 52 -5.57 5.94 -7.80
CA GLN A 52 -6.07 6.09 -6.45
C GLN A 52 -4.96 5.95 -5.43
N ALA A 53 -4.06 5.00 -5.66
CA ALA A 53 -2.94 4.76 -4.77
C ALA A 53 -1.91 5.89 -4.86
N GLN A 54 -1.52 6.22 -6.08
CA GLN A 54 -0.55 7.28 -6.31
C GLN A 54 -0.72 8.40 -5.29
N ASN A 55 -1.96 8.65 -4.89
CA ASN A 55 -2.25 9.69 -3.91
C ASN A 55 -2.34 9.13 -2.50
N ALA A 56 -3.22 8.15 -2.32
CA ALA A 56 -3.39 7.50 -1.02
C ALA A 56 -2.05 7.21 -0.37
N ILE A 57 -1.01 7.10 -1.19
CA ILE A 57 0.33 6.82 -0.70
C ILE A 57 0.91 8.01 0.06
N GLN A 58 1.31 9.04 -0.69
CA GLN A 58 1.88 10.23 -0.09
C GLN A 58 0.88 10.90 0.85
N MET A 59 -0.39 10.84 0.49
CA MET A 59 -1.44 11.44 1.30
C MET A 59 -1.42 10.88 2.72
N PHE A 60 -1.42 9.56 2.82
CA PHE A 60 -1.40 8.89 4.13
C PHE A 60 0.03 8.70 4.61
N HIS A 61 0.99 8.81 3.69
CA HIS A 61 2.40 8.64 4.03
C HIS A 61 2.77 9.49 5.23
N GLN A 62 3.38 8.84 6.23
CA GLN A 62 3.79 9.54 7.45
C GLN A 62 2.57 10.03 8.23
N TYR A 63 1.58 9.16 8.37
CA TYR A 63 0.36 9.51 9.09
C TYR A 63 0.41 9.00 10.53
N SER A 64 -0.24 9.72 11.43
CA SER A 64 -0.27 9.35 12.84
C SER A 64 -1.18 8.15 13.07
N PHE A 65 -0.60 7.07 13.60
CA PHE A 65 -1.35 5.85 13.87
C PHE A 65 -0.71 5.05 15.00
N ARG A 66 -1.36 5.07 16.16
CA ARG A 66 -0.86 4.35 17.33
C ARG A 66 0.48 4.93 17.78
N GLY A 67 0.70 6.20 17.50
CA GLY A 67 1.93 6.85 17.89
C GLY A 67 2.99 6.78 16.81
N LYS A 68 2.94 5.72 16.01
CA LYS A 68 3.90 5.52 14.92
C LYS A 68 3.44 6.23 13.65
N ASP A 69 4.36 6.41 12.71
CA ASP A 69 4.05 7.07 11.45
C ASP A 69 4.01 6.06 10.31
N LEU A 70 2.82 5.68 9.89
CA LEU A 70 2.65 4.73 8.79
C LEU A 70 3.38 5.19 7.53
N ILE A 71 4.20 4.32 6.97
CA ILE A 71 4.95 4.64 5.76
C ILE A 71 4.36 3.95 4.54
N VAL A 72 3.65 4.70 3.72
CA VAL A 72 3.03 4.16 2.52
C VAL A 72 3.92 4.37 1.30
N GLN A 73 4.19 3.29 0.58
CA GLN A 73 5.03 3.36 -0.61
C GLN A 73 4.51 2.44 -1.70
N LEU A 74 5.11 2.53 -2.89
CA LEU A 74 4.70 1.70 -4.02
C LEU A 74 5.20 0.27 -3.85
N GLN A 75 4.64 -0.64 -4.63
CA GLN A 75 5.03 -2.05 -4.58
C GLN A 75 6.18 -2.34 -5.53
N PRO A 76 7.10 -3.21 -5.11
CA PRO A 76 8.26 -3.59 -5.92
C PRO A 76 7.88 -4.43 -7.14
N THR A 77 8.87 -4.77 -7.96
CA THR A 77 8.63 -5.56 -9.16
C THR A 77 9.92 -6.23 -9.63
N ASP A 78 9.81 -7.48 -10.05
CA ASP A 78 10.97 -8.23 -10.53
C ASP A 78 10.72 -8.77 -11.93
N ALA A 79 10.19 -7.92 -12.81
CA ALA A 79 9.91 -8.30 -14.18
C ALA A 79 10.77 -7.52 -15.16
N LEU A 80 11.98 -8.02 -15.40
CA LEU A 80 12.91 -7.36 -16.32
C LEU A 80 12.27 -7.18 -17.69
N LEU A 81 11.31 -8.05 -18.02
CA LEU A 81 10.63 -7.98 -19.30
C LEU A 81 9.37 -7.11 -19.20
N CYS A 82 9.39 -6.18 -18.27
CA CYS A 82 8.25 -5.28 -18.07
C CYS A 82 7.62 -4.90 -19.41
N SER A 83 6.32 -5.16 -19.53
CA SER A 83 5.60 -4.86 -20.76
C SER A 83 4.97 -3.46 -20.70
N GLY A 84 4.38 -3.14 -19.54
CA GLY A 84 3.75 -1.86 -19.37
C GLY A 84 2.23 -1.94 -19.37
N PRO A 85 1.62 -1.54 -20.50
CA PRO A 85 0.16 -1.57 -20.66
C PRO A 85 -0.39 -2.99 -20.73
N SER A 86 0.51 -3.98 -20.63
CA SER A 86 0.10 -5.38 -20.69
C SER A 86 -0.53 -5.70 -22.05
N SER A 87 0.08 -5.19 -23.11
CA SER A 87 -0.42 -5.43 -24.47
C SER A 87 0.73 -5.51 -25.46
N GLY A 88 0.68 -6.52 -26.32
CA GLY A 88 1.72 -6.69 -27.32
C GLY A 88 2.07 -8.16 -27.56
N GLY A 1 -5.60 -3.27 -22.37
CA GLY A 1 -4.19 -3.40 -22.04
C GLY A 1 -3.89 -2.98 -20.61
N SER A 2 -2.68 -2.50 -20.38
CA SER A 2 -2.27 -2.08 -19.04
C SER A 2 -2.57 -0.59 -18.83
N SER A 3 -3.12 -0.27 -17.66
CA SER A 3 -3.45 1.11 -17.34
C SER A 3 -2.56 1.64 -16.20
N GLY A 4 -2.43 0.84 -15.15
CA GLY A 4 -1.61 1.24 -14.03
C GLY A 4 -1.37 0.09 -13.05
N SER A 5 -0.62 0.38 -11.99
CA SER A 5 -0.32 -0.63 -10.98
C SER A 5 -0.94 -0.26 -9.64
N SER A 6 -2.05 -0.92 -9.32
CA SER A 6 -2.75 -0.66 -8.06
C SER A 6 -2.15 -1.48 -6.92
N GLY A 7 -1.89 -0.83 -5.79
CA GLY A 7 -1.32 -1.52 -4.65
C GLY A 7 -0.28 -0.67 -3.93
N ILE A 8 -0.24 -0.79 -2.61
CA ILE A 8 0.71 -0.04 -1.81
C ILE A 8 1.20 -0.85 -0.62
N LEU A 9 2.34 -0.46 -0.07
CA LEU A 9 2.92 -1.16 1.08
C LEU A 9 2.75 -0.34 2.36
N VAL A 10 2.48 -1.02 3.46
CA VAL A 10 2.30 -0.36 4.75
C VAL A 10 3.42 -0.71 5.71
N LYS A 11 4.51 0.05 5.64
CA LYS A 11 5.66 -0.19 6.51
C LYS A 11 5.58 0.67 7.77
N ASN A 12 6.35 0.32 8.79
CA ASN A 12 6.36 1.05 10.04
C ASN A 12 5.08 0.82 10.83
N LEU A 13 4.64 -0.43 10.87
CA LEU A 13 3.42 -0.80 11.59
C LEU A 13 3.72 -1.03 13.07
N PRO A 14 2.67 -0.89 13.91
CA PRO A 14 2.80 -1.08 15.36
C PRO A 14 3.03 -2.55 15.73
N GLN A 15 2.85 -2.86 17.01
CA GLN A 15 3.04 -4.23 17.49
C GLN A 15 1.73 -5.01 17.41
N ASP A 16 0.62 -4.32 17.58
CA ASP A 16 -0.70 -4.96 17.53
C ASP A 16 -1.44 -4.55 16.26
N SER A 17 -0.70 -4.40 15.17
CA SER A 17 -1.28 -4.02 13.89
C SER A 17 -2.24 -5.09 13.39
N ASN A 18 -3.18 -4.70 12.54
CA ASN A 18 -4.16 -5.63 12.00
C ASN A 18 -4.81 -5.05 10.74
N CYS A 19 -5.44 -5.92 9.96
CA CYS A 19 -6.12 -5.50 8.73
C CYS A 19 -7.37 -4.70 9.04
N GLN A 20 -8.32 -5.35 9.72
CA GLN A 20 -9.57 -4.70 10.08
C GLN A 20 -9.36 -3.21 10.38
N GLU A 21 -8.26 -2.92 11.08
CA GLU A 21 -7.94 -1.54 11.43
C GLU A 21 -7.64 -0.71 10.18
N VAL A 22 -6.72 -1.21 9.36
CA VAL A 22 -6.35 -0.52 8.13
C VAL A 22 -7.54 -0.38 7.19
N HIS A 23 -8.19 -1.48 6.90
CA HIS A 23 -9.35 -1.48 6.01
C HIS A 23 -10.20 -0.23 6.24
N ASP A 24 -10.60 -0.02 7.49
CA ASP A 24 -11.43 1.14 7.84
C ASP A 24 -10.67 2.44 7.59
N LEU A 25 -9.39 2.44 7.93
CA LEU A 25 -8.56 3.63 7.73
C LEU A 25 -8.56 4.06 6.28
N LEU A 26 -8.43 3.09 5.38
CA LEU A 26 -8.41 3.37 3.94
C LEU A 26 -9.81 3.20 3.34
N LYS A 27 -10.83 3.42 4.15
CA LYS A 27 -12.21 3.29 3.70
C LYS A 27 -12.43 4.04 2.39
N ASP A 28 -11.85 5.23 2.30
CA ASP A 28 -11.99 6.05 1.09
C ASP A 28 -11.77 5.21 -0.16
N TYR A 29 -10.66 4.48 -0.18
CA TYR A 29 -10.32 3.64 -1.33
C TYR A 29 -10.81 2.21 -1.11
N ASP A 30 -11.00 1.48 -2.21
CA ASP A 30 -11.45 0.09 -2.14
C ASP A 30 -10.28 -0.86 -1.90
N LEU A 31 -10.47 -1.80 -0.99
CA LEU A 31 -9.44 -2.78 -0.67
C LEU A 31 -9.81 -4.16 -1.20
N LYS A 32 -8.95 -4.69 -2.07
CA LYS A 32 -9.18 -6.01 -2.65
C LYS A 32 -8.58 -7.11 -1.76
N TYR A 33 -7.29 -7.00 -1.48
CA TYR A 33 -6.60 -7.98 -0.66
C TYR A 33 -5.67 -7.29 0.34
N CYS A 34 -5.64 -7.81 1.56
CA CYS A 34 -4.79 -7.25 2.61
C CYS A 34 -4.03 -8.35 3.34
N TYR A 35 -2.71 -8.19 3.40
CA TYR A 35 -1.86 -9.18 4.07
C TYR A 35 -1.01 -8.52 5.16
N VAL A 36 -1.44 -8.68 6.41
CA VAL A 36 -0.73 -8.11 7.54
C VAL A 36 0.33 -9.07 8.08
N ASP A 37 1.56 -8.58 8.19
CA ASP A 37 2.66 -9.40 8.68
C ASP A 37 3.27 -8.79 9.93
N ARG A 38 2.83 -9.27 11.09
CA ARG A 38 3.33 -8.76 12.37
C ARG A 38 4.83 -8.95 12.47
N ASN A 39 5.31 -10.12 12.05
CA ASN A 39 6.74 -10.42 12.10
C ASN A 39 7.56 -9.30 11.46
N LYS A 40 7.05 -8.76 10.35
CA LYS A 40 7.72 -7.69 9.64
C LYS A 40 6.93 -6.39 9.73
N ARG A 41 5.97 -6.34 10.65
CA ARG A 41 5.13 -5.16 10.84
C ARG A 41 4.88 -4.47 9.50
N THR A 42 4.36 -5.22 8.53
CA THR A 42 4.08 -4.68 7.21
C THR A 42 2.79 -5.27 6.64
N ALA A 43 1.93 -4.40 6.11
CA ALA A 43 0.66 -4.83 5.53
C ALA A 43 0.57 -4.45 4.06
N PHE A 44 0.30 -5.44 3.22
CA PHE A 44 0.19 -5.22 1.78
C PHE A 44 -1.27 -4.95 1.39
N VAL A 45 -1.53 -3.72 0.94
CA VAL A 45 -2.87 -3.34 0.52
C VAL A 45 -2.97 -3.23 -1.00
N THR A 46 -3.90 -3.98 -1.58
CA THR A 46 -4.10 -3.97 -3.02
C THR A 46 -5.29 -3.11 -3.40
N LEU A 47 -5.02 -1.90 -3.90
CA LEU A 47 -6.08 -0.98 -4.31
C LEU A 47 -6.67 -1.40 -5.65
N LEU A 48 -7.73 -0.72 -6.05
CA LEU A 48 -8.40 -1.01 -7.31
C LEU A 48 -7.59 -0.50 -8.49
N ASN A 49 -7.34 0.81 -8.51
CA ASN A 49 -6.57 1.43 -9.58
C ASN A 49 -5.29 2.06 -9.04
N GLY A 50 -4.32 2.24 -9.92
CA GLY A 50 -3.05 2.84 -9.52
C GLY A 50 -3.20 4.28 -9.09
N GLU A 51 -3.89 5.06 -9.91
CA GLU A 51 -4.10 6.48 -9.61
C GLU A 51 -4.46 6.68 -8.15
N GLN A 52 -5.39 5.87 -7.65
CA GLN A 52 -5.82 5.96 -6.26
C GLN A 52 -4.63 5.92 -5.32
N ALA A 53 -3.72 4.97 -5.55
CA ALA A 53 -2.54 4.84 -4.72
C ALA A 53 -1.62 6.04 -4.86
N GLN A 54 -1.33 6.42 -6.12
CA GLN A 54 -0.46 7.55 -6.39
C GLN A 54 -0.65 8.64 -5.34
N ASN A 55 -1.90 8.88 -4.97
CA ASN A 55 -2.22 9.91 -3.98
C ASN A 55 -2.24 9.31 -2.57
N ALA A 56 -3.02 8.25 -2.40
CA ALA A 56 -3.13 7.59 -1.09
C ALA A 56 -1.75 7.40 -0.46
N ILE A 57 -0.72 7.32 -1.30
CA ILE A 57 0.64 7.13 -0.82
C ILE A 57 1.07 8.31 0.06
N GLN A 58 1.20 9.48 -0.55
CA GLN A 58 1.60 10.68 0.18
C GLN A 58 0.51 11.12 1.15
N MET A 59 -0.72 11.11 0.68
CA MET A 59 -1.86 11.52 1.49
C MET A 59 -1.78 10.88 2.88
N PHE A 60 -1.42 9.60 2.92
CA PHE A 60 -1.31 8.87 4.18
C PHE A 60 0.12 8.92 4.71
N HIS A 61 1.09 8.92 3.78
CA HIS A 61 2.50 8.96 4.15
C HIS A 61 2.71 9.85 5.38
N GLN A 62 3.34 9.29 6.41
CA GLN A 62 3.61 10.04 7.63
C GLN A 62 2.31 10.37 8.36
N TYR A 63 1.39 9.41 8.39
CA TYR A 63 0.10 9.61 9.05
C TYR A 63 0.21 9.31 10.54
N SER A 64 -0.76 9.80 11.30
CA SER A 64 -0.78 9.58 12.75
C SER A 64 -1.45 8.26 13.09
N PHE A 65 -0.66 7.30 13.56
CA PHE A 65 -1.18 5.99 13.94
C PHE A 65 -0.32 5.35 15.01
N ARG A 66 -0.89 5.16 16.20
CA ARG A 66 -0.17 4.56 17.30
C ARG A 66 1.15 5.27 17.57
N GLY A 67 1.12 6.60 17.46
CA GLY A 67 2.31 7.39 17.68
C GLY A 67 3.43 7.01 16.74
N LYS A 68 3.07 6.46 15.58
CA LYS A 68 4.06 6.06 14.59
C LYS A 68 3.85 6.80 13.28
N ASP A 69 4.84 6.74 12.39
CA ASP A 69 4.77 7.41 11.11
C ASP A 69 4.63 6.40 9.97
N LEU A 70 3.48 5.74 9.90
CA LEU A 70 3.22 4.75 8.87
C LEU A 70 3.83 5.18 7.53
N ILE A 71 4.66 4.31 6.96
CA ILE A 71 5.30 4.61 5.68
C ILE A 71 4.59 3.89 4.53
N VAL A 72 3.84 4.65 3.74
CA VAL A 72 3.13 4.08 2.60
C VAL A 72 3.93 4.23 1.31
N GLN A 73 3.99 3.15 0.54
CA GLN A 73 4.73 3.16 -0.72
C GLN A 73 3.89 2.56 -1.85
N LEU A 74 4.39 2.67 -3.07
CA LEU A 74 3.69 2.15 -4.23
C LEU A 74 4.18 0.75 -4.59
N GLN A 75 3.25 -0.20 -4.72
CA GLN A 75 3.60 -1.57 -5.06
C GLN A 75 4.32 -1.63 -6.39
N PRO A 76 5.34 -2.50 -6.47
CA PRO A 76 6.13 -2.69 -7.69
C PRO A 76 5.33 -3.37 -8.81
N THR A 77 5.88 -3.35 -10.02
CA THR A 77 5.23 -3.97 -11.16
C THR A 77 6.22 -4.72 -12.03
N ASP A 78 5.89 -5.95 -12.37
CA ASP A 78 6.77 -6.78 -13.21
C ASP A 78 6.94 -6.17 -14.59
N ALA A 79 5.83 -5.91 -15.26
CA ALA A 79 5.86 -5.31 -16.60
C ALA A 79 6.67 -4.02 -16.60
N LEU A 80 7.80 -4.03 -17.29
CA LEU A 80 8.66 -2.86 -17.38
C LEU A 80 8.60 -2.25 -18.77
N LEU A 81 7.91 -1.12 -18.87
CA LEU A 81 7.78 -0.42 -20.15
C LEU A 81 7.26 0.99 -19.95
N CYS A 82 7.76 1.93 -20.75
CA CYS A 82 7.35 3.32 -20.66
C CYS A 82 5.97 3.52 -21.30
N SER A 83 5.27 4.56 -20.85
CA SER A 83 3.94 4.85 -21.36
C SER A 83 3.90 6.26 -21.97
N GLY A 84 4.51 7.21 -21.28
CA GLY A 84 4.53 8.57 -21.77
C GLY A 84 4.36 9.59 -20.65
N PRO A 85 3.91 10.81 -21.02
CA PRO A 85 3.70 11.89 -20.05
C PRO A 85 2.52 11.62 -19.13
N SER A 86 1.79 10.53 -19.40
CA SER A 86 0.64 10.16 -18.59
C SER A 86 1.05 9.86 -17.15
N SER A 87 1.89 8.85 -16.99
CA SER A 87 2.36 8.44 -15.67
C SER A 87 3.04 9.61 -14.96
N GLY A 88 2.43 10.04 -13.85
CA GLY A 88 2.98 11.15 -13.09
C GLY A 88 2.46 12.49 -13.57
N GLY A 1 0.83 4.62 -21.86
CA GLY A 1 0.68 5.33 -20.60
C GLY A 1 0.70 4.40 -19.40
N SER A 2 -0.30 4.52 -18.54
CA SER A 2 -0.39 3.69 -17.35
C SER A 2 -1.17 2.40 -17.64
N SER A 3 -0.90 1.37 -16.86
CA SER A 3 -1.57 0.09 -17.03
C SER A 3 -2.27 -0.34 -15.74
N GLY A 4 -1.79 0.18 -14.62
CA GLY A 4 -2.37 -0.16 -13.33
C GLY A 4 -1.58 0.42 -12.16
N SER A 5 -0.45 -0.22 -11.86
CA SER A 5 0.40 0.22 -10.77
C SER A 5 -0.42 0.45 -9.50
N SER A 6 -1.41 -0.41 -9.28
CA SER A 6 -2.28 -0.30 -8.11
C SER A 6 -1.73 -1.11 -6.95
N GLY A 7 -1.72 -0.51 -5.76
CA GLY A 7 -1.22 -1.20 -4.58
C GLY A 7 -0.27 -0.34 -3.77
N ILE A 8 -0.24 -0.57 -2.46
CA ILE A 8 0.63 0.19 -1.57
C ILE A 8 1.16 -0.68 -0.45
N LEU A 9 2.34 -0.33 0.06
CA LEU A 9 2.97 -1.08 1.13
C LEU A 9 2.88 -0.32 2.46
N VAL A 10 2.37 -0.99 3.48
CA VAL A 10 2.22 -0.38 4.80
C VAL A 10 3.39 -0.75 5.70
N LYS A 11 4.39 0.13 5.74
CA LYS A 11 5.57 -0.11 6.57
C LYS A 11 5.50 0.71 7.86
N ASN A 12 6.29 0.30 8.86
CA ASN A 12 6.31 0.99 10.14
C ASN A 12 5.00 0.79 10.89
N LEU A 13 4.61 -0.48 11.07
CA LEU A 13 3.38 -0.81 11.78
C LEU A 13 3.64 -1.01 13.26
N PRO A 14 2.61 -0.79 14.08
CA PRO A 14 2.71 -0.94 15.54
C PRO A 14 2.83 -2.40 15.96
N GLN A 15 2.61 -2.67 17.23
CA GLN A 15 2.70 -4.04 17.76
C GLN A 15 1.36 -4.77 17.62
N ASP A 16 0.28 -4.00 17.61
CA ASP A 16 -1.05 -4.57 17.48
C ASP A 16 -1.68 -4.20 16.15
N SER A 17 -0.84 -4.09 15.12
CA SER A 17 -1.32 -3.74 13.78
C SER A 17 -2.12 -4.89 13.17
N ASN A 18 -3.14 -4.53 12.40
CA ASN A 18 -3.98 -5.53 11.76
C ASN A 18 -4.74 -4.93 10.57
N CYS A 19 -5.37 -5.78 9.77
CA CYS A 19 -6.11 -5.34 8.60
C CYS A 19 -7.24 -4.39 9.02
N GLN A 20 -8.20 -4.90 9.78
CA GLN A 20 -9.32 -4.10 10.25
C GLN A 20 -8.90 -2.66 10.52
N GLU A 21 -7.71 -2.50 11.12
CA GLU A 21 -7.19 -1.19 11.43
C GLU A 21 -6.95 -0.37 10.15
N VAL A 22 -6.21 -0.94 9.23
CA VAL A 22 -5.91 -0.28 7.96
C VAL A 22 -7.17 -0.04 7.15
N HIS A 23 -8.00 -1.08 7.05
CA HIS A 23 -9.25 -0.99 6.30
C HIS A 23 -9.94 0.35 6.54
N ASP A 24 -10.34 0.58 7.79
CA ASP A 24 -11.00 1.83 8.15
C ASP A 24 -10.20 3.03 7.67
N LEU A 25 -8.89 3.01 7.91
CA LEU A 25 -8.02 4.10 7.51
C LEU A 25 -8.14 4.36 6.01
N LEU A 26 -8.13 3.29 5.22
CA LEU A 26 -8.24 3.41 3.77
C LEU A 26 -9.64 3.03 3.30
N LYS A 27 -10.64 3.48 4.04
CA LYS A 27 -12.03 3.20 3.70
C LYS A 27 -12.40 3.84 2.36
N ASP A 28 -12.00 5.09 2.18
CA ASP A 28 -12.28 5.82 0.95
C ASP A 28 -11.95 4.96 -0.28
N TYR A 29 -10.78 4.33 -0.25
CA TYR A 29 -10.35 3.48 -1.36
C TYR A 29 -10.82 2.04 -1.16
N ASP A 30 -11.08 1.36 -2.27
CA ASP A 30 -11.53 -0.03 -2.22
C ASP A 30 -10.35 -0.98 -2.10
N LEU A 31 -10.40 -1.86 -1.10
CA LEU A 31 -9.33 -2.82 -0.88
C LEU A 31 -9.70 -4.19 -1.45
N LYS A 32 -8.83 -4.72 -2.31
CA LYS A 32 -9.06 -6.02 -2.92
C LYS A 32 -8.50 -7.14 -2.06
N TYR A 33 -7.31 -6.91 -1.50
CA TYR A 33 -6.66 -7.89 -0.65
C TYR A 33 -5.81 -7.21 0.42
N CYS A 34 -5.93 -7.70 1.65
CA CYS A 34 -5.18 -7.15 2.77
C CYS A 34 -4.47 -8.24 3.56
N TYR A 35 -3.15 -8.18 3.61
CA TYR A 35 -2.36 -9.17 4.32
C TYR A 35 -1.38 -8.50 5.29
N VAL A 36 -1.53 -8.78 6.58
CA VAL A 36 -0.66 -8.21 7.59
C VAL A 36 0.48 -9.16 7.93
N ASP A 37 1.70 -8.61 7.96
CA ASP A 37 2.88 -9.41 8.27
C ASP A 37 3.57 -8.88 9.53
N ARG A 38 3.17 -9.41 10.68
CA ARG A 38 3.74 -9.00 11.95
C ARG A 38 5.25 -9.24 11.98
N ASN A 39 5.67 -10.39 11.45
CA ASN A 39 7.07 -10.75 11.40
C ASN A 39 7.91 -9.58 10.88
N LYS A 40 7.42 -8.93 9.83
CA LYS A 40 8.12 -7.80 9.23
C LYS A 40 7.35 -6.50 9.47
N ARG A 41 6.36 -6.55 10.35
CA ARG A 41 5.55 -5.38 10.66
C ARG A 41 5.21 -4.61 9.39
N THR A 42 4.63 -5.31 8.42
CA THR A 42 4.25 -4.70 7.15
C THR A 42 3.01 -5.36 6.58
N ALA A 43 2.05 -4.54 6.14
CA ALA A 43 0.81 -5.05 5.56
C ALA A 43 0.68 -4.63 4.10
N PHE A 44 0.41 -5.60 3.24
CA PHE A 44 0.27 -5.33 1.81
C PHE A 44 -1.20 -5.08 1.46
N VAL A 45 -1.48 -3.91 0.88
CA VAL A 45 -2.83 -3.54 0.50
C VAL A 45 -2.93 -3.32 -1.01
N THR A 46 -3.87 -4.02 -1.64
CA THR A 46 -4.06 -3.90 -3.08
C THR A 46 -5.33 -3.11 -3.40
N LEU A 47 -5.15 -1.84 -3.77
CA LEU A 47 -6.27 -0.97 -4.09
C LEU A 47 -6.91 -1.38 -5.41
N LEU A 48 -7.94 -0.65 -5.82
CA LEU A 48 -8.64 -0.94 -7.07
C LEU A 48 -7.79 -0.52 -8.27
N ASN A 49 -7.49 0.77 -8.35
CA ASN A 49 -6.70 1.31 -9.44
C ASN A 49 -5.44 1.99 -8.92
N GLY A 50 -4.58 2.44 -9.84
CA GLY A 50 -3.36 3.11 -9.45
C GLY A 50 -3.60 4.54 -9.01
N GLU A 51 -4.20 5.34 -9.88
CA GLU A 51 -4.48 6.74 -9.58
C GLU A 51 -4.89 6.90 -8.13
N GLN A 52 -5.65 5.94 -7.62
CA GLN A 52 -6.13 5.97 -6.24
C GLN A 52 -4.96 5.84 -5.27
N ALA A 53 -4.08 4.88 -5.54
CA ALA A 53 -2.91 4.65 -4.69
C ALA A 53 -1.89 5.77 -4.83
N GLN A 54 -1.52 6.05 -6.08
CA GLN A 54 -0.53 7.10 -6.36
C GLN A 54 -0.69 8.26 -5.37
N ASN A 55 -1.93 8.54 -4.99
CA ASN A 55 -2.21 9.62 -4.05
C ASN A 55 -2.29 9.10 -2.62
N ALA A 56 -3.13 8.10 -2.40
CA ALA A 56 -3.30 7.52 -1.08
C ALA A 56 -1.94 7.27 -0.42
N ILE A 57 -0.93 7.01 -1.23
CA ILE A 57 0.42 6.75 -0.72
C ILE A 57 0.94 7.96 0.05
N GLN A 58 1.26 9.03 -0.67
CA GLN A 58 1.77 10.25 -0.04
C GLN A 58 0.72 10.88 0.87
N MET A 59 -0.52 10.93 0.38
CA MET A 59 -1.61 11.51 1.15
C MET A 59 -1.65 10.92 2.57
N PHE A 60 -1.29 9.65 2.68
CA PHE A 60 -1.29 8.98 3.97
C PHE A 60 0.14 8.78 4.47
N HIS A 61 1.10 8.88 3.57
CA HIS A 61 2.50 8.72 3.93
C HIS A 61 2.86 9.54 5.16
N GLN A 62 3.47 8.91 6.14
CA GLN A 62 3.86 9.58 7.37
C GLN A 62 2.63 10.05 8.14
N TYR A 63 1.63 9.20 8.22
CA TYR A 63 0.40 9.52 8.93
C TYR A 63 0.45 9.04 10.37
N SER A 64 -0.24 9.75 11.25
CA SER A 64 -0.27 9.40 12.67
C SER A 64 -1.17 8.20 12.92
N PHE A 65 -0.63 7.17 13.54
CA PHE A 65 -1.39 5.95 13.84
C PHE A 65 -0.77 5.19 15.01
N ARG A 66 -1.43 5.27 16.16
CA ARG A 66 -0.96 4.58 17.35
C ARG A 66 0.37 5.18 17.82
N GLY A 67 0.59 6.44 17.49
CA GLY A 67 1.83 7.11 17.87
C GLY A 67 2.92 6.97 16.83
N LYS A 68 2.83 5.92 16.02
CA LYS A 68 3.82 5.66 14.97
C LYS A 68 3.42 6.36 13.67
N ASP A 69 4.40 6.61 12.82
CA ASP A 69 4.15 7.27 11.55
C ASP A 69 4.07 6.24 10.42
N LEU A 70 2.84 5.85 10.08
CA LEU A 70 2.63 4.88 9.03
C LEU A 70 3.29 5.32 7.73
N ILE A 71 4.13 4.46 7.17
CA ILE A 71 4.83 4.76 5.93
C ILE A 71 4.19 4.03 4.75
N VAL A 72 3.47 4.77 3.92
CA VAL A 72 2.82 4.20 2.75
C VAL A 72 3.67 4.38 1.50
N GLN A 73 3.93 3.29 0.80
CA GLN A 73 4.73 3.32 -0.42
C GLN A 73 4.05 2.56 -1.55
N LEU A 74 4.63 2.62 -2.74
CA LEU A 74 4.07 1.94 -3.90
C LEU A 74 4.70 0.55 -4.07
N GLN A 75 4.00 -0.33 -4.78
CA GLN A 75 4.48 -1.67 -5.02
C GLN A 75 5.44 -1.71 -6.20
N PRO A 76 6.47 -2.57 -6.10
CA PRO A 76 7.47 -2.72 -7.16
C PRO A 76 6.91 -3.40 -8.40
N THR A 77 6.61 -2.59 -9.42
CA THR A 77 6.06 -3.10 -10.66
C THR A 77 6.63 -4.48 -10.99
N ASP A 78 5.74 -5.48 -11.03
CA ASP A 78 6.15 -6.85 -11.32
C ASP A 78 7.02 -6.90 -12.58
N ALA A 79 6.47 -6.42 -13.69
CA ALA A 79 7.19 -6.40 -14.96
C ALA A 79 7.78 -5.03 -15.24
N LEU A 80 8.93 -5.01 -15.91
CA LEU A 80 9.61 -3.76 -16.24
C LEU A 80 9.07 -3.19 -17.55
N LEU A 81 8.51 -4.06 -18.39
CA LEU A 81 7.97 -3.64 -19.67
C LEU A 81 6.81 -4.53 -20.08
N CYS A 82 6.01 -4.05 -21.03
CA CYS A 82 4.85 -4.81 -21.51
C CYS A 82 5.26 -6.22 -21.92
N SER A 83 4.98 -7.18 -21.05
CA SER A 83 5.32 -8.57 -21.32
C SER A 83 4.07 -9.44 -21.39
N GLY A 84 3.91 -10.15 -22.51
CA GLY A 84 2.76 -11.01 -22.68
C GLY A 84 1.45 -10.25 -22.55
N PRO A 85 1.01 -9.61 -23.64
CA PRO A 85 -0.23 -8.84 -23.66
C PRO A 85 -1.46 -9.73 -23.57
N SER A 86 -2.55 -9.18 -23.02
CA SER A 86 -3.79 -9.92 -22.87
C SER A 86 -4.60 -9.89 -24.17
N SER A 87 -5.73 -10.60 -24.17
CA SER A 87 -6.59 -10.65 -25.34
C SER A 87 -8.06 -10.67 -24.94
N GLY A 88 -8.92 -10.21 -25.84
CA GLY A 88 -10.35 -10.18 -25.55
C GLY A 88 -11.18 -9.96 -26.80
N GLY A 1 -9.75 -6.25 -11.30
CA GLY A 1 -9.12 -6.09 -10.00
C GLY A 1 -7.61 -5.95 -10.10
N SER A 2 -6.99 -6.85 -10.84
CA SER A 2 -5.54 -6.83 -11.01
C SER A 2 -5.14 -6.08 -12.28
N SER A 3 -5.09 -4.75 -12.19
CA SER A 3 -4.73 -3.92 -13.32
C SER A 3 -4.04 -2.65 -12.87
N GLY A 4 -3.39 -1.96 -13.81
CA GLY A 4 -2.69 -0.73 -13.48
C GLY A 4 -1.68 -0.92 -12.36
N SER A 5 -0.94 0.14 -12.06
CA SER A 5 0.07 0.08 -11.01
C SER A 5 -0.57 0.31 -9.64
N SER A 6 -1.66 -0.40 -9.39
CA SER A 6 -2.37 -0.30 -8.12
C SER A 6 -1.66 -1.10 -7.03
N GLY A 7 -1.98 -0.79 -5.77
CA GLY A 7 -1.37 -1.50 -4.66
C GLY A 7 -0.33 -0.67 -3.94
N ILE A 8 -0.31 -0.76 -2.62
CA ILE A 8 0.64 -0.01 -1.82
C ILE A 8 1.18 -0.85 -0.66
N LEU A 9 2.40 -0.55 -0.23
CA LEU A 9 3.03 -1.27 0.87
C LEU A 9 2.98 -0.47 2.16
N VAL A 10 2.54 -1.11 3.24
CA VAL A 10 2.46 -0.45 4.53
C VAL A 10 3.62 -0.84 5.44
N LYS A 11 4.62 0.04 5.52
CA LYS A 11 5.79 -0.22 6.35
C LYS A 11 5.77 0.65 7.60
N ASN A 12 6.49 0.21 8.63
CA ASN A 12 6.54 0.96 9.89
C ASN A 12 5.25 0.80 10.68
N LEU A 13 4.78 -0.44 10.79
CA LEU A 13 3.56 -0.73 11.52
C LEU A 13 3.84 -0.97 13.00
N PRO A 14 2.81 -0.78 13.84
CA PRO A 14 2.93 -0.98 15.29
C PRO A 14 3.10 -2.45 15.66
N GLN A 15 2.88 -2.76 16.94
CA GLN A 15 2.99 -4.13 17.42
C GLN A 15 1.65 -4.84 17.35
N ASP A 16 0.57 -4.11 17.65
CA ASP A 16 -0.76 -4.68 17.62
C ASP A 16 -1.50 -4.31 16.32
N SER A 17 -0.73 -4.17 15.25
CA SER A 17 -1.29 -3.80 13.95
C SER A 17 -2.15 -4.94 13.39
N ASN A 18 -3.15 -4.59 12.61
CA ASN A 18 -4.04 -5.58 12.01
C ASN A 18 -4.81 -4.97 10.83
N CYS A 19 -5.46 -5.83 10.06
CA CYS A 19 -6.23 -5.39 8.91
C CYS A 19 -7.50 -4.66 9.34
N GLN A 20 -8.34 -5.36 10.10
CA GLN A 20 -9.59 -4.79 10.59
C GLN A 20 -9.41 -3.29 10.87
N GLU A 21 -8.24 -2.91 11.35
CA GLU A 21 -7.95 -1.51 11.66
C GLU A 21 -7.71 -0.71 10.38
N VAL A 22 -6.84 -1.24 9.51
CA VAL A 22 -6.53 -0.58 8.26
C VAL A 22 -7.76 -0.46 7.37
N HIS A 23 -8.49 -1.56 7.22
CA HIS A 23 -9.68 -1.58 6.41
C HIS A 23 -10.46 -0.27 6.54
N ASP A 24 -10.90 0.03 7.77
CA ASP A 24 -11.64 1.24 8.04
C ASP A 24 -10.85 2.48 7.63
N LEU A 25 -9.56 2.48 7.94
CA LEU A 25 -8.69 3.60 7.61
C LEU A 25 -8.73 3.89 6.11
N LEU A 26 -8.56 2.85 5.31
CA LEU A 26 -8.58 2.99 3.85
C LEU A 26 -9.96 2.69 3.30
N LYS A 27 -10.99 3.18 3.99
CA LYS A 27 -12.37 2.96 3.56
C LYS A 27 -12.67 3.73 2.27
N ASP A 28 -12.19 4.97 2.20
CA ASP A 28 -12.41 5.81 1.03
C ASP A 28 -12.05 5.05 -0.24
N TYR A 29 -10.88 4.41 -0.25
CA TYR A 29 -10.43 3.65 -1.41
C TYR A 29 -10.91 2.21 -1.34
N ASP A 30 -10.79 1.50 -2.45
CA ASP A 30 -11.21 0.11 -2.53
C ASP A 30 -10.07 -0.83 -2.15
N LEU A 31 -10.38 -1.84 -1.36
CA LEU A 31 -9.37 -2.81 -0.93
C LEU A 31 -9.67 -4.19 -1.51
N LYS A 32 -8.70 -4.73 -2.25
CA LYS A 32 -8.84 -6.04 -2.86
C LYS A 32 -8.25 -7.12 -1.98
N TYR A 33 -7.08 -6.85 -1.41
CA TYR A 33 -6.41 -7.80 -0.54
C TYR A 33 -5.62 -7.09 0.55
N CYS A 34 -5.74 -7.57 1.78
CA CYS A 34 -5.04 -6.97 2.91
C CYS A 34 -4.35 -8.04 3.75
N TYR A 35 -3.04 -8.13 3.63
CA TYR A 35 -2.25 -9.12 4.38
C TYR A 35 -1.28 -8.43 5.34
N VAL A 36 -1.53 -8.58 6.64
CA VAL A 36 -0.67 -7.98 7.65
C VAL A 36 0.27 -9.02 8.26
N ASP A 37 1.52 -8.61 8.48
CA ASP A 37 2.52 -9.49 9.06
C ASP A 37 3.04 -8.95 10.38
N ARG A 38 3.19 -9.83 11.37
CA ARG A 38 3.67 -9.43 12.68
C ARG A 38 5.20 -9.50 12.74
N ASN A 39 5.78 -10.40 11.95
CA ASN A 39 7.22 -10.56 11.91
C ASN A 39 7.86 -9.52 11.00
N LYS A 40 7.16 -9.15 9.94
CA LYS A 40 7.65 -8.16 9.00
C LYS A 40 7.00 -6.81 9.22
N ARG A 41 6.03 -6.77 10.13
CA ARG A 41 5.32 -5.53 10.45
C ARG A 41 4.97 -4.77 9.18
N THR A 42 4.45 -5.49 8.18
CA THR A 42 4.08 -4.88 6.91
C THR A 42 2.71 -5.36 6.46
N ALA A 43 1.91 -4.44 5.93
CA ALA A 43 0.57 -4.77 5.44
C ALA A 43 0.42 -4.46 3.96
N PHE A 44 0.16 -5.48 3.16
CA PHE A 44 0.01 -5.31 1.72
C PHE A 44 -1.45 -5.02 1.37
N VAL A 45 -1.68 -3.84 0.79
CA VAL A 45 -3.03 -3.43 0.41
C VAL A 45 -3.12 -3.20 -1.10
N THR A 46 -3.98 -3.98 -1.76
CA THR A 46 -4.16 -3.85 -3.20
C THR A 46 -5.38 -3.01 -3.53
N LEU A 47 -5.15 -1.79 -4.00
CA LEU A 47 -6.22 -0.88 -4.35
C LEU A 47 -6.83 -1.25 -5.70
N LEU A 48 -7.90 -0.56 -6.08
CA LEU A 48 -8.58 -0.81 -7.34
C LEU A 48 -7.74 -0.32 -8.52
N ASN A 49 -7.43 0.97 -8.52
CA ASN A 49 -6.64 1.56 -9.59
C ASN A 49 -5.34 2.15 -9.03
N GLY A 50 -4.43 2.51 -9.93
CA GLY A 50 -3.17 3.09 -9.51
C GLY A 50 -3.30 4.53 -9.06
N GLU A 51 -3.94 5.35 -9.90
CA GLU A 51 -4.14 6.76 -9.57
C GLU A 51 -4.59 6.93 -8.13
N GLN A 52 -5.38 5.99 -7.64
CA GLN A 52 -5.87 6.04 -6.27
C GLN A 52 -4.73 5.97 -5.27
N ALA A 53 -3.80 5.06 -5.51
CA ALA A 53 -2.64 4.89 -4.63
C ALA A 53 -1.68 6.06 -4.76
N GLN A 54 -1.34 6.41 -5.99
CA GLN A 54 -0.42 7.53 -6.24
C GLN A 54 -0.65 8.65 -5.24
N ASN A 55 -1.90 8.89 -4.89
CA ASN A 55 -2.25 9.94 -3.94
C ASN A 55 -2.23 9.41 -2.51
N ALA A 56 -3.09 8.43 -2.23
CA ALA A 56 -3.17 7.83 -0.91
C ALA A 56 -1.79 7.69 -0.29
N ILE A 57 -0.84 7.20 -1.08
CA ILE A 57 0.53 7.01 -0.61
C ILE A 57 1.00 8.21 0.19
N GLN A 58 1.00 9.38 -0.45
CA GLN A 58 1.42 10.61 0.21
C GLN A 58 0.43 11.04 1.28
N MET A 59 -0.80 11.30 0.85
CA MET A 59 -1.86 11.71 1.77
C MET A 59 -1.74 10.97 3.10
N PHE A 60 -1.39 9.70 3.03
CA PHE A 60 -1.25 8.88 4.23
C PHE A 60 0.19 8.94 4.76
N HIS A 61 1.15 8.92 3.85
CA HIS A 61 2.56 8.97 4.22
C HIS A 61 2.78 9.90 5.41
N GLN A 62 3.38 9.37 6.47
CA GLN A 62 3.64 10.16 7.66
C GLN A 62 2.34 10.55 8.35
N TYR A 63 1.41 9.61 8.42
CA TYR A 63 0.12 9.86 9.05
C TYR A 63 0.16 9.51 10.54
N SER A 64 -0.82 10.03 11.28
CA SER A 64 -0.89 9.77 12.72
C SER A 64 -1.56 8.44 13.01
N PHE A 65 -0.75 7.44 13.34
CA PHE A 65 -1.26 6.11 13.64
C PHE A 65 -0.48 5.48 14.79
N ARG A 66 -1.11 5.37 15.95
CA ARG A 66 -0.48 4.78 17.12
C ARG A 66 0.83 5.48 17.44
N GLY A 67 0.83 6.80 17.35
CA GLY A 67 2.03 7.57 17.63
C GLY A 67 3.21 7.14 16.77
N LYS A 68 2.91 6.61 15.59
CA LYS A 68 3.95 6.15 14.68
C LYS A 68 3.89 6.91 13.35
N ASP A 69 4.86 6.66 12.49
CA ASP A 69 4.91 7.32 11.19
C ASP A 69 4.74 6.32 10.05
N LEU A 70 3.49 5.90 9.83
CA LEU A 70 3.19 4.94 8.78
C LEU A 70 3.88 5.32 7.48
N ILE A 71 4.65 4.39 6.93
CA ILE A 71 5.37 4.63 5.68
C ILE A 71 4.68 3.94 4.51
N VAL A 72 4.01 4.72 3.67
CA VAL A 72 3.31 4.18 2.51
C VAL A 72 4.16 4.31 1.25
N GLN A 73 4.30 3.20 0.53
CA GLN A 73 5.10 3.20 -0.70
C GLN A 73 4.39 2.41 -1.79
N LEU A 74 4.96 2.42 -2.99
CA LEU A 74 4.38 1.70 -4.12
C LEU A 74 4.75 0.22 -4.08
N GLN A 75 4.06 -0.58 -4.89
CA GLN A 75 4.31 -2.01 -4.95
C GLN A 75 5.55 -2.32 -5.77
N PRO A 76 6.31 -3.33 -5.35
CA PRO A 76 7.54 -3.75 -6.03
C PRO A 76 7.25 -4.41 -7.38
N THR A 77 7.14 -3.59 -8.41
CA THR A 77 6.87 -4.08 -9.76
C THR A 77 7.97 -3.69 -10.73
N ASP A 78 8.90 -4.60 -10.97
CA ASP A 78 10.01 -4.35 -11.88
C ASP A 78 9.54 -4.39 -13.33
N ALA A 79 10.22 -3.62 -14.19
CA ALA A 79 9.88 -3.57 -15.61
C ALA A 79 10.98 -2.89 -16.41
N LEU A 80 11.31 -3.48 -17.56
CA LEU A 80 12.34 -2.92 -18.43
C LEU A 80 11.85 -1.65 -19.11
N LEU A 81 10.54 -1.55 -19.29
CA LEU A 81 9.95 -0.38 -19.94
C LEU A 81 9.02 0.35 -18.98
N CYS A 82 9.18 1.67 -18.89
CA CYS A 82 8.36 2.48 -18.02
C CYS A 82 7.53 3.49 -18.82
N SER A 83 6.29 3.69 -18.41
CA SER A 83 5.40 4.63 -19.10
C SER A 83 4.45 5.30 -18.10
N GLY A 84 3.85 6.41 -18.52
CA GLY A 84 2.93 7.14 -17.67
C GLY A 84 1.48 6.89 -18.04
N PRO A 85 0.57 7.39 -17.20
CA PRO A 85 -0.88 7.23 -17.42
C PRO A 85 -1.37 8.05 -18.62
N SER A 86 -1.90 7.35 -19.62
CA SER A 86 -2.40 8.00 -20.82
C SER A 86 -3.74 8.69 -20.54
N SER A 87 -3.85 9.95 -20.95
CA SER A 87 -5.08 10.72 -20.75
C SER A 87 -5.21 11.83 -21.79
N GLY A 88 -6.44 12.15 -22.14
CA GLY A 88 -6.68 13.19 -23.12
C GLY A 88 -5.82 13.03 -24.37
N GLY A 1 1.61 5.53 -22.44
CA GLY A 1 0.76 5.75 -21.29
C GLY A 1 1.11 4.84 -20.13
N SER A 2 0.65 5.20 -18.93
CA SER A 2 0.92 4.41 -17.74
C SER A 2 -0.37 4.05 -17.02
N SER A 3 -0.61 2.74 -16.88
CA SER A 3 -1.82 2.26 -16.21
C SER A 3 -1.46 1.23 -15.14
N GLY A 4 -2.48 0.81 -14.39
CA GLY A 4 -2.26 -0.17 -13.34
C GLY A 4 -1.39 0.36 -12.22
N SER A 5 -0.27 -0.30 -11.98
CA SER A 5 0.66 0.11 -10.92
C SER A 5 -0.10 0.42 -9.63
N SER A 6 -1.13 -0.37 -9.36
CA SER A 6 -1.94 -0.17 -8.16
C SER A 6 -1.37 -0.96 -6.98
N GLY A 7 -1.84 -0.64 -5.77
CA GLY A 7 -1.37 -1.34 -4.59
C GLY A 7 -0.32 -0.54 -3.84
N ILE A 8 -0.29 -0.70 -2.52
CA ILE A 8 0.67 0.00 -1.68
C ILE A 8 1.16 -0.88 -0.54
N LEU A 9 2.29 -0.51 0.04
CA LEU A 9 2.87 -1.27 1.15
C LEU A 9 2.72 -0.50 2.46
N VAL A 10 2.27 -1.20 3.49
CA VAL A 10 2.08 -0.60 4.82
C VAL A 10 3.25 -0.92 5.73
N LYS A 11 4.25 -0.03 5.75
CA LYS A 11 5.42 -0.21 6.59
C LYS A 11 5.35 0.68 7.83
N ASN A 12 6.14 0.33 8.84
CA ASN A 12 6.16 1.10 10.09
C ASN A 12 4.88 0.89 10.88
N LEU A 13 4.49 -0.37 11.04
CA LEU A 13 3.28 -0.71 11.79
C LEU A 13 3.59 -0.89 13.27
N PRO A 14 2.57 -0.73 14.11
CA PRO A 14 2.70 -0.87 15.57
C PRO A 14 2.93 -2.31 15.98
N GLN A 15 2.80 -2.57 17.28
CA GLN A 15 3.00 -3.92 17.82
C GLN A 15 1.72 -4.74 17.71
N ASP A 16 0.58 -4.05 17.75
CA ASP A 16 -0.71 -4.71 17.66
C ASP A 16 -1.44 -4.32 16.38
N SER A 17 -0.69 -4.18 15.29
CA SER A 17 -1.26 -3.80 14.01
C SER A 17 -2.11 -4.93 13.44
N ASN A 18 -3.08 -4.56 12.61
CA ASN A 18 -3.97 -5.54 12.00
C ASN A 18 -4.68 -4.95 10.78
N CYS A 19 -5.33 -5.81 10.00
CA CYS A 19 -6.05 -5.38 8.81
C CYS A 19 -7.20 -4.45 9.18
N GLN A 20 -8.14 -4.98 9.96
CA GLN A 20 -9.30 -4.21 10.39
C GLN A 20 -8.93 -2.74 10.61
N GLU A 21 -7.77 -2.52 11.22
CA GLU A 21 -7.30 -1.17 11.50
C GLU A 21 -7.07 -0.40 10.19
N VAL A 22 -6.32 -1.00 9.28
CA VAL A 22 -6.03 -0.37 8.00
C VAL A 22 -7.28 -0.28 7.13
N HIS A 23 -7.92 -1.42 6.91
CA HIS A 23 -9.14 -1.47 6.09
C HIS A 23 -9.98 -0.22 6.32
N ASP A 24 -10.42 -0.01 7.56
CA ASP A 24 -11.23 1.15 7.89
C ASP A 24 -10.52 2.44 7.51
N LEU A 25 -9.23 2.50 7.78
CA LEU A 25 -8.43 3.69 7.48
C LEU A 25 -8.51 4.02 5.98
N LEU A 26 -8.22 3.01 5.16
CA LEU A 26 -8.25 3.20 3.70
C LEU A 26 -9.66 2.97 3.17
N LYS A 27 -10.66 3.20 4.01
CA LYS A 27 -12.06 3.01 3.62
C LYS A 27 -12.34 3.74 2.30
N ASP A 28 -11.95 5.00 2.23
CA ASP A 28 -12.17 5.80 1.02
C ASP A 28 -11.88 4.99 -0.23
N TYR A 29 -10.75 4.28 -0.23
CA TYR A 29 -10.36 3.46 -1.37
C TYR A 29 -10.88 2.04 -1.22
N ASP A 30 -11.22 1.41 -2.33
CA ASP A 30 -11.72 0.04 -2.33
C ASP A 30 -10.59 -0.96 -2.11
N LEU A 31 -10.75 -1.82 -1.11
CA LEU A 31 -9.73 -2.82 -0.81
C LEU A 31 -10.06 -4.15 -1.48
N LYS A 32 -9.07 -4.71 -2.17
CA LYS A 32 -9.25 -5.99 -2.86
C LYS A 32 -8.66 -7.14 -2.05
N TYR A 33 -7.52 -6.88 -1.41
CA TYR A 33 -6.85 -7.90 -0.60
C TYR A 33 -5.87 -7.25 0.37
N CYS A 34 -5.87 -7.73 1.61
CA CYS A 34 -4.97 -7.20 2.64
C CYS A 34 -4.25 -8.34 3.36
N TYR A 35 -2.93 -8.23 3.45
CA TYR A 35 -2.12 -9.25 4.11
C TYR A 35 -1.21 -8.61 5.16
N VAL A 36 -1.59 -8.72 6.42
CA VAL A 36 -0.81 -8.16 7.51
C VAL A 36 0.25 -9.14 7.99
N ASP A 37 1.50 -8.73 7.93
CA ASP A 37 2.61 -9.58 8.36
C ASP A 37 3.35 -8.95 9.53
N ARG A 38 2.90 -9.26 10.74
CA ARG A 38 3.52 -8.73 11.95
C ARG A 38 5.02 -9.03 11.97
N ASN A 39 5.37 -10.26 11.60
CA ASN A 39 6.77 -10.67 11.58
C ASN A 39 7.66 -9.58 10.97
N LYS A 40 7.20 -9.02 9.86
CA LYS A 40 7.95 -7.96 9.18
C LYS A 40 7.21 -6.63 9.27
N ARG A 41 6.24 -6.56 10.18
CA ARG A 41 5.46 -5.34 10.37
C ARG A 41 5.12 -4.70 9.02
N THR A 42 4.65 -5.51 8.09
CA THR A 42 4.30 -5.01 6.76
C THR A 42 2.93 -5.53 6.32
N ALA A 43 2.12 -4.65 5.76
CA ALA A 43 0.78 -5.02 5.30
C ALA A 43 0.62 -4.74 3.81
N PHE A 44 0.48 -5.81 3.02
CA PHE A 44 0.32 -5.67 1.58
C PHE A 44 -1.13 -5.36 1.22
N VAL A 45 -1.38 -4.10 0.82
CA VAL A 45 -2.72 -3.67 0.46
C VAL A 45 -2.83 -3.48 -1.05
N THR A 46 -3.90 -4.04 -1.63
CA THR A 46 -4.13 -3.93 -3.06
C THR A 46 -5.35 -3.07 -3.35
N LEU A 47 -5.11 -1.83 -3.79
CA LEU A 47 -6.19 -0.91 -4.11
C LEU A 47 -6.85 -1.28 -5.43
N LEU A 48 -7.86 -0.51 -5.81
CA LEU A 48 -8.57 -0.76 -7.06
C LEU A 48 -7.72 -0.38 -8.27
N ASN A 49 -7.31 0.87 -8.32
CA ASN A 49 -6.48 1.36 -9.42
C ASN A 49 -5.22 2.05 -8.89
N GLY A 50 -4.36 2.48 -9.80
CA GLY A 50 -3.13 3.15 -9.41
C GLY A 50 -3.36 4.57 -8.95
N GLU A 51 -4.01 5.37 -9.80
CA GLU A 51 -4.29 6.76 -9.49
C GLU A 51 -4.64 6.92 -8.01
N GLN A 52 -5.47 6.02 -7.50
CA GLN A 52 -5.87 6.06 -6.09
C GLN A 52 -4.65 5.98 -5.17
N ALA A 53 -3.77 5.03 -5.45
CA ALA A 53 -2.58 4.84 -4.64
C ALA A 53 -1.63 6.03 -4.81
N GLN A 54 -1.30 6.35 -6.05
CA GLN A 54 -0.39 7.46 -6.34
C GLN A 54 -0.59 8.59 -5.33
N ASN A 55 -1.84 8.80 -4.92
CA ASN A 55 -2.16 9.86 -3.97
C ASN A 55 -2.20 9.30 -2.54
N ALA A 56 -3.10 8.35 -2.31
CA ALA A 56 -3.24 7.73 -1.01
C ALA A 56 -1.88 7.53 -0.34
N ILE A 57 -0.86 7.30 -1.15
CA ILE A 57 0.50 7.11 -0.64
C ILE A 57 1.05 8.39 -0.03
N GLN A 58 1.12 9.44 -0.85
CA GLN A 58 1.63 10.73 -0.40
C GLN A 58 0.75 11.32 0.71
N MET A 59 -0.56 11.08 0.59
CA MET A 59 -1.51 11.58 1.57
C MET A 59 -1.33 10.87 2.91
N PHE A 60 -1.40 9.54 2.89
CA PHE A 60 -1.25 8.74 4.10
C PHE A 60 0.16 8.88 4.67
N HIS A 61 1.16 8.74 3.80
CA HIS A 61 2.55 8.84 4.22
C HIS A 61 2.70 9.83 5.37
N GLN A 62 3.35 9.39 6.44
CA GLN A 62 3.55 10.23 7.62
C GLN A 62 2.23 10.51 8.32
N TYR A 63 1.37 9.50 8.41
CA TYR A 63 0.08 9.64 9.05
C TYR A 63 0.19 9.38 10.55
N SER A 64 -0.80 9.86 11.30
CA SER A 64 -0.82 9.68 12.74
C SER A 64 -1.57 8.42 13.13
N PHE A 65 -0.83 7.37 13.48
CA PHE A 65 -1.43 6.10 13.87
C PHE A 65 -0.61 5.43 14.97
N ARG A 66 -1.18 5.36 16.17
CA ARG A 66 -0.50 4.75 17.30
C ARG A 66 0.83 5.43 17.58
N GLY A 67 0.82 6.76 17.57
CA GLY A 67 2.04 7.52 17.82
C GLY A 67 3.18 7.10 16.91
N LYS A 68 2.83 6.62 15.72
CA LYS A 68 3.83 6.19 14.75
C LYS A 68 3.59 6.83 13.40
N ASP A 69 4.65 6.94 12.59
CA ASP A 69 4.55 7.54 11.27
C ASP A 69 4.43 6.46 10.20
N LEU A 70 3.24 5.91 10.06
CA LEU A 70 2.99 4.86 9.07
C LEU A 70 3.61 5.23 7.72
N ILE A 71 4.42 4.32 7.19
CA ILE A 71 5.07 4.57 5.91
C ILE A 71 4.33 3.84 4.77
N VAL A 72 3.81 4.62 3.83
CA VAL A 72 3.08 4.05 2.70
C VAL A 72 3.91 4.15 1.41
N GLN A 73 4.04 3.02 0.73
CA GLN A 73 4.81 2.98 -0.52
C GLN A 73 4.01 2.28 -1.61
N LEU A 74 4.55 2.30 -2.83
CA LEU A 74 3.89 1.66 -3.98
C LEU A 74 4.59 0.37 -4.34
N GLN A 75 3.81 -0.70 -4.46
CA GLN A 75 4.36 -2.01 -4.82
C GLN A 75 5.13 -1.94 -6.12
N PRO A 76 6.26 -2.66 -6.17
CA PRO A 76 7.12 -2.69 -7.36
C PRO A 76 6.48 -3.43 -8.53
N THR A 77 5.71 -2.71 -9.33
CA THR A 77 5.03 -3.31 -10.47
C THR A 77 5.51 -2.67 -11.78
N ASP A 78 6.41 -3.36 -12.47
CA ASP A 78 6.94 -2.86 -13.74
C ASP A 78 5.88 -2.91 -14.83
N ALA A 79 5.27 -4.07 -15.00
CA ALA A 79 4.23 -4.24 -16.01
C ALA A 79 3.19 -5.26 -15.56
N LEU A 80 1.91 -4.89 -15.67
CA LEU A 80 0.82 -5.77 -15.28
C LEU A 80 0.31 -6.56 -16.47
N LEU A 81 1.19 -6.82 -17.43
CA LEU A 81 0.83 -7.57 -18.62
C LEU A 81 1.93 -8.54 -19.01
N CYS A 82 1.67 -9.35 -20.04
CA CYS A 82 2.65 -10.32 -20.52
C CYS A 82 3.83 -9.62 -21.18
N SER A 83 5.05 -10.03 -20.82
CA SER A 83 6.26 -9.44 -21.38
C SER A 83 7.47 -10.31 -21.08
N GLY A 84 8.36 -10.44 -22.06
CA GLY A 84 9.55 -11.24 -21.88
C GLY A 84 10.16 -11.68 -23.20
N PRO A 85 11.50 -11.77 -23.23
CA PRO A 85 12.23 -12.17 -24.43
C PRO A 85 12.03 -13.64 -24.78
N SER A 86 11.34 -13.91 -25.88
CA SER A 86 11.08 -15.27 -26.32
C SER A 86 11.43 -15.45 -27.79
N SER A 87 12.05 -16.59 -28.10
CA SER A 87 12.45 -16.89 -29.48
C SER A 87 11.72 -18.13 -30.00
N GLY A 88 10.49 -17.93 -30.45
CA GLY A 88 9.71 -19.05 -30.97
C GLY A 88 8.49 -18.59 -31.74
N GLY A 1 0.75 3.66 -23.92
CA GLY A 1 0.29 2.80 -22.84
C GLY A 1 0.68 3.35 -21.48
N SER A 2 -0.17 4.21 -20.92
CA SER A 2 0.10 4.81 -19.61
C SER A 2 -0.07 3.77 -18.50
N SER A 3 1.04 3.19 -18.07
CA SER A 3 1.02 2.18 -17.02
C SER A 3 0.36 2.73 -15.76
N GLY A 4 -0.09 1.82 -14.90
CA GLY A 4 -0.74 2.23 -13.66
C GLY A 4 -0.76 1.13 -12.63
N SER A 5 0.40 0.84 -12.03
CA SER A 5 0.51 -0.20 -11.03
C SER A 5 -0.21 0.21 -9.73
N SER A 6 -1.26 -0.51 -9.40
CA SER A 6 -2.04 -0.22 -8.19
C SER A 6 -1.50 -1.01 -7.00
N GLY A 7 -1.86 -0.57 -5.80
CA GLY A 7 -1.41 -1.25 -4.60
C GLY A 7 -0.43 -0.42 -3.79
N ILE A 8 -0.45 -0.60 -2.47
CA ILE A 8 0.43 0.15 -1.58
C ILE A 8 0.99 -0.74 -0.49
N LEU A 9 2.15 -0.38 0.04
CA LEU A 9 2.79 -1.15 1.10
C LEU A 9 2.71 -0.41 2.43
N VAL A 10 2.28 -1.13 3.47
CA VAL A 10 2.15 -0.55 4.80
C VAL A 10 3.35 -0.90 5.67
N LYS A 11 4.31 0.01 5.75
CA LYS A 11 5.50 -0.21 6.56
C LYS A 11 5.49 0.68 7.81
N ASN A 12 6.23 0.26 8.83
CA ASN A 12 6.30 1.01 10.08
C ASN A 12 5.01 0.85 10.88
N LEU A 13 4.56 -0.38 11.04
CA LEU A 13 3.34 -0.67 11.78
C LEU A 13 3.64 -0.87 13.26
N PRO A 14 2.63 -0.66 14.11
CA PRO A 14 2.76 -0.80 15.56
C PRO A 14 2.92 -2.27 15.98
N GLN A 15 2.73 -2.53 17.27
CA GLN A 15 2.87 -3.89 17.79
C GLN A 15 1.53 -4.62 17.74
N ASP A 16 0.45 -3.88 17.87
CA ASP A 16 -0.89 -4.47 17.83
C ASP A 16 -1.61 -4.08 16.54
N SER A 17 -0.86 -3.99 15.46
CA SER A 17 -1.43 -3.63 14.16
C SER A 17 -2.28 -4.77 13.60
N ASN A 18 -3.28 -4.42 12.80
CA ASN A 18 -4.17 -5.41 12.21
C ASN A 18 -4.85 -4.86 10.96
N CYS A 19 -5.27 -5.75 10.07
CA CYS A 19 -5.94 -5.35 8.85
C CYS A 19 -7.26 -4.63 9.14
N GLN A 20 -8.15 -5.33 9.83
CA GLN A 20 -9.45 -4.76 10.19
C GLN A 20 -9.32 -3.26 10.47
N GLU A 21 -8.22 -2.87 11.09
CA GLU A 21 -7.99 -1.47 11.41
C GLU A 21 -7.66 -0.67 10.16
N VAL A 22 -6.74 -1.18 9.36
CA VAL A 22 -6.34 -0.51 8.12
C VAL A 22 -7.51 -0.40 7.15
N HIS A 23 -8.30 -1.47 7.06
CA HIS A 23 -9.45 -1.50 6.17
C HIS A 23 -10.29 -0.22 6.32
N ASP A 24 -10.85 -0.03 7.51
CA ASP A 24 -11.67 1.15 7.78
C ASP A 24 -10.92 2.43 7.42
N LEU A 25 -9.64 2.47 7.74
CA LEU A 25 -8.81 3.63 7.44
C LEU A 25 -8.84 3.96 5.96
N LEU A 26 -8.52 2.97 5.14
CA LEU A 26 -8.51 3.14 3.68
C LEU A 26 -9.89 2.86 3.10
N LYS A 27 -10.93 3.30 3.80
CA LYS A 27 -12.30 3.11 3.35
C LYS A 27 -12.53 3.81 2.01
N ASP A 28 -12.07 5.05 1.91
CA ASP A 28 -12.23 5.83 0.69
C ASP A 28 -11.87 5.00 -0.53
N TYR A 29 -10.74 4.30 -0.47
CA TYR A 29 -10.28 3.47 -1.56
C TYR A 29 -10.80 2.04 -1.43
N ASP A 30 -11.13 1.43 -2.56
CA ASP A 30 -11.65 0.06 -2.57
C ASP A 30 -10.52 -0.94 -2.34
N LEU A 31 -10.64 -1.73 -1.29
CA LEU A 31 -9.63 -2.74 -0.96
C LEU A 31 -10.01 -4.10 -1.54
N LYS A 32 -9.06 -4.70 -2.25
CA LYS A 32 -9.29 -6.00 -2.88
C LYS A 32 -8.75 -7.13 -1.99
N TYR A 33 -7.54 -6.92 -1.46
CA TYR A 33 -6.91 -7.91 -0.59
C TYR A 33 -5.98 -7.25 0.40
N CYS A 34 -5.90 -7.81 1.60
CA CYS A 34 -5.04 -7.28 2.66
C CYS A 34 -4.35 -8.41 3.42
N TYR A 35 -3.04 -8.27 3.59
CA TYR A 35 -2.25 -9.28 4.30
C TYR A 35 -1.24 -8.62 5.22
N VAL A 36 -1.45 -8.75 6.53
CA VAL A 36 -0.55 -8.17 7.52
C VAL A 36 0.53 -9.17 7.93
N ASP A 37 1.73 -8.66 8.19
CA ASP A 37 2.85 -9.51 8.59
C ASP A 37 3.29 -9.18 10.01
N ARG A 38 3.80 -10.18 10.72
CA ARG A 38 4.26 -9.99 12.09
C ARG A 38 5.78 -9.95 12.15
N ASN A 39 6.42 -10.57 11.16
CA ASN A 39 7.87 -10.62 11.11
C ASN A 39 8.44 -9.26 10.68
N LYS A 40 7.83 -8.67 9.67
CA LYS A 40 8.27 -7.37 9.16
C LYS A 40 7.23 -6.30 9.44
N ARG A 41 6.27 -6.62 10.32
CA ARG A 41 5.22 -5.68 10.66
C ARG A 41 4.80 -4.85 9.45
N THR A 42 4.49 -5.54 8.35
CA THR A 42 4.07 -4.87 7.12
C THR A 42 2.78 -5.47 6.58
N ALA A 43 1.92 -4.61 6.03
CA ALA A 43 0.65 -5.06 5.48
C ALA A 43 0.52 -4.66 4.01
N PHE A 44 0.21 -5.64 3.16
CA PHE A 44 0.07 -5.39 1.74
C PHE A 44 -1.39 -5.16 1.37
N VAL A 45 -1.65 -4.02 0.74
CA VAL A 45 -3.01 -3.66 0.34
C VAL A 45 -3.12 -3.49 -1.17
N THR A 46 -4.16 -4.06 -1.76
CA THR A 46 -4.37 -3.98 -3.19
C THR A 46 -5.54 -3.07 -3.53
N LEU A 47 -5.24 -1.88 -4.04
CA LEU A 47 -6.28 -0.91 -4.39
C LEU A 47 -6.93 -1.29 -5.72
N LEU A 48 -7.91 -0.48 -6.14
CA LEU A 48 -8.61 -0.72 -7.39
C LEU A 48 -7.83 -0.17 -8.57
N ASN A 49 -7.63 1.14 -8.59
CA ASN A 49 -6.88 1.79 -9.66
C ASN A 49 -5.55 2.33 -9.15
N GLY A 50 -4.58 2.44 -10.07
CA GLY A 50 -3.27 2.94 -9.69
C GLY A 50 -3.31 4.40 -9.26
N GLU A 51 -3.98 5.22 -10.05
CA GLU A 51 -4.09 6.65 -9.74
C GLU A 51 -4.46 6.87 -8.28
N GLN A 52 -5.28 5.96 -7.75
CA GLN A 52 -5.71 6.06 -6.36
C GLN A 52 -4.53 5.94 -5.41
N ALA A 53 -3.66 4.98 -5.68
CA ALA A 53 -2.47 4.75 -4.85
C ALA A 53 -1.51 5.93 -4.94
N GLN A 54 -1.18 6.33 -6.15
CA GLN A 54 -0.27 7.45 -6.38
C GLN A 54 -0.45 8.52 -5.32
N ASN A 55 -1.71 8.80 -4.97
CA ASN A 55 -2.03 9.80 -3.97
C ASN A 55 -2.04 9.19 -2.57
N ALA A 56 -2.86 8.16 -2.39
CA ALA A 56 -2.96 7.48 -1.10
C ALA A 56 -1.59 7.30 -0.47
N ILE A 57 -0.57 7.21 -1.30
CA ILE A 57 0.80 7.02 -0.83
C ILE A 57 1.22 8.16 0.09
N GLN A 58 1.29 9.36 -0.44
CA GLN A 58 1.67 10.54 0.34
C GLN A 58 0.56 10.93 1.30
N MET A 59 -0.68 10.90 0.83
CA MET A 59 -1.82 11.26 1.65
C MET A 59 -1.75 10.56 3.00
N PHE A 60 -1.22 9.35 3.02
CA PHE A 60 -1.09 8.58 4.25
C PHE A 60 0.34 8.67 4.80
N HIS A 61 1.32 8.59 3.91
CA HIS A 61 2.72 8.64 4.30
C HIS A 61 2.91 9.60 5.47
N GLN A 62 3.54 9.10 6.53
CA GLN A 62 3.78 9.91 7.72
C GLN A 62 2.47 10.32 8.38
N TYR A 63 1.58 9.35 8.58
CA TYR A 63 0.29 9.62 9.19
C TYR A 63 0.35 9.43 10.71
N SER A 64 -0.60 10.01 11.41
CA SER A 64 -0.66 9.92 12.86
C SER A 64 -1.37 8.63 13.30
N PHE A 65 -0.59 7.62 13.65
CA PHE A 65 -1.16 6.35 14.08
C PHE A 65 -0.28 5.71 15.16
N ARG A 66 -0.83 5.59 16.37
CA ARG A 66 -0.09 4.99 17.48
C ARG A 66 1.23 5.71 17.71
N GLY A 67 1.20 7.04 17.62
CA GLY A 67 2.40 7.84 17.82
C GLY A 67 3.51 7.45 16.85
N LYS A 68 3.16 6.70 15.82
CA LYS A 68 4.13 6.27 14.82
C LYS A 68 3.89 6.99 13.49
N ASP A 69 4.84 6.83 12.57
CA ASP A 69 4.74 7.46 11.26
C ASP A 69 4.57 6.41 10.16
N LEU A 70 3.35 5.88 10.04
CA LEU A 70 3.06 4.87 9.03
C LEU A 70 3.65 5.27 7.68
N ILE A 71 4.56 4.44 7.17
CA ILE A 71 5.19 4.69 5.89
C ILE A 71 4.46 3.98 4.75
N VAL A 72 3.69 4.74 3.98
CA VAL A 72 2.95 4.18 2.86
C VAL A 72 3.70 4.36 1.55
N GLN A 73 3.88 3.26 0.82
CA GLN A 73 4.58 3.31 -0.46
C GLN A 73 3.80 2.55 -1.52
N LEU A 74 4.30 2.60 -2.76
CA LEU A 74 3.65 1.92 -3.87
C LEU A 74 4.37 0.62 -4.21
N GLN A 75 3.58 -0.44 -4.43
CA GLN A 75 4.14 -1.74 -4.76
C GLN A 75 5.06 -1.65 -5.98
N PRO A 76 6.15 -2.45 -5.96
CA PRO A 76 7.12 -2.47 -7.05
C PRO A 76 6.56 -3.11 -8.32
N THR A 77 7.30 -2.99 -9.42
CA THR A 77 6.88 -3.55 -10.69
C THR A 77 8.03 -4.24 -11.41
N ASP A 78 7.81 -5.47 -11.83
CA ASP A 78 8.84 -6.23 -12.53
C ASP A 78 8.60 -6.21 -14.04
N ALA A 79 8.32 -5.02 -14.57
CA ALA A 79 8.08 -4.86 -15.99
C ALA A 79 9.25 -4.16 -16.67
N LEU A 80 10.21 -4.94 -17.14
CA LEU A 80 11.39 -4.39 -17.80
C LEU A 80 12.23 -5.50 -18.42
N LEU A 81 12.97 -5.16 -19.48
CA LEU A 81 13.81 -6.13 -20.16
C LEU A 81 15.25 -6.03 -19.68
N CYS A 82 16.08 -6.97 -20.11
CA CYS A 82 17.49 -7.00 -19.72
C CYS A 82 18.28 -7.95 -20.61
N SER A 83 19.45 -7.49 -21.05
CA SER A 83 20.31 -8.31 -21.91
C SER A 83 21.24 -9.19 -21.07
N GLY A 84 21.32 -8.89 -19.78
CA GLY A 84 22.16 -9.67 -18.89
C GLY A 84 23.64 -9.57 -19.26
N PRO A 85 24.30 -8.52 -18.77
CA PRO A 85 25.73 -8.29 -19.05
C PRO A 85 26.62 -9.32 -18.35
N SER A 86 26.05 -10.04 -17.39
CA SER A 86 26.81 -11.04 -16.65
C SER A 86 27.69 -11.86 -17.59
N SER A 87 28.83 -12.30 -17.07
CA SER A 87 29.78 -13.09 -17.86
C SER A 87 29.75 -14.55 -17.43
N GLY A 88 30.34 -15.41 -18.26
CA GLY A 88 30.37 -16.83 -17.95
C GLY A 88 29.04 -17.34 -17.43
#